data_9EVZ
#
_entry.id   9EVZ
#
_cell.length_a   1.00
_cell.length_b   1.00
_cell.length_c   1.00
_cell.angle_alpha   90.00
_cell.angle_beta   90.00
_cell.angle_gamma   90.00
#
_symmetry.space_group_name_H-M   'P 1'
#
loop_
_entity.id
_entity.type
_entity.pdbx_description
1 polymer 'Envelope glycoprotein gp41'
2 polymer 'Envelope glycoprotein gp120'
3 polymer 'ELC07 heavy chain'
4 polymer 'ELC07 light chain'
5 branched beta-D-mannopyranose-(1-4)-2-acetamido-2-deoxy-beta-D-glucopyranose-(1-4)-2-acetamido-2-deoxy-beta-D-glucopyranose
6 branched 2-acetamido-2-deoxy-beta-D-glucopyranose-(1-4)-2-acetamido-2-deoxy-beta-D-glucopyranose
7 branched alpha-D-mannopyranose-(1-2)-alpha-D-mannopyranose-(1-3)-beta-D-mannopyranose-(1-4)-2-acetamido-2-deoxy-beta-D-glucopyranose-(1-4)-2-acetamido-2-deoxy-beta-D-glucopyranose
8 branched alpha-D-mannopyranose-(1-3)-beta-D-mannopyranose-(1-4)-2-acetamido-2-deoxy-beta-D-glucopyranose-(1-4)-2-acetamido-2-deoxy-beta-D-glucopyranose
9 non-polymer 2-acetamido-2-deoxy-beta-D-glucopyranose
#
loop_
_entity_poly.entity_id
_entity_poly.type
_entity_poly.pdbx_seq_one_letter_code
_entity_poly.pdbx_strand_id
1 'polypeptide(L)'
;AVGIGAVFLGFLGAAGSTMGAASMTLTVQARNLLSGIVQQQSNLLRAPEAQQHLLKLTVWGIKQLQARVLAVERYLRDQQ
LLGIWGCSGKLICCTNVPWNSSWSNRNLSEIWDNMTWLQWDKEISNYTQIIYGLLEESQNQQEKNEQDLLALDGSGLNDI
FEAQKIEWHE
;
A,B,F
2 'polypeptide(L)'
;MDAMKRGLCCVLLLCGAVFVSPSQEIHARFRRGARAENLWVTVYYGVPVWKDAETTLFCASDAKAYETEKHNVWATHACV
PTDPNPQEIHLENVTEEFNMWKNNMVEQMHTDIISLWDQSLKPCVKLTPLCVTLQCTNVTNNITDDMRGELKNCSFNMTT
ELRDKKQKVYSLFYRLDVVQINENQGNRSNNSNKEYRLINCNTSAITQACPKVSFEPIPIHYCAPAGFAILKCKDKKFNG
TGPCPSVSTVQCTHGIKPVVSTQLLLNGSLAEEEVMIRSENITNNAKNILVQFNTPVQINCTRPNNNTRKSIRIGPGQAF
YATGDIIGDIRQAHCNVSKATWNETLGKVVKQLRKHFGNNTIIRFANSSGGDLEVTTHSFNCGGEFFYCNTSGLFNSTWI
SNTSVQGSNSTGSNDSITLPCRIKQIINMWQRIGQAMYAPPIQGVIRCVSNITGLILTRDGGSTNSTTETFRPGGGDMRD
NWRSELYKYKVVKIEPLGVAPTRCKRRVVGRRRRRR
;
C,G,I
3 'polypeptide(L)'
;METDTLLLWVLLLWVPGSTGEVQLVQSGAELKKAGSSVKLSCQAYGVAFSTYSFHWVRQAPGQGLEWLGGFIPLVGKPNY
TNKFRGRLTITADESARTTYMELRSLRSDDTAIYYCAGGGAYSSGGGRFHYFGMAVWGQGSTVTVSSASTKGPSVFPLAP
SSKSTSGGTAALGCLVKDYFPEPVTVSWNSGALTSGVHTFPAVLQSSGLYSLSSVVTVPSSSLGTQTYICNVNHKPSNTK
VDKRVEPKSCGSGENLYFQSAGHHHHHH
;
H
4 'polypeptide(L)'
;MTQTPASLLFLLLLWLPGAKCDIQLTQSPSTLSAPVGAGVTITCQASQSISNGLAWYQQKPGRAPKMLITEGSSLKSGVP
DRFRGSGSGTHFILTISDLQPDDSATYFCQQYNTFPWTFGRGTKVEIKRTVAAPSVFIFPPSDEQLKSGTASVVCLLNNF
YPREAKVQWKVDNALQSGNSQESVTEQDSKDSTYSLSSTLTLSKADYEKHKVYACEVTHQGLSSPVTKSFNRGEC
;
L
#
# COMPACT_ATOMS: atom_id res chain seq x y z
N GLY A 10 11.30 16.60 -26.29
CA GLY A 10 10.73 15.89 -25.16
C GLY A 10 9.30 15.44 -25.41
N PHE A 11 8.45 15.59 -24.40
CA PHE A 11 7.06 15.19 -24.52
C PHE A 11 6.33 16.10 -25.49
N LEU A 12 5.61 15.50 -26.45
CA LEU A 12 4.83 16.22 -27.45
C LEU A 12 5.69 17.17 -28.28
N GLY A 13 7.01 16.96 -28.29
CA GLY A 13 7.89 17.88 -29.00
C GLY A 13 7.72 17.82 -30.51
N ALA A 14 7.29 16.68 -31.04
CA ALA A 14 7.07 16.52 -32.47
C ALA A 14 5.63 16.81 -32.88
N ALA A 15 4.93 17.65 -32.12
CA ALA A 15 3.54 17.96 -32.42
C ALA A 15 3.38 18.75 -33.70
N GLY A 16 4.39 19.51 -34.11
CA GLY A 16 4.33 20.27 -35.34
C GLY A 16 5.05 19.61 -36.50
N SER A 17 5.71 18.49 -36.23
CA SER A 17 6.47 17.78 -37.25
C SER A 17 5.55 16.96 -38.14
N THR A 18 6.06 16.60 -39.32
CA THR A 18 5.26 15.85 -40.28
C THR A 18 4.96 14.45 -39.76
N MET A 19 3.99 13.79 -40.41
CA MET A 19 3.56 12.47 -39.97
C MET A 19 4.65 11.43 -40.07
N GLY A 20 5.65 11.64 -40.93
CA GLY A 20 6.74 10.70 -41.05
C GLY A 20 7.83 10.93 -40.02
N ALA A 21 8.13 12.20 -39.74
CA ALA A 21 9.14 12.53 -38.74
C ALA A 21 8.65 12.32 -37.32
N ALA A 22 7.34 12.34 -37.09
CA ALA A 22 6.78 12.11 -35.76
C ALA A 22 6.49 10.65 -35.49
N SER A 23 6.65 9.77 -36.48
CA SER A 23 6.46 8.35 -36.30
C SER A 23 7.66 7.66 -35.66
N MET A 24 8.76 8.39 -35.48
CA MET A 24 9.95 7.85 -34.83
C MET A 24 10.07 8.32 -33.39
N THR A 25 9.01 8.91 -32.83
CA THR A 25 9.01 9.39 -31.45
C THR A 25 7.84 8.81 -30.67
N LEU A 26 7.33 7.65 -31.10
CA LEU A 26 6.17 7.06 -30.46
C LEU A 26 6.45 6.69 -29.00
N THR A 27 7.65 6.17 -28.72
CA THR A 27 7.99 5.76 -27.36
C THR A 27 8.04 6.94 -26.39
N VAL A 28 8.26 8.16 -26.88
CA VAL A 28 8.29 9.31 -26.00
C VAL A 28 6.92 9.59 -25.41
N GLN A 29 5.88 9.55 -26.25
CA GLN A 29 4.52 9.72 -25.77
C GLN A 29 3.96 8.48 -25.12
N ALA A 30 4.50 7.30 -25.44
CA ALA A 30 3.97 6.06 -24.88
C ALA A 30 4.20 5.98 -23.37
N ARG A 31 5.38 6.36 -22.90
CA ARG A 31 5.69 6.21 -21.48
C ARG A 31 5.06 7.27 -20.60
N ASN A 32 4.66 8.41 -21.17
CA ASN A 32 4.02 9.47 -20.40
C ASN A 32 2.50 9.32 -20.40
N LEU A 33 2.03 8.13 -20.05
CA LEU A 33 0.59 7.87 -20.03
C LEU A 33 0.14 7.04 -18.83
N LEU A 34 1.05 6.61 -17.97
CA LEU A 34 0.69 5.76 -16.84
C LEU A 34 1.11 6.40 -15.53
N SER A 35 2.29 7.02 -15.52
CA SER A 35 2.76 7.71 -14.33
C SER A 35 3.34 9.08 -14.62
N GLY A 36 3.54 9.44 -15.88
CA GLY A 36 4.12 10.73 -16.23
C GLY A 36 3.09 11.82 -16.44
N LEU A 57 -10.34 12.11 2.36
CA LEU A 57 -9.89 12.41 3.71
C LEU A 57 -9.74 13.91 3.93
N THR A 58 -9.24 14.60 2.92
CA THR A 58 -9.13 16.06 2.90
C THR A 58 -9.54 16.58 1.52
N VAL A 59 -9.39 17.89 1.33
CA VAL A 59 -9.69 18.49 0.04
C VAL A 59 -8.73 17.97 -1.02
N TRP A 60 -7.43 17.99 -0.74
CA TRP A 60 -6.43 17.48 -1.67
C TRP A 60 -6.29 15.96 -1.61
N GLY A 61 -6.84 15.31 -0.59
CA GLY A 61 -6.66 13.89 -0.41
C GLY A 61 -7.37 13.02 -1.43
N ILE A 62 -8.64 13.31 -1.70
CA ILE A 62 -9.42 12.50 -2.65
C ILE A 62 -9.28 12.99 -4.09
N LYS A 63 -8.70 14.17 -4.30
CA LYS A 63 -8.45 14.65 -5.65
C LYS A 63 -7.27 13.97 -6.30
N GLN A 64 -6.53 13.14 -5.57
CA GLN A 64 -5.36 12.45 -6.10
C GLN A 64 -5.57 10.96 -6.35
N LEU A 65 -6.52 10.32 -5.66
CA LEU A 65 -6.75 8.90 -5.85
C LEU A 65 -7.58 8.59 -7.08
N GLN A 66 -8.67 9.34 -7.29
CA GLN A 66 -9.48 9.12 -8.48
C GLN A 66 -8.69 9.44 -9.75
N ALA A 67 -7.73 10.37 -9.67
CA ALA A 67 -6.86 10.63 -10.82
C ALA A 67 -6.06 9.38 -11.20
N ARG A 68 -5.49 8.72 -10.19
CA ARG A 68 -4.73 7.49 -10.44
C ARG A 68 -5.62 6.39 -11.01
N VAL A 69 -6.81 6.21 -10.43
CA VAL A 69 -7.71 5.17 -10.91
C VAL A 69 -8.14 5.47 -12.34
N LEU A 70 -8.44 6.73 -12.65
CA LEU A 70 -8.85 7.11 -13.99
C LEU A 70 -7.74 6.86 -15.00
N ALA A 71 -6.50 7.21 -14.66
CA ALA A 71 -5.38 6.96 -15.56
C ALA A 71 -5.23 5.47 -15.82
N VAL A 72 -5.36 4.65 -14.77
CA VAL A 72 -5.23 3.21 -14.94
C VAL A 72 -6.32 2.67 -15.87
N GLU A 73 -7.56 3.12 -15.67
CA GLU A 73 -8.66 2.63 -16.52
C GLU A 73 -8.49 3.05 -17.97
N ARG A 74 -8.09 4.30 -18.23
CA ARG A 74 -7.87 4.74 -19.61
C ARG A 74 -6.76 3.93 -20.28
N TYR A 75 -5.65 3.71 -19.56
CA TYR A 75 -4.56 2.92 -20.11
C TYR A 75 -5.02 1.51 -20.43
N LEU A 76 -5.79 0.90 -19.52
CA LEU A 76 -6.26 -0.47 -19.75
C LEU A 76 -7.21 -0.53 -20.93
N ARG A 77 -8.08 0.47 -21.09
CA ARG A 77 -8.99 0.48 -22.22
C ARG A 77 -8.24 0.57 -23.54
N ASP A 78 -7.23 1.44 -23.61
CA ASP A 78 -6.43 1.52 -24.84
C ASP A 78 -5.70 0.21 -25.11
N GLN A 79 -5.14 -0.40 -24.07
CA GLN A 79 -4.42 -1.66 -24.25
C GLN A 79 -5.34 -2.77 -24.75
N GLN A 80 -6.55 -2.85 -24.19
CA GLN A 80 -7.50 -3.86 -24.64
C GLN A 80 -7.93 -3.61 -26.08
N LEU A 81 -8.14 -2.34 -26.44
CA LEU A 81 -8.49 -2.01 -27.82
C LEU A 81 -7.40 -2.46 -28.78
N LEU A 82 -6.14 -2.22 -28.42
CA LEU A 82 -5.03 -2.70 -29.25
C LEU A 82 -5.01 -4.22 -29.30
N GLY A 83 -5.21 -4.88 -28.15
CA GLY A 83 -5.07 -6.32 -28.09
C GLY A 83 -6.11 -7.06 -28.91
N ILE A 84 -7.35 -6.54 -28.95
CA ILE A 84 -8.40 -7.24 -29.71
C ILE A 84 -8.31 -7.00 -31.20
N TRP A 85 -7.32 -6.24 -31.67
CA TRP A 85 -7.06 -6.10 -33.11
C TRP A 85 -5.88 -6.93 -33.58
N GLY A 86 -5.25 -7.69 -32.68
CA GLY A 86 -4.04 -8.40 -33.02
C GLY A 86 -2.78 -7.59 -32.97
N CYS A 87 -2.85 -6.37 -32.40
CA CYS A 87 -1.71 -5.46 -32.35
C CYS A 87 -1.17 -5.33 -30.92
N SER A 88 -1.32 -6.38 -30.12
CA SER A 88 -0.93 -6.34 -28.72
C SER A 88 0.59 -6.21 -28.59
N GLY A 89 1.04 -5.29 -27.75
CA GLY A 89 2.46 -5.11 -27.51
C GLY A 89 3.24 -4.63 -28.71
N LYS A 90 2.66 -3.74 -29.52
CA LYS A 90 3.33 -3.21 -30.70
C LYS A 90 3.10 -1.71 -30.77
N LEU A 91 4.05 -1.02 -31.41
CA LEU A 91 3.92 0.41 -31.68
C LEU A 91 3.39 0.70 -33.07
N ILE A 92 3.83 -0.05 -34.07
CA ILE A 92 3.30 0.00 -35.42
C ILE A 92 2.82 -1.40 -35.78
N CYS A 93 1.57 -1.50 -36.23
CA CYS A 93 0.96 -2.81 -36.49
C CYS A 93 0.23 -2.75 -37.82
N CYS A 94 0.42 -3.77 -38.64
CA CYS A 94 -0.16 -3.84 -39.98
C CYS A 94 -1.40 -4.74 -39.97
N THR A 95 -2.43 -4.33 -40.70
CA THR A 95 -3.73 -4.98 -40.68
C THR A 95 -4.09 -5.47 -42.08
N ASN A 96 -5.16 -6.27 -42.13
CA ASN A 96 -5.67 -6.83 -43.38
C ASN A 96 -6.85 -6.04 -43.95
N VAL A 97 -7.14 -4.87 -43.41
CA VAL A 97 -8.28 -4.08 -43.87
C VAL A 97 -7.83 -3.14 -44.99
N PRO A 98 -8.34 -3.29 -46.21
CA PRO A 98 -7.99 -2.35 -47.27
C PRO A 98 -8.55 -0.97 -47.00
N TRP A 99 -7.85 0.04 -47.50
CA TRP A 99 -8.21 1.43 -47.25
C TRP A 99 -9.32 1.83 -48.23
N ASN A 100 -10.54 1.95 -47.72
CA ASN A 100 -11.66 2.39 -48.53
C ASN A 100 -11.44 3.82 -49.00
N SER A 101 -11.48 4.03 -50.32
CA SER A 101 -11.20 5.34 -50.89
C SER A 101 -12.25 6.38 -50.53
N SER A 102 -13.44 5.98 -50.11
CA SER A 102 -14.45 6.93 -49.68
C SER A 102 -14.03 7.68 -48.42
N TRP A 103 -13.13 7.11 -47.62
CA TRP A 103 -12.65 7.80 -46.43
C TRP A 103 -11.75 8.98 -46.79
N SER A 104 -10.82 8.78 -47.72
CA SER A 104 -9.95 9.85 -48.20
C SER A 104 -9.34 9.40 -49.51
N ASN A 105 -8.97 10.38 -50.34
CA ASN A 105 -8.45 10.11 -51.68
C ASN A 105 -7.05 10.68 -51.89
N ARG A 106 -6.44 11.28 -50.87
CA ARG A 106 -5.11 11.85 -51.02
C ARG A 106 -4.08 10.74 -51.19
N ASN A 107 -3.06 11.03 -51.99
CA ASN A 107 -1.96 10.10 -52.18
C ASN A 107 -0.97 10.22 -51.02
N LEU A 108 -0.09 9.23 -50.92
CA LEU A 108 0.80 9.13 -49.78
C LEU A 108 1.86 10.23 -49.75
N SER A 109 2.11 10.89 -50.88
CA SER A 109 3.13 11.93 -50.92
C SER A 109 2.70 13.19 -50.18
N GLU A 110 1.40 13.38 -49.95
CA GLU A 110 0.90 14.57 -49.25
C GLU A 110 0.28 14.22 -47.91
N ILE A 111 0.56 13.03 -47.38
CA ILE A 111 0.08 12.60 -46.08
C ILE A 111 1.23 12.46 -45.08
N TRP A 112 2.29 11.75 -45.49
CA TRP A 112 3.45 11.54 -44.63
C TRP A 112 4.50 12.63 -44.76
N ASP A 113 4.35 13.54 -45.73
CA ASP A 113 5.33 14.60 -45.95
C ASP A 113 4.74 16.00 -46.00
N ASN A 114 3.42 16.15 -46.15
CA ASN A 114 2.79 17.46 -46.21
C ASN A 114 1.63 17.56 -45.23
N MET A 115 1.69 16.85 -44.10
CA MET A 115 0.61 16.85 -43.13
C MET A 115 1.15 16.49 -41.77
N THR A 116 0.33 16.74 -40.76
CA THR A 116 0.64 16.45 -39.36
C THR A 116 -0.49 15.63 -38.77
N TRP A 117 -0.17 14.87 -37.72
CA TRP A 117 -1.18 14.03 -37.07
C TRP A 117 -2.34 14.84 -36.54
N LEU A 118 -2.08 16.04 -35.99
CA LEU A 118 -3.17 16.90 -35.55
C LEU A 118 -4.02 17.38 -36.72
N GLN A 119 -3.39 17.67 -37.87
CA GLN A 119 -4.14 18.02 -39.06
C GLN A 119 -4.77 16.80 -39.73
N TRP A 120 -4.18 15.62 -39.57
CA TRP A 120 -4.75 14.42 -40.17
C TRP A 120 -5.97 13.91 -39.41
N ASP A 121 -6.00 14.09 -38.09
CA ASP A 121 -7.11 13.58 -37.30
C ASP A 121 -8.41 14.33 -37.60
N LYS A 122 -8.34 15.62 -37.86
CA LYS A 122 -9.55 16.41 -38.10
C LYS A 122 -10.29 15.94 -39.34
N GLU A 123 -9.58 15.35 -40.31
CA GLU A 123 -10.22 14.90 -41.53
C GLU A 123 -10.92 13.56 -41.34
N ILE A 124 -10.24 12.60 -40.71
CA ILE A 124 -10.75 11.24 -40.63
C ILE A 124 -11.44 10.99 -39.29
N SER A 125 -11.71 12.05 -38.53
CA SER A 125 -12.48 11.89 -37.31
C SER A 125 -13.90 11.37 -37.55
N ASN A 126 -14.42 11.48 -38.77
CA ASN A 126 -15.78 11.03 -39.04
C ASN A 126 -15.89 9.51 -39.18
N TYR A 127 -14.86 8.85 -39.71
CA TYR A 127 -14.94 7.45 -40.10
C TYR A 127 -14.21 6.51 -39.14
N THR A 128 -13.94 6.94 -37.92
CA THR A 128 -13.09 6.15 -37.01
C THR A 128 -13.76 4.85 -36.60
N GLN A 129 -15.04 4.91 -36.23
CA GLN A 129 -15.70 3.73 -35.67
C GLN A 129 -15.90 2.65 -36.72
N ILE A 130 -16.11 3.03 -37.98
CA ILE A 130 -16.21 2.04 -39.05
C ILE A 130 -14.92 1.24 -39.15
N ILE A 131 -13.78 1.94 -39.12
CA ILE A 131 -12.49 1.26 -39.17
C ILE A 131 -12.28 0.40 -37.94
N TYR A 132 -12.69 0.87 -36.77
CA TYR A 132 -12.52 0.06 -35.56
C TYR A 132 -13.31 -1.24 -35.66
N GLY A 133 -14.56 -1.16 -36.10
CA GLY A 133 -15.35 -2.37 -36.27
C GLY A 133 -14.75 -3.31 -37.31
N LEU A 134 -14.26 -2.75 -38.41
CA LEU A 134 -13.63 -3.56 -39.45
C LEU A 134 -12.42 -4.30 -38.90
N LEU A 135 -11.58 -3.60 -38.13
CA LEU A 135 -10.39 -4.24 -37.55
C LEU A 135 -10.78 -5.36 -36.60
N GLU A 136 -11.79 -5.11 -35.75
CA GLU A 136 -12.21 -6.12 -34.80
C GLU A 136 -12.70 -7.37 -35.52
N GLU A 137 -13.58 -7.20 -36.51
CA GLU A 137 -14.12 -8.36 -37.22
C GLU A 137 -13.03 -9.09 -37.98
N SER A 138 -12.08 -8.35 -38.58
CA SER A 138 -11.00 -8.99 -39.32
C SER A 138 -10.12 -9.83 -38.41
N GLN A 139 -9.74 -9.29 -37.24
CA GLN A 139 -8.90 -10.05 -36.33
C GLN A 139 -9.62 -11.28 -35.80
N ASN A 140 -10.90 -11.14 -35.46
CA ASN A 140 -11.64 -12.31 -34.97
C ASN A 140 -11.75 -13.38 -36.05
N GLN A 141 -11.99 -12.97 -37.30
CA GLN A 141 -12.03 -13.92 -38.40
C GLN A 141 -10.69 -14.62 -38.59
N GLN A 142 -9.60 -13.86 -38.46
CA GLN A 142 -8.26 -14.45 -38.60
C GLN A 142 -8.03 -15.51 -37.53
N GLU A 143 -8.35 -15.19 -36.27
CA GLU A 143 -8.17 -16.19 -35.22
C GLU A 143 -9.05 -17.42 -35.46
N LYS A 144 -10.30 -17.19 -35.87
CA LYS A 144 -11.23 -18.30 -36.07
C LYS A 144 -10.74 -19.23 -37.17
N ASN A 145 -10.23 -18.69 -38.28
CA ASN A 145 -9.82 -19.57 -39.36
C ASN A 145 -8.43 -20.16 -39.12
N GLU A 146 -7.59 -19.48 -38.32
CA GLU A 146 -6.29 -20.06 -37.99
C GLU A 146 -6.42 -21.23 -37.04
N GLN A 147 -7.30 -21.11 -36.03
CA GLN A 147 -7.46 -22.21 -35.09
C GLN A 147 -8.09 -23.43 -35.75
N ASP A 148 -8.75 -23.25 -36.89
CA ASP A 148 -9.37 -24.35 -37.60
C ASP A 148 -8.38 -25.03 -38.53
N GLY B 10 -26.56 -8.73 -29.42
CA GLY B 10 -25.70 -7.83 -28.67
C GLY B 10 -24.96 -8.52 -27.54
N PHE B 11 -25.04 -7.96 -26.35
CA PHE B 11 -24.38 -8.53 -25.19
C PHE B 11 -25.07 -9.82 -24.77
N LEU B 12 -24.29 -10.88 -24.58
CA LEU B 12 -24.80 -12.19 -24.18
C LEU B 12 -25.90 -12.67 -25.13
N GLY B 13 -25.71 -12.38 -26.43
CA GLY B 13 -26.72 -12.75 -27.41
C GLY B 13 -26.78 -14.22 -27.72
N ALA B 14 -25.63 -14.90 -27.67
CA ALA B 14 -25.54 -16.32 -28.02
C ALA B 14 -25.61 -17.22 -26.79
N ALA B 15 -26.34 -16.80 -25.75
CA ALA B 15 -26.43 -17.60 -24.53
C ALA B 15 -27.14 -18.92 -24.80
N GLY B 16 -28.21 -18.89 -25.60
CA GLY B 16 -28.96 -20.10 -25.90
C GLY B 16 -28.50 -20.80 -27.15
N SER B 17 -27.66 -20.13 -27.94
CA SER B 17 -27.11 -20.73 -29.14
C SER B 17 -26.04 -21.75 -28.79
N THR B 18 -25.81 -22.69 -29.72
CA THR B 18 -24.90 -23.79 -29.47
C THR B 18 -23.46 -23.29 -29.31
N MET B 19 -22.60 -24.18 -28.81
CA MET B 19 -21.21 -23.82 -28.57
C MET B 19 -20.47 -23.45 -29.86
N GLY B 20 -20.86 -24.03 -30.98
CA GLY B 20 -20.26 -23.67 -32.25
C GLY B 20 -20.59 -22.26 -32.68
N ALA B 21 -21.85 -21.86 -32.53
CA ALA B 21 -22.28 -20.53 -32.94
C ALA B 21 -21.88 -19.44 -31.97
N ALA B 22 -21.54 -19.80 -30.73
CA ALA B 22 -21.13 -18.82 -29.73
C ALA B 22 -19.66 -18.44 -29.85
N SER B 23 -18.88 -19.18 -30.64
CA SER B 23 -17.47 -18.88 -30.81
C SER B 23 -17.21 -17.75 -31.80
N MET B 24 -18.24 -17.28 -32.49
CA MET B 24 -18.11 -16.17 -33.44
C MET B 24 -18.42 -14.82 -32.81
N THR B 25 -18.75 -14.78 -31.52
CA THR B 25 -19.15 -13.55 -30.85
C THR B 25 -18.33 -13.31 -29.59
N LEU B 26 -17.05 -13.67 -29.61
CA LEU B 26 -16.23 -13.52 -28.40
C LEU B 26 -15.98 -12.05 -28.07
N THR B 27 -15.84 -11.20 -29.09
CA THR B 27 -15.50 -9.81 -28.84
C THR B 27 -16.66 -9.03 -28.23
N VAL B 28 -17.91 -9.40 -28.54
CA VAL B 28 -19.05 -8.64 -28.02
C VAL B 28 -19.18 -8.76 -26.51
N GLN B 29 -18.59 -9.79 -25.91
CA GLN B 29 -18.54 -9.92 -24.47
C GLN B 29 -17.16 -9.61 -23.90
N ALA B 30 -16.10 -9.81 -24.69
CA ALA B 30 -14.76 -9.44 -24.25
C ALA B 30 -14.56 -7.93 -24.20
N ARG B 31 -15.46 -7.15 -24.79
CA ARG B 31 -15.35 -5.70 -24.81
C ARG B 31 -16.07 -5.04 -23.64
N ASN B 32 -17.10 -5.70 -23.09
CA ASN B 32 -17.94 -5.13 -22.06
C ASN B 32 -17.53 -5.56 -20.64
N LEU B 33 -16.31 -6.07 -20.48
CA LEU B 33 -15.79 -6.41 -19.17
C LEU B 33 -14.91 -5.32 -18.58
N LEU B 34 -14.78 -4.18 -19.24
CA LEU B 34 -13.90 -3.12 -18.79
C LEU B 34 -14.55 -1.75 -18.71
N SER B 35 -15.73 -1.55 -19.30
CA SER B 35 -16.43 -0.26 -19.21
C SER B 35 -17.92 -0.52 -19.38
N GLY B 36 -18.65 -0.52 -18.28
CA GLY B 36 -20.08 -0.73 -18.31
C GLY B 36 -20.50 -2.15 -18.62
N LEU B 57 -17.08 12.22 -0.55
CA LEU B 57 -17.47 11.12 0.31
C LEU B 57 -18.97 11.17 0.61
N THR B 58 -19.78 10.86 -0.39
CA THR B 58 -21.23 10.85 -0.29
C THR B 58 -21.74 9.41 -0.27
N VAL B 59 -23.06 9.27 -0.32
CA VAL B 59 -23.67 7.94 -0.33
C VAL B 59 -23.20 7.15 -1.54
N TRP B 60 -23.07 7.81 -2.69
CA TRP B 60 -22.60 7.18 -3.91
C TRP B 60 -21.13 7.49 -4.19
N GLY B 61 -20.32 7.65 -3.14
CA GLY B 61 -18.93 8.01 -3.29
C GLY B 61 -17.98 6.84 -3.49
N ILE B 62 -17.96 5.91 -2.54
CA ILE B 62 -17.02 4.79 -2.60
C ILE B 62 -17.64 3.54 -3.22
N LYS B 63 -18.98 3.46 -3.28
CA LYS B 63 -19.61 2.38 -4.02
C LYS B 63 -19.13 2.32 -5.46
N GLN B 64 -18.75 3.47 -6.01
CA GLN B 64 -18.17 3.58 -7.34
C GLN B 64 -16.69 3.18 -7.34
N LEU B 65 -15.92 3.75 -6.41
CA LEU B 65 -14.47 3.61 -6.46
C LEU B 65 -14.04 2.17 -6.18
N GLN B 66 -14.57 1.56 -5.12
CA GLN B 66 -14.18 0.20 -4.79
C GLN B 66 -14.62 -0.79 -5.86
N ALA B 67 -15.79 -0.58 -6.44
CA ALA B 67 -16.24 -1.44 -7.54
C ALA B 67 -15.33 -1.30 -8.75
N ARG B 68 -14.90 -0.07 -9.06
CA ARG B 68 -13.99 0.12 -10.19
C ARG B 68 -12.67 -0.58 -9.96
N VAL B 69 -12.12 -0.47 -8.75
CA VAL B 69 -10.85 -1.13 -8.45
C VAL B 69 -11.02 -2.65 -8.51
N LEU B 70 -12.14 -3.17 -8.03
CA LEU B 70 -12.37 -4.61 -8.08
C LEU B 70 -12.48 -5.11 -9.51
N ALA B 71 -13.17 -4.36 -10.37
CA ALA B 71 -13.27 -4.74 -11.78
C ALA B 71 -11.91 -4.75 -12.45
N VAL B 72 -11.10 -3.72 -12.17
CA VAL B 72 -9.75 -3.69 -12.73
C VAL B 72 -8.95 -4.89 -12.26
N GLU B 73 -9.04 -5.23 -10.97
CA GLU B 73 -8.29 -6.36 -10.44
C GLU B 73 -8.73 -7.68 -11.07
N ARG B 74 -10.04 -7.87 -11.25
CA ARG B 74 -10.53 -9.09 -11.88
C ARG B 74 -10.04 -9.22 -13.32
N TYR B 75 -10.12 -8.12 -14.08
CA TYR B 75 -9.63 -8.15 -15.46
C TYR B 75 -8.15 -8.48 -15.51
N LEU B 76 -7.36 -7.84 -14.64
CA LEU B 76 -5.94 -8.12 -14.60
C LEU B 76 -5.64 -9.56 -14.21
N ARG B 77 -6.38 -10.11 -13.25
CA ARG B 77 -6.16 -11.49 -12.84
C ARG B 77 -6.44 -12.46 -13.98
N ASP B 78 -7.54 -12.23 -14.72
CA ASP B 78 -7.82 -13.08 -15.88
C ASP B 78 -6.73 -12.96 -16.93
N GLN B 79 -6.20 -11.75 -17.14
CA GLN B 79 -5.13 -11.57 -18.10
C GLN B 79 -3.87 -12.32 -17.68
N GLN B 80 -3.50 -12.26 -16.41
CA GLN B 80 -2.33 -13.02 -15.94
C GLN B 80 -2.57 -14.53 -16.08
N LEU B 81 -3.78 -14.99 -15.76
CA LEU B 81 -4.08 -16.41 -15.88
C LEU B 81 -3.95 -16.87 -17.33
N LEU B 82 -4.42 -16.05 -18.28
CA LEU B 82 -4.21 -16.37 -19.69
C LEU B 82 -2.72 -16.36 -20.04
N GLY B 83 -1.97 -15.39 -19.50
CA GLY B 83 -0.55 -15.31 -19.83
C GLY B 83 0.25 -16.49 -19.32
N ILE B 84 -0.20 -17.10 -18.22
CA ILE B 84 0.52 -18.26 -17.67
C ILE B 84 0.52 -19.41 -18.68
N TRP B 85 -0.62 -19.67 -19.32
CA TRP B 85 -0.73 -20.73 -20.30
C TRP B 85 -0.20 -20.34 -21.67
N GLY B 86 0.41 -19.16 -21.79
CA GLY B 86 0.93 -18.71 -23.07
C GLY B 86 -0.13 -18.44 -24.11
N CYS B 87 -1.24 -17.79 -23.73
CA CYS B 87 -2.30 -17.45 -24.65
C CYS B 87 -2.64 -15.96 -24.61
N SER B 88 -1.73 -15.13 -24.08
CA SER B 88 -1.98 -13.70 -23.94
C SER B 88 -2.10 -13.06 -25.32
N GLY B 89 -3.18 -12.33 -25.54
CA GLY B 89 -3.41 -11.64 -26.80
C GLY B 89 -4.36 -12.36 -27.76
N LYS B 90 -4.77 -13.58 -27.44
CA LYS B 90 -5.64 -14.37 -28.31
C LYS B 90 -7.02 -14.52 -27.67
N LEU B 91 -8.00 -14.81 -28.54
CA LEU B 91 -9.35 -15.15 -28.09
C LEU B 91 -9.56 -16.66 -28.07
N ILE B 92 -9.17 -17.35 -29.14
CA ILE B 92 -9.20 -18.80 -29.21
C ILE B 92 -7.76 -19.30 -29.18
N CYS B 93 -7.45 -20.15 -28.20
CA CYS B 93 -6.10 -20.66 -28.02
C CYS B 93 -6.12 -22.18 -28.06
N CYS B 94 -5.19 -22.76 -28.81
CA CYS B 94 -5.08 -24.21 -28.95
C CYS B 94 -3.92 -24.71 -28.10
N THR B 95 -4.16 -25.79 -27.36
CA THR B 95 -3.19 -26.32 -26.41
C THR B 95 -2.96 -27.79 -26.68
N ASN B 96 -1.83 -28.29 -26.19
CA ASN B 96 -1.41 -29.67 -26.44
C ASN B 96 -1.81 -30.63 -25.33
N VAL B 97 -2.55 -30.17 -24.33
CA VAL B 97 -2.96 -31.07 -23.24
C VAL B 97 -4.06 -31.99 -23.74
N PRO B 98 -3.89 -33.31 -23.68
CA PRO B 98 -4.93 -34.22 -24.15
C PRO B 98 -6.16 -34.22 -23.26
N TRP B 99 -7.30 -34.45 -23.88
CA TRP B 99 -8.58 -34.51 -23.17
C TRP B 99 -8.77 -35.91 -22.61
N ASN B 100 -8.55 -36.06 -21.31
CA ASN B 100 -8.69 -37.35 -20.67
C ASN B 100 -10.14 -37.81 -20.71
N SER B 101 -10.35 -39.10 -20.97
CA SER B 101 -11.70 -39.66 -21.04
C SER B 101 -12.22 -39.99 -19.65
N SER B 102 -12.14 -39.03 -18.73
CA SER B 102 -12.70 -39.17 -17.39
C SER B 102 -13.45 -37.94 -16.94
N TRP B 103 -13.47 -36.87 -17.74
CA TRP B 103 -14.20 -35.66 -17.45
C TRP B 103 -15.54 -35.57 -18.16
N SER B 104 -15.60 -36.03 -19.41
CA SER B 104 -16.85 -36.04 -20.18
C SER B 104 -16.69 -37.03 -21.31
N ASN B 105 -17.60 -38.01 -21.37
CA ASN B 105 -17.52 -39.06 -22.38
C ASN B 105 -18.26 -38.71 -23.67
N ARG B 106 -18.81 -37.50 -23.78
CA ARG B 106 -19.53 -37.11 -24.97
C ARG B 106 -18.58 -36.99 -26.16
N ASN B 107 -19.12 -37.20 -27.35
CA ASN B 107 -18.36 -37.14 -28.58
C ASN B 107 -18.37 -35.72 -29.15
N LEU B 108 -17.43 -35.45 -30.06
CA LEU B 108 -17.32 -34.12 -30.64
C LEU B 108 -18.26 -33.98 -31.83
N SER B 109 -19.53 -34.37 -31.64
CA SER B 109 -20.57 -34.08 -32.63
C SER B 109 -21.69 -33.29 -31.99
N GLU B 110 -22.22 -33.79 -30.87
CA GLU B 110 -23.37 -33.17 -30.22
C GLU B 110 -22.94 -32.10 -29.22
N ILE B 111 -21.65 -32.06 -28.89
CA ILE B 111 -21.16 -31.04 -27.97
C ILE B 111 -21.27 -29.66 -28.58
N TRP B 112 -20.84 -29.51 -29.83
CA TRP B 112 -20.86 -28.22 -30.52
C TRP B 112 -22.11 -28.02 -31.37
N ASP B 113 -23.02 -29.00 -31.41
CA ASP B 113 -24.23 -28.90 -32.20
C ASP B 113 -25.51 -29.10 -31.41
N ASN B 114 -25.46 -29.73 -30.24
CA ASN B 114 -26.66 -29.97 -29.44
C ASN B 114 -26.42 -29.64 -27.97
N MET B 115 -25.60 -28.63 -27.70
CA MET B 115 -25.30 -28.24 -26.33
C MET B 115 -24.93 -26.76 -26.31
N THR B 116 -25.01 -26.17 -25.13
CA THR B 116 -24.70 -24.76 -24.93
C THR B 116 -23.64 -24.62 -23.86
N TRP B 117 -23.04 -23.43 -23.78
CA TRP B 117 -21.98 -23.18 -22.81
C TRP B 117 -22.50 -23.28 -21.38
N LEU B 118 -23.72 -22.81 -21.12
CA LEU B 118 -24.26 -22.91 -19.76
C LEU B 118 -24.43 -24.36 -19.34
N GLN B 119 -24.93 -25.22 -20.22
CA GLN B 119 -25.03 -26.64 -19.91
C GLN B 119 -23.65 -27.29 -19.81
N TRP B 120 -22.71 -26.87 -20.65
CA TRP B 120 -21.38 -27.46 -20.62
C TRP B 120 -20.65 -27.15 -19.32
N ASP B 121 -20.77 -25.92 -18.82
CA ASP B 121 -20.02 -25.52 -17.63
C ASP B 121 -20.41 -26.32 -16.41
N LYS B 122 -21.68 -26.73 -16.32
CA LYS B 122 -22.13 -27.48 -15.14
C LYS B 122 -21.44 -28.83 -15.03
N GLU B 123 -21.23 -29.51 -16.17
CA GLU B 123 -20.70 -30.88 -16.13
C GLU B 123 -19.24 -30.91 -15.71
N ILE B 124 -18.41 -30.04 -16.29
CA ILE B 124 -16.97 -30.12 -16.09
C ILE B 124 -16.53 -29.07 -15.07
N SER B 125 -17.47 -28.58 -14.26
CA SER B 125 -17.13 -27.59 -13.25
C SER B 125 -16.17 -28.15 -12.20
N ASN B 126 -16.33 -29.43 -11.85
CA ASN B 126 -15.50 -30.04 -10.82
C ASN B 126 -14.08 -30.29 -11.27
N TYR B 127 -13.87 -30.59 -12.54
CA TYR B 127 -12.55 -30.94 -13.06
C TYR B 127 -11.75 -29.75 -13.55
N THR B 128 -12.25 -28.54 -13.38
CA THR B 128 -11.58 -27.37 -13.95
C THR B 128 -10.25 -27.09 -13.26
N GLN B 129 -10.23 -27.08 -11.92
CA GLN B 129 -9.05 -26.61 -11.20
C GLN B 129 -7.82 -27.44 -11.50
N ILE B 130 -7.97 -28.76 -11.64
CA ILE B 130 -6.81 -29.58 -11.98
C ILE B 130 -6.32 -29.29 -13.39
N ILE B 131 -7.26 -29.04 -14.32
CA ILE B 131 -6.87 -28.74 -15.70
C ILE B 131 -6.02 -27.47 -15.73
N TYR B 132 -6.42 -26.46 -14.94
CA TYR B 132 -5.65 -25.23 -14.87
C TYR B 132 -4.21 -25.48 -14.46
N GLY B 133 -3.95 -26.57 -13.74
CA GLY B 133 -2.58 -26.97 -13.48
C GLY B 133 -1.90 -27.48 -14.73
N LEU B 134 -2.52 -28.48 -15.37
CA LEU B 134 -1.93 -29.09 -16.55
C LEU B 134 -1.63 -28.04 -17.61
N LEU B 135 -2.62 -27.20 -17.92
CA LEU B 135 -2.47 -26.19 -18.95
C LEU B 135 -1.26 -25.31 -18.70
N GLU B 136 -0.88 -25.12 -17.43
CA GLU B 136 0.33 -24.37 -17.14
C GLU B 136 1.57 -25.19 -17.46
N GLU B 137 1.67 -26.39 -16.88
CA GLU B 137 2.94 -27.11 -16.91
C GLU B 137 3.38 -27.40 -18.34
N SER B 138 2.47 -27.95 -19.15
CA SER B 138 2.79 -28.27 -20.54
C SER B 138 3.41 -27.07 -21.22
N GLN B 139 2.86 -25.88 -20.96
CA GLN B 139 3.35 -24.66 -21.59
C GLN B 139 4.85 -24.51 -21.37
N ASN B 140 5.29 -24.58 -20.12
CA ASN B 140 6.71 -24.38 -19.85
C ASN B 140 7.54 -25.49 -20.51
N GLN B 141 7.00 -26.70 -20.54
CA GLN B 141 7.69 -27.79 -21.24
C GLN B 141 7.83 -27.45 -22.72
N GLN B 142 6.76 -26.90 -23.32
CA GLN B 142 6.84 -26.51 -24.72
C GLN B 142 7.86 -25.40 -24.92
N GLU B 143 8.21 -24.68 -23.86
CA GLU B 143 9.31 -23.72 -23.94
C GLU B 143 10.63 -24.38 -23.58
N LYS B 144 10.59 -25.35 -22.66
CA LYS B 144 11.83 -26.02 -22.24
C LYS B 144 12.40 -26.86 -23.37
N ASN B 145 11.55 -27.51 -24.14
CA ASN B 145 11.99 -28.35 -25.25
C ASN B 145 12.57 -27.51 -26.38
N ASN C 38 -2.86 -0.46 -54.09
CA ASN C 38 -3.58 -0.96 -52.92
C ASN C 38 -2.99 -0.42 -51.64
N LEU C 39 -3.86 -0.06 -50.69
CA LEU C 39 -3.45 0.50 -49.41
C LEU C 39 -4.20 -0.20 -48.29
N TRP C 40 -3.60 -0.20 -47.11
CA TRP C 40 -4.13 -0.90 -45.94
C TRP C 40 -4.03 0.00 -44.72
N VAL C 41 -4.91 -0.26 -43.75
CA VAL C 41 -4.91 0.51 -42.51
C VAL C 41 -3.77 0.05 -41.62
N THR C 42 -3.05 1.02 -41.05
CA THR C 42 -1.92 0.78 -40.17
C THR C 42 -2.15 1.55 -38.88
N VAL C 43 -1.90 0.89 -37.76
CA VAL C 43 -2.18 1.43 -36.43
C VAL C 43 -0.89 1.96 -35.82
N TYR C 44 -0.96 3.15 -35.25
CA TYR C 44 0.16 3.78 -34.56
C TYR C 44 -0.27 4.09 -33.13
N TYR C 45 0.55 3.69 -32.17
CA TYR C 45 0.28 3.92 -30.75
C TYR C 45 1.32 4.88 -30.20
N GLY C 46 0.90 6.08 -29.85
CA GLY C 46 1.78 7.07 -29.28
C GLY C 46 1.94 8.31 -30.15
N VAL C 47 0.94 8.59 -30.98
CA VAL C 47 0.98 9.74 -31.88
C VAL C 47 0.71 11.02 -31.07
N PRO C 48 1.30 12.15 -31.47
CA PRO C 48 1.08 13.43 -30.73
C PRO C 48 -0.19 14.17 -31.14
N VAL C 49 -1.32 13.72 -30.59
CA VAL C 49 -2.62 14.33 -30.83
C VAL C 49 -3.27 14.62 -29.49
N TRP C 50 -4.16 15.61 -29.46
CA TRP C 50 -4.84 15.98 -28.23
C TRP C 50 -6.18 16.62 -28.55
N LYS C 51 -7.03 16.69 -27.52
CA LYS C 51 -8.34 17.32 -27.60
C LYS C 51 -8.57 18.14 -26.35
N ASP C 52 -9.65 18.92 -26.36
CA ASP C 52 -10.04 19.67 -25.17
C ASP C 52 -10.73 18.74 -24.18
N ALA C 53 -10.47 19.00 -22.89
CA ALA C 53 -11.01 18.15 -21.84
C ALA C 53 -11.17 18.92 -20.55
N GLU C 54 -11.96 18.36 -19.65
CA GLU C 54 -12.14 18.85 -18.29
C GLU C 54 -11.86 17.71 -17.33
N THR C 55 -10.97 17.94 -16.37
CA THR C 55 -10.57 16.90 -15.44
C THR C 55 -10.24 17.51 -14.09
N THR C 56 -10.01 16.65 -13.11
CA THR C 56 -9.67 17.08 -11.76
C THR C 56 -8.16 17.28 -11.64
N LEU C 57 -7.74 18.53 -11.52
CA LEU C 57 -6.34 18.88 -11.32
C LEU C 57 -6.03 18.92 -9.83
N PHE C 58 -4.89 18.38 -9.46
CA PHE C 58 -4.48 18.34 -8.06
C PHE C 58 -3.47 19.44 -7.78
N CYS C 59 -3.08 19.55 -6.51
CA CYS C 59 -2.24 20.66 -6.09
C CYS C 59 -0.82 20.21 -5.80
N ALA C 60 0.11 21.15 -5.98
CA ALA C 60 1.52 20.95 -5.63
C ALA C 60 2.02 22.22 -4.99
N SER C 61 2.75 22.10 -3.89
CA SER C 61 3.30 23.24 -3.18
C SER C 61 4.76 22.98 -2.82
N ASP C 62 5.50 24.06 -2.61
CA ASP C 62 6.91 23.94 -2.30
C ASP C 62 7.11 23.29 -0.93
N ALA C 63 8.06 22.38 -0.86
CA ALA C 63 8.34 21.67 0.37
C ALA C 63 9.11 22.55 1.35
N LYS C 70 2.91 25.57 9.92
CA LYS C 70 2.17 24.57 9.16
C LYS C 70 0.69 24.94 9.08
N HIS C 71 0.20 25.64 10.09
CA HIS C 71 -1.20 26.02 10.15
C HIS C 71 -1.48 27.10 9.11
N ASN C 72 -2.12 26.71 8.01
CA ASN C 72 -2.48 27.63 6.95
C ASN C 72 -3.86 27.25 6.45
N VAL C 73 -4.64 28.25 6.00
CA VAL C 73 -6.00 27.99 5.55
C VAL C 73 -5.99 27.03 4.38
N TRP C 74 -5.16 27.30 3.38
CA TRP C 74 -4.97 26.40 2.24
C TRP C 74 -3.90 25.40 2.62
N ALA C 75 -4.29 24.15 2.85
CA ALA C 75 -3.40 23.18 3.46
C ALA C 75 -2.31 22.76 2.50
N THR C 76 -1.30 23.61 2.33
CA THR C 76 -0.19 23.34 1.42
C THR C 76 0.69 22.20 1.90
N HIS C 77 0.55 21.76 3.14
CA HIS C 77 1.31 20.61 3.63
C HIS C 77 0.79 19.28 3.07
N ALA C 78 -0.48 19.20 2.71
CA ALA C 78 -1.03 18.01 2.10
C ALA C 78 -0.81 17.95 0.59
N CYS C 79 -0.35 19.04 -0.02
CA CYS C 79 -0.05 19.03 -1.44
C CYS C 79 1.27 18.34 -1.71
N VAL C 80 1.33 17.58 -2.81
CA VAL C 80 2.53 16.84 -3.18
C VAL C 80 3.65 17.82 -3.50
N PRO C 81 4.90 17.49 -3.20
CA PRO C 81 5.98 18.45 -3.42
C PRO C 81 6.23 18.72 -4.90
N THR C 82 6.74 19.91 -5.19
CA THR C 82 7.03 20.32 -6.55
C THR C 82 8.47 19.99 -6.91
N ASP C 83 8.67 19.59 -8.17
CA ASP C 83 10.00 19.30 -8.65
C ASP C 83 10.84 20.58 -8.67
N PRO C 84 12.15 20.47 -8.39
CA PRO C 84 12.99 21.68 -8.30
C PRO C 84 13.00 22.50 -9.58
N ASN C 85 12.96 21.85 -10.75
CA ASN C 85 12.97 22.56 -12.02
C ASN C 85 11.85 22.02 -12.91
N PRO C 86 10.93 22.86 -13.34
CA PRO C 86 9.84 22.39 -14.20
C PRO C 86 10.34 21.98 -15.59
N GLN C 87 9.62 21.03 -16.19
CA GLN C 87 9.91 20.55 -17.53
C GLN C 87 8.90 21.16 -18.49
N GLU C 88 9.29 22.22 -19.18
CA GLU C 88 8.45 22.89 -20.17
C GLU C 88 9.01 22.57 -21.55
N ILE C 89 8.13 22.14 -22.46
CA ILE C 89 8.54 21.77 -23.81
C ILE C 89 7.92 22.75 -24.79
N HIS C 90 8.76 23.46 -25.55
CA HIS C 90 8.28 24.41 -26.53
C HIS C 90 7.80 23.68 -27.77
N LEU C 91 6.58 23.97 -28.23
CA LEU C 91 5.97 23.26 -29.34
C LEU C 91 6.01 24.15 -30.58
N GLU C 92 6.87 23.79 -31.53
CA GLU C 92 7.05 24.57 -32.74
C GLU C 92 6.05 24.14 -33.81
N ASN C 93 5.69 25.09 -34.68
CA ASN C 93 4.85 24.86 -35.86
C ASN C 93 3.39 24.54 -35.52
N VAL C 94 2.96 24.78 -34.28
CA VAL C 94 1.60 24.47 -33.86
C VAL C 94 0.97 25.72 -33.27
N THR C 95 -0.25 26.02 -33.71
CA THR C 95 -1.05 27.12 -33.18
C THR C 95 -2.32 26.58 -32.56
N GLU C 96 -2.59 26.97 -31.33
CA GLU C 96 -3.75 26.53 -30.57
C GLU C 96 -4.71 27.71 -30.41
N GLU C 97 -5.90 27.42 -29.88
CA GLU C 97 -6.92 28.44 -29.63
C GLU C 97 -7.20 28.51 -28.14
N PHE C 98 -7.24 29.72 -27.60
CA PHE C 98 -7.49 29.94 -26.18
C PHE C 98 -8.73 30.81 -25.99
N ASN C 99 -9.40 30.62 -24.86
CA ASN C 99 -10.52 31.44 -24.45
C ASN C 99 -10.43 31.67 -22.95
N MET C 100 -10.27 32.93 -22.55
CA MET C 100 -10.12 33.27 -21.14
C MET C 100 -11.42 33.15 -20.35
N TRP C 101 -12.57 33.26 -21.03
CA TRP C 101 -13.85 33.45 -20.37
C TRP C 101 -14.67 32.18 -20.26
N LYS C 102 -14.24 31.09 -20.88
CA LYS C 102 -14.81 29.75 -20.66
C LYS C 102 -13.63 28.84 -20.34
N ASN C 103 -13.23 28.82 -19.08
CA ASN C 103 -12.11 28.03 -18.60
C ASN C 103 -12.50 27.35 -17.31
N ASN C 104 -12.46 26.01 -17.31
CA ASN C 104 -12.87 25.24 -16.15
C ASN C 104 -11.92 25.36 -14.97
N MET C 105 -10.67 25.78 -15.21
CA MET C 105 -9.73 25.95 -14.12
C MET C 105 -10.19 27.04 -13.16
N VAL C 106 -10.86 28.08 -13.67
CA VAL C 106 -11.34 29.16 -12.81
C VAL C 106 -12.40 28.63 -11.84
N GLU C 107 -13.34 27.83 -12.36
CA GLU C 107 -14.37 27.26 -11.50
C GLU C 107 -13.78 26.28 -10.49
N GLN C 108 -12.82 25.47 -10.93
CA GLN C 108 -12.16 24.56 -10.00
C GLN C 108 -11.46 25.31 -8.89
N MET C 109 -10.76 26.39 -9.24
CA MET C 109 -10.06 27.17 -8.23
C MET C 109 -11.04 27.84 -7.25
N HIS C 110 -12.15 28.38 -7.75
CA HIS C 110 -13.15 28.97 -6.87
C HIS C 110 -13.69 27.94 -5.89
N THR C 111 -14.10 26.78 -6.39
CA THR C 111 -14.65 25.75 -5.52
C THR C 111 -13.62 25.29 -4.49
N ASP C 112 -12.37 25.10 -4.91
CA ASP C 112 -11.33 24.65 -3.98
C ASP C 112 -11.07 25.68 -2.89
N ILE C 113 -11.00 26.96 -3.26
CA ILE C 113 -10.76 28.00 -2.25
C ILE C 113 -11.90 28.03 -1.24
N ILE C 114 -13.14 28.00 -1.72
CA ILE C 114 -14.27 28.05 -0.80
C ILE C 114 -14.31 26.82 0.10
N SER C 115 -14.02 25.64 -0.47
CA SER C 115 -14.03 24.41 0.33
C SER C 115 -12.96 24.42 1.40
N LEU C 116 -11.75 24.89 1.06
CA LEU C 116 -10.69 24.97 2.06
C LEU C 116 -11.06 25.96 3.15
N TRP C 117 -11.64 27.11 2.78
CA TRP C 117 -12.06 28.08 3.78
C TRP C 117 -13.08 27.50 4.74
N ASP C 118 -14.06 26.76 4.21
CA ASP C 118 -15.07 26.14 5.06
C ASP C 118 -14.47 25.05 5.94
N GLN C 119 -13.56 24.24 5.40
CA GLN C 119 -12.95 23.16 6.16
C GLN C 119 -12.07 23.67 7.29
N SER C 120 -11.43 24.82 7.10
CA SER C 120 -10.54 25.36 8.13
C SER C 120 -11.28 26.03 9.28
N LEU C 121 -12.62 26.07 9.27
CA LEU C 121 -13.40 26.76 10.29
C LEU C 121 -14.23 25.81 11.15
N LYS C 122 -14.09 24.50 10.98
CA LYS C 122 -14.95 23.55 11.68
C LYS C 122 -14.55 23.33 13.14
N PRO C 123 -13.28 23.08 13.46
CA PRO C 123 -12.90 22.80 14.85
C PRO C 123 -12.82 24.03 15.75
N CYS C 124 -13.34 25.18 15.33
CA CYS C 124 -13.18 26.42 16.08
C CYS C 124 -14.37 26.69 16.98
N VAL C 125 -14.27 27.77 17.76
CA VAL C 125 -15.22 28.05 18.83
C VAL C 125 -16.49 28.67 18.26
N LYS C 126 -17.64 28.15 18.68
CA LYS C 126 -18.93 28.70 18.30
C LYS C 126 -19.34 29.77 19.30
N LEU C 127 -19.51 31.01 18.84
CA LEU C 127 -19.83 32.13 19.72
C LEU C 127 -21.34 32.35 19.83
N THR C 128 -22.09 31.29 20.15
CA THR C 128 -23.53 31.39 20.34
C THR C 128 -23.93 32.24 21.55
N PRO C 129 -23.28 32.14 22.72
CA PRO C 129 -23.73 32.94 23.86
C PRO C 129 -23.42 34.42 23.74
N LEU C 130 -22.69 34.84 22.71
CA LEU C 130 -22.36 36.26 22.56
C LEU C 130 -23.55 37.09 22.11
N CYS C 131 -24.62 36.46 21.62
CA CYS C 131 -25.83 37.18 21.22
C CYS C 131 -26.63 37.50 22.46
N VAL C 132 -26.28 38.61 23.10
CA VAL C 132 -26.97 39.13 24.28
C VAL C 132 -27.17 40.62 24.08
N THR C 133 -27.73 41.28 25.11
CA THR C 133 -27.88 42.72 25.11
C THR C 133 -26.61 43.35 25.68
N LEU C 134 -26.01 44.25 24.91
CA LEU C 134 -24.80 44.93 25.33
C LEU C 134 -25.14 46.35 25.78
N GLN C 135 -24.39 46.83 26.77
CA GLN C 135 -24.53 48.21 27.25
C GLN C 135 -23.27 48.95 26.82
N CYS C 136 -23.41 49.80 25.80
CA CYS C 136 -22.28 50.42 25.14
C CYS C 136 -22.26 51.92 25.37
N THR C 137 -21.04 52.45 25.53
CA THR C 137 -20.82 53.88 25.64
C THR C 137 -19.72 54.30 24.66
N ASN C 138 -19.72 55.59 24.33
CA ASN C 138 -18.74 56.11 23.39
C ASN C 138 -17.35 56.12 24.02
N VAL C 139 -16.35 55.80 23.20
CA VAL C 139 -14.95 55.85 23.63
C VAL C 139 -14.40 57.22 23.27
N THR C 140 -14.07 58.02 24.29
CA THR C 140 -13.46 59.33 24.10
C THR C 140 -12.29 59.44 25.08
N ASN C 141 -11.12 58.99 24.64
CA ASN C 141 -9.92 59.03 25.47
C ASN C 141 -8.72 59.07 24.53
N ASN C 142 -8.16 60.27 24.36
CA ASN C 142 -6.99 60.47 23.48
C ASN C 142 -7.31 60.05 22.05
N ILE C 143 -8.44 60.53 21.54
CA ILE C 143 -8.88 60.23 20.18
C ILE C 143 -8.81 61.50 19.34
N THR C 144 -8.73 61.32 18.03
CA THR C 144 -8.77 62.42 17.09
C THR C 144 -10.18 62.61 16.55
N ASP C 145 -10.44 63.79 16.01
CA ASP C 145 -11.78 64.17 15.57
C ASP C 145 -12.28 63.36 14.39
N ASP C 146 -11.40 62.67 13.67
CA ASP C 146 -11.80 61.82 12.54
C ASP C 146 -12.08 60.39 12.95
N MET C 147 -11.95 60.06 14.24
CA MET C 147 -12.18 58.71 14.73
C MET C 147 -13.07 58.75 15.97
N ARG C 148 -13.95 59.75 16.05
CA ARG C 148 -14.90 59.85 17.14
C ARG C 148 -16.21 59.20 16.74
N GLY C 149 -16.78 58.43 17.66
CA GLY C 149 -17.98 57.68 17.38
C GLY C 149 -17.76 56.37 16.65
N GLU C 150 -16.52 55.95 16.45
CA GLU C 150 -16.22 54.72 15.73
C GLU C 150 -15.86 53.55 16.64
N LEU C 151 -15.66 53.79 17.93
CA LEU C 151 -15.34 52.73 18.88
C LEU C 151 -16.35 52.76 20.02
N LYS C 152 -16.75 51.57 20.48
CA LYS C 152 -17.75 51.42 21.52
C LYS C 152 -17.21 50.57 22.64
N ASN C 153 -17.48 50.99 23.88
CA ASN C 153 -17.09 50.27 25.08
C ASN C 153 -18.34 49.58 25.62
N CYS C 154 -18.41 48.26 25.47
CA CYS C 154 -19.65 47.52 25.71
C CYS C 154 -19.46 46.53 26.85
N SER C 155 -20.36 46.56 27.82
CA SER C 155 -20.37 45.63 28.95
C SER C 155 -21.58 44.71 28.86
N PHE C 156 -21.40 43.47 29.29
CA PHE C 156 -22.45 42.46 29.17
C PHE C 156 -22.23 41.37 30.20
N ASN C 157 -23.19 40.45 30.27
CA ASN C 157 -23.14 39.28 31.14
C ASN C 157 -22.79 38.06 30.29
N MET C 158 -21.89 37.21 30.81
CA MET C 158 -21.34 36.10 30.06
C MET C 158 -21.38 34.83 30.90
N THR C 159 -21.47 33.70 30.21
CA THR C 159 -21.43 32.40 30.88
C THR C 159 -19.99 32.05 31.28
N THR C 160 -19.87 31.31 32.37
CA THR C 160 -18.58 30.86 32.90
C THR C 160 -18.36 29.39 32.55
N GLU C 161 -17.29 28.80 33.08
CA GLU C 161 -17.11 27.36 32.99
C GLU C 161 -18.15 26.59 33.78
N LEU C 162 -18.75 27.19 34.81
CA LEU C 162 -19.74 26.53 35.64
C LEU C 162 -21.12 26.91 35.16
N ARG C 163 -21.98 25.90 34.98
CA ARG C 163 -23.26 26.07 34.31
C ARG C 163 -24.25 26.93 35.09
N ASP C 164 -23.96 27.22 36.36
CA ASP C 164 -24.89 28.01 37.19
C ASP C 164 -24.27 29.34 37.64
N LYS C 165 -23.22 29.80 36.97
CA LYS C 165 -22.57 31.05 37.33
C LYS C 165 -22.53 32.00 36.13
N LYS C 166 -22.49 33.29 36.43
CA LYS C 166 -22.41 34.35 35.43
C LYS C 166 -21.26 35.29 35.78
N GLN C 167 -20.77 36.00 34.76
CA GLN C 167 -19.73 37.00 34.96
C GLN C 167 -20.14 38.26 34.22
N LYS C 168 -19.59 39.39 34.66
CA LYS C 168 -19.78 40.67 33.98
C LYS C 168 -18.47 41.07 33.33
N VAL C 169 -18.50 41.26 32.01
CA VAL C 169 -17.29 41.51 31.23
C VAL C 169 -17.54 42.70 30.32
N TYR C 170 -16.47 43.19 29.71
CA TYR C 170 -16.55 44.32 28.79
C TYR C 170 -15.56 44.10 27.65
N SER C 171 -15.80 44.80 26.55
CA SER C 171 -14.98 44.67 25.36
C SER C 171 -15.12 45.92 24.51
N LEU C 172 -14.21 46.08 23.56
CA LEU C 172 -14.22 47.18 22.61
C LEU C 172 -14.69 46.68 21.26
N PHE C 173 -15.72 47.33 20.72
CA PHE C 173 -16.32 46.94 19.45
C PHE C 173 -16.26 48.09 18.46
N TYR C 174 -16.28 47.76 17.18
CA TYR C 174 -16.35 48.76 16.13
C TYR C 174 -17.80 49.11 15.85
N ARG C 175 -18.03 50.33 15.35
CA ARG C 175 -19.39 50.78 15.11
C ARG C 175 -20.07 49.99 14.00
N LEU C 176 -19.27 49.41 13.09
CA LEU C 176 -19.83 48.65 11.99
C LEU C 176 -20.34 47.27 12.41
N ASP C 177 -20.07 46.86 13.64
CA ASP C 177 -20.38 45.52 14.10
C ASP C 177 -21.51 45.46 15.11
N VAL C 178 -22.10 46.59 15.47
CA VAL C 178 -23.15 46.64 16.49
C VAL C 178 -24.34 47.43 15.94
N VAL C 179 -25.54 47.00 16.31
CA VAL C 179 -26.79 47.66 15.99
C VAL C 179 -27.45 48.11 17.28
N GLN C 180 -27.89 49.37 17.29
CA GLN C 180 -28.63 49.90 18.43
C GLN C 180 -30.02 49.30 18.47
N ILE C 181 -30.45 48.87 19.66
CA ILE C 181 -31.81 48.39 19.87
C ILE C 181 -32.42 49.19 21.01
N ASN C 182 -33.75 49.18 21.06
CA ASN C 182 -34.47 49.94 22.08
C ASN C 182 -34.68 49.11 23.34
N ASN C 193 -27.25 55.15 29.24
CA ASN C 193 -26.70 54.80 27.94
C ASN C 193 -27.66 53.91 27.15
N LYS C 194 -27.37 53.72 25.87
CA LYS C 194 -28.21 52.91 25.01
C LYS C 194 -27.70 51.47 24.98
N GLU C 195 -28.55 50.58 24.48
CA GLU C 195 -28.24 49.16 24.41
C GLU C 195 -28.11 48.70 22.96
N TYR C 196 -27.20 47.77 22.74
CA TYR C 196 -26.85 47.33 21.39
C TYR C 196 -26.90 45.83 21.27
N ARG C 197 -26.58 45.32 20.09
CA ARG C 197 -26.40 43.89 19.85
C ARG C 197 -25.49 43.73 18.65
N LEU C 198 -25.04 42.50 18.42
CA LEU C 198 -24.15 42.26 17.30
C LEU C 198 -24.91 42.34 15.98
N ILE C 199 -24.17 42.55 14.89
CA ILE C 199 -24.75 42.70 13.55
C ILE C 199 -25.40 41.44 13.04
N ASN C 200 -25.10 40.28 13.63
CA ASN C 200 -25.46 38.99 13.06
C ASN C 200 -26.49 38.22 13.87
N CYS C 201 -26.99 38.77 14.97
CA CYS C 201 -27.85 38.02 15.87
C CYS C 201 -29.24 37.76 15.29
N ASN C 202 -29.58 38.42 14.17
CA ASN C 202 -30.84 38.13 13.49
C ASN C 202 -30.65 37.54 12.11
N THR C 203 -29.44 37.14 11.75
CA THR C 203 -29.18 36.57 10.44
C THR C 203 -28.48 35.21 10.49
N SER C 204 -27.57 35.02 11.42
CA SER C 204 -26.74 33.81 11.43
C SER C 204 -26.11 33.64 12.80
N ALA C 205 -25.20 32.67 12.89
CA ALA C 205 -24.39 32.43 14.07
C ALA C 205 -22.92 32.54 13.69
N ILE C 206 -22.15 33.25 14.50
CA ILE C 206 -20.74 33.50 14.23
C ILE C 206 -19.90 32.36 14.79
N THR C 207 -18.77 32.11 14.15
CA THR C 207 -17.77 31.16 14.60
C THR C 207 -16.44 31.90 14.70
N GLN C 208 -15.84 31.88 15.88
CA GLN C 208 -14.56 32.56 16.05
C GLN C 208 -13.47 31.87 15.25
N ALA C 209 -12.70 32.65 14.50
CA ALA C 209 -11.59 32.10 13.74
C ALA C 209 -10.54 31.53 14.70
N CYS C 210 -9.97 30.40 14.32
CA CYS C 210 -8.96 29.77 15.15
C CYS C 210 -7.70 30.62 15.14
N PRO C 211 -7.20 31.07 16.30
CA PRO C 211 -6.16 32.11 16.30
C PRO C 211 -4.77 31.62 15.93
N LYS C 212 -4.57 30.32 15.72
CA LYS C 212 -3.28 29.79 15.30
C LYS C 212 -3.21 29.54 13.80
N VAL C 213 -4.28 29.88 13.07
CA VAL C 213 -4.36 29.67 11.63
C VAL C 213 -4.05 30.99 10.94
N SER C 214 -3.16 30.93 9.94
CA SER C 214 -2.69 32.11 9.24
C SER C 214 -3.49 32.32 7.95
N PHE C 215 -3.69 33.59 7.60
CA PHE C 215 -4.42 33.98 6.41
C PHE C 215 -3.51 34.33 5.24
N GLU C 216 -2.20 34.19 5.37
CA GLU C 216 -1.29 34.62 4.33
C GLU C 216 -1.36 33.68 3.13
N PRO C 217 -1.52 34.21 1.91
CA PRO C 217 -1.53 33.35 0.73
C PRO C 217 -0.18 32.69 0.50
N ILE C 218 -0.22 31.46 -0.02
CA ILE C 218 0.97 30.70 -0.35
C ILE C 218 0.84 30.27 -1.80
N PRO C 219 1.90 30.35 -2.61
CA PRO C 219 1.79 29.96 -4.02
C PRO C 219 1.34 28.52 -4.18
N ILE C 220 0.47 28.29 -5.16
CA ILE C 220 -0.10 26.98 -5.43
C ILE C 220 0.14 26.64 -6.90
N HIS C 221 0.52 25.39 -7.14
CA HIS C 221 0.68 24.87 -8.49
C HIS C 221 -0.45 23.89 -8.77
N TYR C 222 -1.00 23.96 -9.98
CA TYR C 222 -2.09 23.09 -10.39
C TYR C 222 -1.55 22.09 -11.42
N CYS C 223 -1.57 20.80 -11.07
CA CYS C 223 -1.03 19.75 -11.90
C CYS C 223 -2.15 18.88 -12.47
N ALA C 224 -1.87 18.29 -13.65
CA ALA C 224 -2.75 17.44 -14.44
C ALA C 224 -2.40 15.97 -14.23
N PRO C 225 -3.39 15.08 -14.32
CA PRO C 225 -3.11 13.65 -14.16
C PRO C 225 -2.34 13.06 -15.33
N ALA C 226 -2.10 11.74 -15.30
CA ALA C 226 -1.49 11.06 -16.42
C ALA C 226 -2.47 10.95 -17.58
N GLY C 227 -1.96 11.15 -18.79
CA GLY C 227 -2.81 11.25 -19.95
C GLY C 227 -3.36 12.63 -20.23
N PHE C 228 -2.94 13.64 -19.47
CA PHE C 228 -3.36 15.01 -19.68
C PHE C 228 -2.12 15.91 -19.71
N ALA C 229 -2.30 17.11 -20.26
CA ALA C 229 -1.23 18.09 -20.32
C ALA C 229 -1.82 19.49 -20.17
N ILE C 230 -0.97 20.48 -19.87
CA ILE C 230 -1.39 21.87 -19.80
C ILE C 230 -0.68 22.64 -20.89
N LEU C 231 -1.44 23.18 -21.83
CA LEU C 231 -0.90 24.03 -22.88
C LEU C 231 -0.80 25.45 -22.37
N LYS C 232 0.33 26.09 -22.63
CA LYS C 232 0.66 27.41 -22.12
C LYS C 232 0.99 28.32 -23.28
N CYS C 233 0.31 29.46 -23.36
CA CYS C 233 0.56 30.43 -24.43
C CYS C 233 1.70 31.35 -24.03
N LYS C 234 2.61 31.60 -24.97
CA LYS C 234 3.80 32.41 -24.71
C LYS C 234 3.81 33.69 -25.52
N ASP C 235 2.69 34.06 -26.14
CA ASP C 235 2.59 35.33 -26.84
C ASP C 235 2.54 36.48 -25.84
N LYS C 236 2.88 37.68 -26.33
CA LYS C 236 2.93 38.87 -25.49
C LYS C 236 1.74 39.80 -25.68
N LYS C 237 1.14 39.82 -26.88
CA LYS C 237 0.03 40.71 -27.21
C LYS C 237 -1.28 39.94 -27.32
N PHE C 238 -1.37 38.83 -26.60
CA PHE C 238 -2.59 38.02 -26.57
C PHE C 238 -3.59 38.63 -25.60
N ASN C 239 -4.84 38.83 -26.04
CA ASN C 239 -5.82 39.39 -25.12
C ASN C 239 -6.59 38.29 -24.40
N GLY C 240 -6.16 37.04 -24.57
CA GLY C 240 -6.84 35.93 -23.92
C GLY C 240 -7.98 35.32 -24.70
N THR C 241 -8.05 35.57 -26.01
CA THR C 241 -9.09 34.98 -26.84
C THR C 241 -8.60 34.90 -28.27
N GLY C 242 -8.65 33.70 -28.85
CA GLY C 242 -8.27 33.51 -30.22
C GLY C 242 -7.05 32.63 -30.39
N PRO C 243 -6.42 32.68 -31.56
CA PRO C 243 -5.25 31.84 -31.81
C PRO C 243 -4.00 32.38 -31.15
N CYS C 244 -3.22 31.46 -30.58
CA CYS C 244 -1.94 31.79 -29.96
C CYS C 244 -0.83 31.09 -30.73
N PRO C 245 -0.03 31.81 -31.52
CA PRO C 245 0.94 31.15 -32.40
C PRO C 245 2.23 30.70 -31.73
N SER C 246 2.34 30.80 -30.41
CA SER C 246 3.55 30.35 -29.70
C SER C 246 3.11 29.60 -28.45
N VAL C 247 3.29 28.28 -28.45
CA VAL C 247 2.74 27.42 -27.42
C VAL C 247 3.84 26.55 -26.80
N SER C 248 3.65 26.20 -25.53
CA SER C 248 4.47 25.22 -24.86
C SER C 248 3.56 24.27 -24.11
N THR C 249 4.12 23.16 -23.63
CA THR C 249 3.40 22.22 -22.80
C THR C 249 4.10 22.10 -21.46
N VAL C 250 3.29 22.06 -20.39
CA VAL C 250 3.75 21.94 -19.02
C VAL C 250 2.90 20.90 -18.30
N GLN C 251 3.41 20.49 -17.14
CA GLN C 251 2.71 19.57 -16.25
C GLN C 251 2.04 20.27 -15.08
N CYS C 252 2.54 21.44 -14.70
CA CYS C 252 1.97 22.23 -13.61
C CYS C 252 2.08 23.70 -13.95
N THR C 253 1.09 24.48 -13.52
CA THR C 253 1.15 25.92 -13.68
C THR C 253 2.12 26.52 -12.67
N HIS C 254 2.43 27.79 -12.87
CA HIS C 254 3.34 28.49 -11.96
C HIS C 254 2.64 28.75 -10.62
N GLY C 255 3.40 29.30 -9.68
CA GLY C 255 2.85 29.60 -8.37
C GLY C 255 1.84 30.72 -8.38
N ILE C 256 0.60 30.41 -7.96
CA ILE C 256 -0.49 31.38 -7.94
C ILE C 256 -0.89 31.62 -6.49
N LYS C 257 -0.94 32.89 -6.09
CA LYS C 257 -1.34 33.28 -4.75
C LYS C 257 -2.83 33.62 -4.72
N PRO C 258 -3.63 32.95 -3.89
CA PRO C 258 -5.06 33.27 -3.80
C PRO C 258 -5.35 34.50 -2.94
N VAL C 259 -5.11 35.67 -3.51
CA VAL C 259 -5.32 36.94 -2.82
C VAL C 259 -6.77 37.38 -3.03
N VAL C 260 -7.46 37.67 -1.92
CA VAL C 260 -8.85 38.09 -1.95
C VAL C 260 -8.89 39.60 -1.78
N SER C 261 -9.33 40.31 -2.81
CA SER C 261 -9.42 41.77 -2.78
C SER C 261 -10.40 42.22 -3.84
N THR C 262 -10.85 43.47 -3.71
CA THR C 262 -11.77 44.08 -4.67
C THR C 262 -11.21 45.41 -5.16
N GLN C 263 -11.57 45.74 -6.41
CA GLN C 263 -11.28 47.01 -7.07
C GLN C 263 -9.81 47.16 -7.44
N LEU C 264 -8.96 46.28 -6.95
CA LEU C 264 -7.51 46.38 -7.12
C LEU C 264 -6.92 45.00 -6.98
N LEU C 265 -6.04 44.63 -7.90
CA LEU C 265 -5.33 43.35 -7.85
C LEU C 265 -3.97 43.58 -7.22
N LEU C 266 -3.62 42.78 -6.22
CA LEU C 266 -2.40 42.93 -5.46
C LEU C 266 -1.56 41.67 -5.53
N ASN C 267 -0.24 41.85 -5.57
CA ASN C 267 0.73 40.76 -5.51
C ASN C 267 0.50 39.74 -6.63
N GLY C 268 0.26 40.24 -7.83
CA GLY C 268 0.00 39.39 -8.98
C GLY C 268 1.17 39.33 -9.94
N SER C 269 0.86 39.19 -11.23
CA SER C 269 1.86 39.15 -12.28
C SER C 269 1.68 40.34 -13.21
N LEU C 270 2.77 40.79 -13.81
CA LEU C 270 2.79 42.00 -14.61
C LEU C 270 2.94 41.67 -16.09
N ALA C 271 2.35 42.52 -16.93
CA ALA C 271 2.56 42.43 -18.36
C ALA C 271 4.00 42.81 -18.70
N GLU C 272 4.47 42.31 -19.85
CA GLU C 272 5.88 42.43 -20.17
C GLU C 272 6.20 43.61 -21.08
N GLU C 273 5.31 43.95 -22.01
CA GLU C 273 5.59 45.03 -22.95
C GLU C 273 4.59 46.18 -22.87
N GLU C 274 3.30 45.89 -22.86
CA GLU C 274 2.28 46.93 -22.87
C GLU C 274 1.22 46.65 -21.81
N VAL C 275 0.54 47.72 -21.38
CA VAL C 275 -0.59 47.57 -20.47
C VAL C 275 -1.73 46.90 -21.22
N MET C 276 -2.28 45.84 -20.64
CA MET C 276 -3.22 44.98 -21.35
C MET C 276 -4.64 45.20 -20.85
N ILE C 277 -5.55 45.44 -21.78
CA ILE C 277 -6.97 45.58 -21.49
C ILE C 277 -7.69 44.36 -22.05
N ARG C 278 -8.41 43.65 -21.19
CA ARG C 278 -9.07 42.41 -21.58
C ARG C 278 -10.52 42.43 -21.14
N SER C 279 -11.42 42.17 -22.08
CA SER C 279 -12.85 42.13 -21.80
C SER C 279 -13.51 41.07 -22.67
N GLU C 280 -14.52 40.40 -22.11
CA GLU C 280 -15.23 39.38 -22.85
C GLU C 280 -15.97 39.97 -24.03
N ASN C 281 -16.57 41.15 -23.85
CA ASN C 281 -17.32 41.84 -24.90
C ASN C 281 -17.13 43.33 -24.67
N ILE C 282 -16.14 43.92 -25.35
CA ILE C 282 -15.72 45.28 -25.07
C ILE C 282 -16.79 46.32 -25.37
N THR C 283 -17.62 46.10 -26.38
CA THR C 283 -18.70 47.02 -26.71
C THR C 283 -19.93 46.85 -25.83
N ASN C 284 -19.92 45.84 -24.96
CA ASN C 284 -20.99 45.65 -23.98
C ASN C 284 -20.55 46.26 -22.66
N ASN C 285 -21.38 47.15 -22.11
CA ASN C 285 -21.03 47.87 -20.89
C ASN C 285 -21.34 47.08 -19.62
N ALA C 286 -21.95 45.90 -19.74
CA ALA C 286 -22.22 45.06 -18.58
C ALA C 286 -21.10 44.08 -18.29
N LYS C 287 -19.99 44.14 -19.02
CA LYS C 287 -18.84 43.28 -18.81
C LYS C 287 -17.72 44.07 -18.15
N ASN C 288 -17.10 43.46 -17.13
CA ASN C 288 -15.98 44.07 -16.47
C ASN C 288 -14.75 44.08 -17.39
N ILE C 289 -13.87 45.05 -17.13
CA ILE C 289 -12.62 45.20 -17.89
C ILE C 289 -11.47 44.86 -16.95
N LEU C 290 -10.64 43.91 -17.36
CA LEU C 290 -9.46 43.55 -16.59
C LEU C 290 -8.26 44.30 -17.16
N VAL C 291 -7.62 45.11 -16.32
CA VAL C 291 -6.47 45.90 -16.73
C VAL C 291 -5.22 45.35 -16.06
N GLN C 292 -4.22 44.99 -16.86
CA GLN C 292 -2.97 44.44 -16.38
C GLN C 292 -1.85 45.44 -16.62
N PHE C 293 -1.10 45.72 -15.57
CA PHE C 293 -0.08 46.77 -15.58
C PHE C 293 1.23 46.27 -16.16
N ASN C 294 2.08 47.22 -16.52
CA ASN C 294 3.45 46.95 -16.95
C ASN C 294 4.42 46.93 -15.78
N THR C 295 4.33 47.93 -14.90
CA THR C 295 5.13 48.04 -13.68
C THR C 295 4.21 48.19 -12.48
N PRO C 296 4.56 47.59 -11.34
CA PRO C 296 3.67 47.64 -10.18
C PRO C 296 3.67 49.00 -9.52
N VAL C 297 2.64 49.24 -8.71
CA VAL C 297 2.52 50.47 -7.93
C VAL C 297 2.49 50.11 -6.46
N GLN C 298 3.46 50.59 -5.69
CA GLN C 298 3.57 50.23 -4.29
C GLN C 298 2.52 50.96 -3.47
N ILE C 299 1.91 50.23 -2.53
CA ILE C 299 0.89 50.80 -1.64
C ILE C 299 1.24 50.41 -0.20
N ASN C 300 1.21 51.39 0.71
CA ASN C 300 1.56 51.15 2.12
C ASN C 300 0.32 51.34 2.98
N CYS C 301 -0.06 50.31 3.72
CA CYS C 301 -1.25 50.36 4.57
C CYS C 301 -0.89 50.10 6.02
N THR C 302 -1.49 50.86 6.93
CA THR C 302 -1.20 50.70 8.35
C THR C 302 -2.45 50.93 9.19
N ARG C 303 -2.49 50.24 10.33
CA ARG C 303 -3.42 50.49 11.42
C ARG C 303 -2.62 50.90 12.65
N PRO C 304 -2.60 52.18 13.03
CA PRO C 304 -1.59 52.64 14.00
C PRO C 304 -1.91 52.32 15.45
N ASN C 305 -3.12 51.89 15.77
CA ASN C 305 -3.48 51.66 17.17
C ASN C 305 -2.68 50.51 17.76
N ASN C 306 -2.40 50.61 19.06
CA ASN C 306 -1.67 49.59 19.82
C ASN C 306 -2.70 48.77 20.59
N ASN C 307 -3.16 47.68 19.98
CA ASN C 307 -4.27 46.91 20.51
C ASN C 307 -3.81 45.92 21.58
N THR C 308 -4.74 45.58 22.47
CA THR C 308 -4.52 44.61 23.53
C THR C 308 -5.58 43.52 23.45
N ARG C 309 -5.17 42.28 23.69
CA ARG C 309 -6.04 41.12 23.59
C ARG C 309 -6.32 40.55 24.97
N LYS C 310 -7.58 40.27 25.26
CA LYS C 310 -7.98 39.62 26.50
C LYS C 310 -8.64 38.28 26.18
N SER C 311 -8.51 37.33 27.10
CA SER C 311 -9.14 36.02 26.96
C SER C 311 -10.23 35.88 28.01
N ILE C 312 -11.43 35.53 27.58
CA ILE C 312 -12.58 35.35 28.47
C ILE C 312 -13.03 33.91 28.34
N ARG C 313 -13.07 33.20 29.47
CA ARG C 313 -13.46 31.79 29.46
C ARG C 313 -14.97 31.70 29.45
N ILE C 314 -15.55 31.29 28.32
CA ILE C 314 -17.00 31.24 28.17
C ILE C 314 -17.55 29.83 28.31
N GLY C 315 -16.71 28.86 28.65
CA GLY C 315 -17.15 27.50 28.84
C GLY C 315 -15.98 26.58 29.12
N PRO C 316 -16.25 25.29 29.28
CA PRO C 316 -15.15 24.35 29.51
C PRO C 316 -14.28 24.20 28.26
N GLY C 317 -13.07 24.73 28.32
CA GLY C 317 -12.19 24.72 27.17
C GLY C 317 -12.65 25.56 26.01
N GLN C 318 -13.30 26.70 26.29
CA GLN C 318 -13.77 27.61 25.26
C GLN C 318 -13.40 29.04 25.65
N ALA C 319 -12.61 29.70 24.81
CA ALA C 319 -12.14 31.05 25.06
C ALA C 319 -12.67 32.00 24.00
N PHE C 320 -12.89 33.24 24.41
CA PHE C 320 -13.33 34.33 23.53
C PHE C 320 -12.27 35.42 23.64
N TYR C 321 -11.72 35.82 22.51
CA TYR C 321 -10.65 36.82 22.50
C TYR C 321 -11.21 38.21 22.29
N ALA C 322 -11.38 38.95 23.37
CA ALA C 322 -11.94 40.28 23.33
C ALA C 322 -10.81 41.31 23.18
N THR C 323 -11.18 42.56 22.92
CA THR C 323 -10.21 43.65 22.81
C THR C 323 -10.20 44.41 24.13
N GLY C 324 -9.01 44.72 24.62
CA GLY C 324 -8.88 45.38 25.91
C GLY C 324 -8.88 46.88 25.75
N ASP C 325 -7.76 47.53 26.06
CA ASP C 325 -7.65 48.97 25.91
C ASP C 325 -6.40 49.29 25.10
N ILE C 326 -6.50 50.30 24.24
CA ILE C 326 -5.39 50.71 23.39
C ILE C 326 -4.38 51.51 24.20
N ILE C 327 -3.12 51.12 24.14
CA ILE C 327 -2.06 51.77 24.91
C ILE C 327 -1.52 52.97 24.13
N GLY C 328 -2.09 54.14 24.37
CA GLY C 328 -1.61 55.34 23.74
C GLY C 328 -2.78 56.11 23.14
N ASP C 329 -2.50 56.79 22.03
CA ASP C 329 -3.51 57.57 21.34
C ASP C 329 -4.22 56.72 20.29
N ILE C 330 -5.32 57.26 19.78
CA ILE C 330 -6.19 56.55 18.84
C ILE C 330 -6.20 57.32 17.53
N ARG C 331 -5.93 56.61 16.43
CA ARG C 331 -5.83 57.23 15.11
C ARG C 331 -6.43 56.30 14.07
N GLN C 332 -6.70 56.87 12.89
CA GLN C 332 -7.33 56.14 11.81
C GLN C 332 -6.32 55.33 11.00
N ALA C 333 -6.74 54.14 10.59
CA ALA C 333 -5.96 53.34 9.66
C ALA C 333 -6.05 53.94 8.26
N HIS C 334 -4.99 53.76 7.47
CA HIS C 334 -4.97 54.40 6.16
C HIS C 334 -3.94 53.73 5.27
N CYS C 335 -4.05 54.02 3.97
CA CYS C 335 -3.10 53.59 2.96
C CYS C 335 -2.53 54.78 2.21
N ASN C 336 -1.34 54.60 1.65
CA ASN C 336 -0.61 55.64 0.93
C ASN C 336 -0.16 55.09 -0.41
N VAL C 337 -0.34 55.90 -1.46
CA VAL C 337 0.22 55.62 -2.78
C VAL C 337 0.94 56.87 -3.26
N SER C 338 1.80 56.69 -4.26
CA SER C 338 2.52 57.81 -4.85
C SER C 338 1.67 58.48 -5.92
N LYS C 339 1.83 59.81 -6.03
CA LYS C 339 1.01 60.56 -6.97
C LYS C 339 1.56 60.49 -8.39
N ALA C 340 2.87 60.67 -8.55
CA ALA C 340 3.48 60.63 -9.87
C ALA C 340 3.34 59.25 -10.50
N THR C 341 3.58 58.19 -9.73
CA THR C 341 3.47 56.85 -10.27
C THR C 341 2.04 56.54 -10.70
N TRP C 342 1.06 56.94 -9.89
CA TRP C 342 -0.34 56.74 -10.26
C TRP C 342 -0.70 57.53 -11.50
N ASN C 343 -0.18 58.76 -11.62
CA ASN C 343 -0.47 59.55 -12.81
C ASN C 343 0.11 58.90 -14.06
N GLU C 344 1.35 58.39 -13.97
CA GLU C 344 1.95 57.68 -15.10
C GLU C 344 1.12 56.47 -15.48
N THR C 345 0.74 55.66 -14.49
CA THR C 345 -0.05 54.46 -14.77
C THR C 345 -1.38 54.81 -15.42
N LEU C 346 -2.05 55.85 -14.91
CA LEU C 346 -3.34 56.24 -15.47
C LEU C 346 -3.18 56.78 -16.89
N GLY C 347 -2.11 57.51 -17.16
CA GLY C 347 -1.86 57.96 -18.52
C GLY C 347 -1.64 56.80 -19.49
N LYS C 348 -0.87 55.81 -19.06
CA LYS C 348 -0.68 54.62 -19.90
C LYS C 348 -1.99 53.87 -20.12
N VAL C 349 -2.82 53.76 -19.08
CA VAL C 349 -4.10 53.09 -19.22
C VAL C 349 -4.99 53.84 -20.20
N VAL C 350 -4.99 55.18 -20.13
CA VAL C 350 -5.79 55.97 -21.05
C VAL C 350 -5.29 55.79 -22.49
N LYS C 351 -3.97 55.79 -22.68
CA LYS C 351 -3.42 55.62 -24.02
C LYS C 351 -3.83 54.26 -24.60
N GLN C 352 -3.76 53.21 -23.79
CA GLN C 352 -4.11 51.89 -24.28
C GLN C 352 -5.63 51.69 -24.41
N LEU C 353 -6.43 52.48 -23.69
CA LEU C 353 -7.88 52.42 -23.85
C LEU C 353 -8.37 53.26 -25.02
N ARG C 354 -7.54 54.19 -25.52
CA ARG C 354 -7.94 54.97 -26.68
C ARG C 354 -7.96 54.17 -27.98
N LYS C 355 -7.44 52.94 -27.96
CA LYS C 355 -7.44 52.09 -29.15
C LYS C 355 -8.73 51.33 -29.35
N HIS C 356 -9.70 51.47 -28.43
CA HIS C 356 -10.98 50.78 -28.55
C HIS C 356 -12.17 51.71 -28.73
N PHE C 357 -12.05 52.99 -28.37
CA PHE C 357 -13.23 53.84 -28.31
C PHE C 357 -13.19 55.02 -29.27
N GLY C 358 -12.00 55.41 -29.72
CA GLY C 358 -11.89 56.52 -30.64
C GLY C 358 -10.58 57.27 -30.55
N ASN C 359 -10.27 58.05 -31.58
CA ASN C 359 -8.98 58.71 -31.66
C ASN C 359 -8.96 59.95 -30.77
N ASN C 360 -10.14 60.51 -30.50
CA ASN C 360 -10.32 61.85 -29.95
C ASN C 360 -11.12 61.89 -28.66
N THR C 361 -11.83 60.82 -28.32
CA THR C 361 -12.73 60.83 -27.17
C THR C 361 -11.96 61.08 -25.88
N ILE C 362 -12.56 61.88 -25.01
CA ILE C 362 -11.98 62.24 -23.73
C ILE C 362 -12.40 61.18 -22.71
N ILE C 363 -11.47 60.81 -21.83
CA ILE C 363 -11.66 59.70 -20.91
C ILE C 363 -11.54 60.22 -19.48
N ARG C 364 -12.54 59.96 -18.67
CA ARG C 364 -12.55 60.41 -17.29
C ARG C 364 -12.90 59.25 -16.36
N PHE C 365 -12.37 59.32 -15.14
CA PHE C 365 -12.59 58.30 -14.13
C PHE C 365 -13.44 58.88 -13.00
N ALA C 366 -14.18 57.99 -12.34
CA ALA C 366 -15.02 58.37 -11.22
C ALA C 366 -15.05 57.24 -10.21
N ASN C 367 -15.46 57.58 -8.98
CA ASN C 367 -15.53 56.57 -7.93
C ASN C 367 -16.78 55.71 -8.09
N SER C 368 -16.85 54.66 -7.27
CA SER C 368 -17.96 53.72 -7.34
C SER C 368 -19.26 54.40 -6.91
N SER C 369 -20.36 53.67 -7.04
CA SER C 369 -21.69 54.21 -6.75
C SER C 369 -22.61 53.07 -6.36
N GLY C 370 -23.01 53.04 -5.08
CA GLY C 370 -24.00 52.10 -4.61
C GLY C 370 -23.49 50.69 -4.41
N GLY C 371 -24.11 49.96 -3.49
CA GLY C 371 -23.72 48.61 -3.15
C GLY C 371 -23.29 48.51 -1.70
N ASP C 372 -23.02 47.27 -1.29
CA ASP C 372 -22.54 47.03 0.06
C ASP C 372 -21.10 47.49 0.21
N LEU C 373 -20.65 47.61 1.46
CA LEU C 373 -19.33 48.18 1.74
C LEU C 373 -18.20 47.36 1.13
N GLU C 374 -18.44 46.08 0.84
CA GLU C 374 -17.40 45.27 0.22
C GLU C 374 -17.13 45.68 -1.22
N VAL C 375 -18.16 46.13 -1.94
CA VAL C 375 -18.00 46.39 -3.36
C VAL C 375 -17.74 47.87 -3.66
N THR C 376 -18.13 48.78 -2.76
CA THR C 376 -17.89 50.21 -2.97
C THR C 376 -16.53 50.65 -2.46
N THR C 377 -15.80 49.79 -1.76
CA THR C 377 -14.50 50.10 -1.20
C THR C 377 -13.48 49.04 -1.63
N HIS C 378 -12.20 49.39 -1.52
CA HIS C 378 -11.14 48.43 -1.74
C HIS C 378 -10.98 47.60 -0.47
N SER C 379 -11.34 46.32 -0.54
CA SER C 379 -11.32 45.45 0.62
C SER C 379 -10.13 44.51 0.53
N PHE C 380 -9.36 44.43 1.61
CA PHE C 380 -8.22 43.52 1.65
C PHE C 380 -7.96 43.13 3.10
N ASN C 381 -6.80 42.53 3.34
CA ASN C 381 -6.48 41.90 4.63
C ASN C 381 -4.99 42.05 4.91
N CYS C 382 -4.63 42.91 5.86
CA CYS C 382 -3.23 43.08 6.27
C CYS C 382 -2.89 42.04 7.33
N GLY C 383 -2.88 40.78 6.90
CA GLY C 383 -2.44 39.69 7.75
C GLY C 383 -3.19 39.57 9.07
N GLY C 384 -4.50 39.39 9.01
CA GLY C 384 -5.28 39.22 10.21
C GLY C 384 -6.39 40.24 10.37
N GLU C 385 -6.13 41.47 9.95
CA GLU C 385 -7.11 42.54 10.04
C GLU C 385 -7.68 42.85 8.66
N PHE C 386 -9.01 42.98 8.59
CA PHE C 386 -9.71 43.21 7.34
C PHE C 386 -9.94 44.70 7.15
N PHE C 387 -9.39 45.24 6.07
CA PHE C 387 -9.46 46.66 5.76
C PHE C 387 -10.49 46.90 4.65
N TYR C 388 -11.22 48.01 4.79
CA TYR C 388 -12.15 48.52 3.77
C TYR C 388 -11.76 49.98 3.53
N CYS C 389 -11.06 50.24 2.44
CA CYS C 389 -10.50 51.57 2.19
C CYS C 389 -11.30 52.32 1.13
N ASN C 390 -11.33 53.64 1.30
CA ASN C 390 -12.09 54.55 0.44
C ASN C 390 -11.17 55.00 -0.70
N THR C 391 -11.37 54.41 -1.89
CA THR C 391 -10.58 54.75 -3.08
C THR C 391 -11.36 55.76 -3.91
N SER C 392 -11.42 56.99 -3.42
CA SER C 392 -12.08 58.07 -4.12
C SER C 392 -11.12 59.13 -4.64
N GLY C 393 -9.94 59.27 -4.04
CA GLY C 393 -8.90 60.13 -4.54
C GLY C 393 -8.06 59.49 -5.62
N LEU C 394 -8.24 58.21 -5.88
CA LEU C 394 -7.56 57.52 -6.97
C LEU C 394 -8.29 57.69 -8.29
N PHE C 395 -9.59 57.42 -8.30
CA PHE C 395 -10.39 57.50 -9.52
C PHE C 395 -11.13 58.82 -9.55
N ASN C 396 -10.37 59.89 -9.82
CA ASN C 396 -10.91 61.24 -9.90
C ASN C 396 -10.00 62.03 -10.83
N SER C 397 -10.37 62.10 -12.11
CA SER C 397 -9.53 62.73 -13.12
C SER C 397 -10.26 62.72 -14.46
N THR C 398 -9.82 63.60 -15.35
CA THR C 398 -10.27 63.63 -16.73
C THR C 398 -9.06 63.86 -17.64
N TRP C 399 -9.15 63.33 -18.85
CA TRP C 399 -8.06 63.40 -19.82
C TRP C 399 -8.65 63.74 -21.18
N ILE C 400 -8.08 64.74 -21.84
CA ILE C 400 -8.54 65.19 -23.14
C ILE C 400 -7.42 64.99 -24.16
N SER C 401 -7.81 64.79 -25.41
CA SER C 401 -6.84 64.58 -26.48
C SER C 401 -6.77 65.79 -27.40
N ASN C 414 7.52 62.44 -4.41
CA ASN C 414 7.24 63.71 -3.74
C ASN C 414 6.02 63.61 -2.83
N ASP C 415 4.86 63.99 -3.35
CA ASP C 415 3.63 63.97 -2.59
C ASP C 415 3.06 62.56 -2.52
N SER C 416 1.98 62.41 -1.75
CA SER C 416 1.32 61.13 -1.58
C SER C 416 -0.19 61.32 -1.65
N ILE C 417 -0.88 60.23 -1.98
CA ILE C 417 -2.33 60.16 -1.92
C ILE C 417 -2.69 59.22 -0.77
N THR C 418 -3.53 59.71 0.15
CA THR C 418 -3.89 58.98 1.36
C THR C 418 -5.34 58.52 1.26
N LEU C 419 -5.55 57.23 1.53
CA LEU C 419 -6.87 56.61 1.46
C LEU C 419 -7.29 56.19 2.86
N PRO C 420 -8.30 56.82 3.46
CA PRO C 420 -8.76 56.42 4.79
C PRO C 420 -9.48 55.08 4.75
N CYS C 421 -9.17 54.22 5.71
CA CYS C 421 -9.71 52.86 5.76
C CYS C 421 -10.49 52.64 7.05
N ARG C 422 -11.31 51.60 7.02
CA ARG C 422 -12.09 51.17 8.18
C ARG C 422 -11.82 49.70 8.43
N ILE C 423 -12.09 49.27 9.66
CA ILE C 423 -11.87 47.89 10.09
C ILE C 423 -13.20 47.28 10.49
N LYS C 424 -13.46 46.08 9.99
CA LYS C 424 -14.59 45.26 10.42
C LYS C 424 -14.06 44.04 11.16
N GLN C 425 -14.92 43.45 11.99
CA GLN C 425 -14.54 42.27 12.74
C GLN C 425 -15.47 41.08 12.54
N ILE C 426 -16.68 41.30 12.00
CA ILE C 426 -17.59 40.22 11.63
C ILE C 426 -17.65 40.19 10.11
N ILE C 427 -17.24 39.07 9.52
CA ILE C 427 -16.93 38.99 8.10
C ILE C 427 -17.86 37.98 7.44
N ASN C 428 -18.50 38.39 6.34
CA ASN C 428 -19.26 37.50 5.48
C ASN C 428 -18.51 37.39 4.16
N MET C 429 -17.89 36.23 3.93
CA MET C 429 -17.08 36.00 2.74
C MET C 429 -17.89 35.32 1.65
N TRP C 430 -17.39 35.41 0.43
CA TRP C 430 -17.92 34.72 -0.75
C TRP C 430 -19.36 35.08 -1.05
N GLN C 431 -19.80 36.28 -0.64
CA GLN C 431 -21.14 36.77 -0.91
C GLN C 431 -22.21 35.79 -0.42
N ARG C 432 -21.98 35.21 0.75
CA ARG C 432 -22.89 34.22 1.31
C ARG C 432 -23.69 34.80 2.45
N ILE C 433 -24.75 34.09 2.83
CA ILE C 433 -25.62 34.47 3.93
C ILE C 433 -25.82 33.24 4.81
N GLY C 434 -25.77 33.46 6.12
CA GLY C 434 -25.97 32.40 7.09
C GLY C 434 -24.71 31.89 7.75
N GLN C 435 -23.53 32.23 7.24
CA GLN C 435 -22.27 31.83 7.84
C GLN C 435 -21.39 33.06 7.98
N ALA C 436 -21.32 33.60 9.18
CA ALA C 436 -20.46 34.74 9.47
C ALA C 436 -19.24 34.25 10.26
N MET C 437 -18.28 35.15 10.48
CA MET C 437 -17.04 34.76 11.15
C MET C 437 -16.53 35.94 11.96
N TYR C 438 -16.00 35.65 13.14
CA TYR C 438 -15.41 36.66 14.01
C TYR C 438 -13.89 36.55 13.93
N ALA C 439 -13.24 37.67 13.61
CA ALA C 439 -11.79 37.71 13.52
C ALA C 439 -11.22 38.21 14.84
N PRO C 440 -10.46 37.42 15.57
CA PRO C 440 -9.92 37.89 16.85
C PRO C 440 -8.96 39.03 16.63
N PRO C 441 -8.86 39.94 17.59
CA PRO C 441 -7.98 41.10 17.43
C PRO C 441 -6.51 40.69 17.37
N ILE C 442 -5.72 41.53 16.70
CA ILE C 442 -4.29 41.32 16.54
C ILE C 442 -3.56 42.28 17.47
N GLN C 443 -2.57 41.77 18.20
CA GLN C 443 -1.84 42.55 19.18
C GLN C 443 -0.74 43.36 18.50
N GLY C 444 -0.67 44.64 18.85
CA GLY C 444 0.37 45.51 18.33
C GLY C 444 -0.01 46.17 17.02
N VAL C 445 0.94 46.97 16.52
CA VAL C 445 0.77 47.71 15.28
C VAL C 445 1.02 46.79 14.09
N ILE C 446 0.25 46.97 13.02
CA ILE C 446 0.36 46.16 11.82
C ILE C 446 0.75 47.05 10.65
N ARG C 447 1.37 46.44 9.63
CA ARG C 447 1.81 47.15 8.45
C ARG C 447 2.10 46.12 7.36
N CYS C 448 1.43 46.23 6.22
CA CYS C 448 1.71 45.36 5.09
C CYS C 448 1.93 46.20 3.84
N VAL C 449 2.90 45.80 3.04
CA VAL C 449 3.31 46.51 1.84
C VAL C 449 3.02 45.62 0.63
N SER C 450 2.35 46.18 -0.38
CA SER C 450 1.85 45.38 -1.48
C SER C 450 2.08 46.11 -2.80
N ASN C 451 2.00 45.35 -3.89
CA ASN C 451 2.08 45.85 -5.26
C ASN C 451 0.68 45.83 -5.85
N ILE C 452 0.23 46.97 -6.38
CA ILE C 452 -0.92 46.99 -7.28
C ILE C 452 -0.41 46.59 -8.65
N THR C 453 -1.05 45.57 -9.23
CA THR C 453 -0.65 45.03 -10.53
C THR C 453 -1.81 44.97 -11.51
N GLY C 454 -2.93 45.60 -11.22
CA GLY C 454 -4.05 45.59 -12.14
C GLY C 454 -5.27 46.24 -11.54
N LEU C 455 -6.29 46.36 -12.39
CA LEU C 455 -7.56 46.97 -12.03
C LEU C 455 -8.73 46.17 -12.60
N ILE C 456 -9.89 46.34 -11.98
CA ILE C 456 -11.15 45.83 -12.48
C ILE C 456 -12.05 47.04 -12.69
N LEU C 457 -12.41 47.33 -13.94
CA LEU C 457 -13.15 48.53 -14.29
C LEU C 457 -14.51 48.18 -14.86
N THR C 458 -15.36 49.20 -14.93
CA THR C 458 -16.70 49.09 -15.48
C THR C 458 -17.03 50.41 -16.17
N ARG C 459 -17.76 50.32 -17.28
CA ARG C 459 -18.04 51.48 -18.11
C ARG C 459 -19.52 51.85 -18.00
N ASP C 460 -19.78 53.15 -17.95
CA ASP C 460 -21.14 53.67 -17.87
C ASP C 460 -21.77 53.71 -19.26
N GLY C 461 -23.04 53.36 -19.33
CA GLY C 461 -23.75 53.33 -20.60
C GLY C 461 -24.24 54.68 -21.06
N GLY C 462 -23.33 55.53 -21.52
CA GLY C 462 -23.69 56.86 -21.97
C GLY C 462 -24.24 56.89 -23.38
N SER C 463 -25.54 57.11 -23.51
CA SER C 463 -26.21 57.17 -24.81
C SER C 463 -26.36 58.62 -25.25
N THR C 464 -27.16 58.83 -26.30
CA THR C 464 -27.48 60.15 -26.84
C THR C 464 -26.23 60.92 -27.26
N ASN C 465 -25.45 60.35 -28.17
CA ASN C 465 -24.28 60.99 -28.75
C ASN C 465 -23.29 61.44 -27.66
N SER C 466 -22.77 60.46 -26.93
CA SER C 466 -21.85 60.71 -25.84
C SER C 466 -20.42 60.70 -26.38
N THR C 467 -19.76 61.85 -26.29
CA THR C 467 -18.35 61.97 -26.66
C THR C 467 -17.42 61.70 -25.48
N THR C 468 -17.96 61.38 -24.31
CA THR C 468 -17.19 61.12 -23.11
C THR C 468 -17.47 59.72 -22.60
N GLU C 469 -16.41 59.02 -22.21
CA GLU C 469 -16.52 57.69 -21.63
C GLU C 469 -16.02 57.73 -20.18
N THR C 470 -16.81 57.17 -19.28
CA THR C 470 -16.51 57.19 -17.85
C THR C 470 -16.28 55.78 -17.36
N PHE C 471 -15.16 55.56 -16.66
CA PHE C 471 -14.81 54.26 -16.11
C PHE C 471 -14.77 54.35 -14.59
N ARG C 472 -15.31 53.34 -13.93
CA ARG C 472 -15.41 53.29 -12.48
C ARG C 472 -14.91 51.94 -11.98
N PRO C 473 -14.31 51.91 -10.78
CA PRO C 473 -13.81 50.63 -10.26
C PRO C 473 -14.94 49.65 -9.98
N GLY C 474 -14.63 48.37 -10.11
CA GLY C 474 -15.61 47.32 -9.90
C GLY C 474 -15.10 46.17 -9.06
N GLY C 475 -15.73 45.02 -9.16
CA GLY C 475 -15.32 43.84 -8.42
C GLY C 475 -16.43 43.31 -7.55
N GLY C 476 -16.08 42.28 -6.78
CA GLY C 476 -17.02 41.64 -5.87
C GLY C 476 -17.08 40.15 -6.05
N ASP C 477 -16.88 39.69 -7.29
CA ASP C 477 -16.87 38.27 -7.62
C ASP C 477 -15.42 37.86 -7.83
N MET C 478 -14.97 36.87 -7.06
CA MET C 478 -13.56 36.51 -7.02
C MET C 478 -13.13 35.61 -8.15
N ARG C 479 -14.06 35.18 -9.00
CA ARG C 479 -13.68 34.45 -10.20
C ARG C 479 -12.89 35.32 -11.17
N ASP C 480 -13.14 36.63 -11.18
CA ASP C 480 -12.35 37.56 -11.97
C ASP C 480 -10.97 37.81 -11.37
N ASN C 481 -10.80 37.58 -10.07
CA ASN C 481 -9.50 37.76 -9.44
C ASN C 481 -8.52 36.68 -9.87
N TRP C 482 -9.01 35.46 -10.07
CA TRP C 482 -8.18 34.35 -10.51
C TRP C 482 -8.28 34.08 -12.00
N ARG C 483 -9.23 34.71 -12.69
CA ARG C 483 -9.24 34.69 -14.14
C ARG C 483 -8.06 35.46 -14.73
N SER C 484 -7.49 36.39 -13.97
CA SER C 484 -6.35 37.18 -14.44
C SER C 484 -5.02 36.45 -14.29
N GLU C 485 -5.01 35.30 -13.61
CA GLU C 485 -3.80 34.49 -13.47
C GLU C 485 -3.82 33.22 -14.31
N LEU C 486 -5.00 32.72 -14.68
CA LEU C 486 -5.14 31.50 -15.46
C LEU C 486 -5.54 31.78 -16.90
N TYR C 487 -5.16 32.95 -17.42
CA TYR C 487 -5.57 33.36 -18.75
C TYR C 487 -4.73 32.75 -19.86
N LYS C 488 -3.57 32.19 -19.56
CA LYS C 488 -2.65 31.66 -20.55
C LYS C 488 -2.54 30.15 -20.51
N TYR C 489 -3.48 29.48 -19.83
CA TYR C 489 -3.39 28.04 -19.60
C TYR C 489 -4.65 27.36 -20.13
N LYS C 490 -4.47 26.15 -20.64
CA LYS C 490 -5.61 25.31 -20.98
C LYS C 490 -5.21 23.85 -20.73
N VAL C 491 -6.22 23.00 -20.56
CA VAL C 491 -6.01 21.59 -20.21
C VAL C 491 -6.43 20.74 -21.40
N VAL C 492 -5.55 19.82 -21.81
CA VAL C 492 -5.80 18.99 -22.98
C VAL C 492 -5.62 17.52 -22.62
N LYS C 493 -6.31 16.67 -23.37
CA LYS C 493 -6.33 15.22 -23.20
C LYS C 493 -5.65 14.56 -24.39
N ILE C 494 -4.84 13.54 -24.11
CA ILE C 494 -4.01 12.91 -25.13
C ILE C 494 -4.76 11.74 -25.76
N GLU C 495 -4.68 11.65 -27.09
CA GLU C 495 -5.25 10.56 -27.87
C GLU C 495 -4.12 9.87 -28.63
N PRO C 496 -3.54 8.81 -28.06
CA PRO C 496 -2.31 8.25 -28.63
C PRO C 496 -2.53 7.17 -29.70
N LEU C 497 -3.73 7.04 -30.22
CA LEU C 497 -4.06 5.99 -31.19
C LEU C 497 -4.40 6.62 -32.53
N GLY C 498 -3.79 6.11 -33.60
CA GLY C 498 -4.03 6.65 -34.93
C GLY C 498 -4.04 5.56 -35.98
N VAL C 499 -4.71 5.86 -37.08
CA VAL C 499 -4.82 4.93 -38.22
C VAL C 499 -4.46 5.69 -39.50
N ALA C 500 -3.60 5.10 -40.32
CA ALA C 500 -3.15 5.76 -41.53
C ALA C 500 -2.98 4.73 -42.63
N PRO C 501 -3.02 5.14 -43.91
CA PRO C 501 -2.83 4.18 -44.99
C PRO C 501 -1.36 3.94 -45.33
N THR C 502 -1.03 2.66 -45.56
CA THR C 502 0.31 2.25 -45.97
C THR C 502 0.19 1.06 -46.92
N ARG C 503 1.24 0.85 -47.73
CA ARG C 503 1.28 -0.32 -48.59
C ARG C 503 1.46 -1.63 -47.83
N CYS C 504 1.80 -1.57 -46.54
CA CYS C 504 2.16 -2.77 -45.80
C CYS C 504 0.94 -3.63 -45.54
N LYS C 505 1.08 -4.94 -45.72
CA LYS C 505 0.01 -5.91 -45.49
C LYS C 505 0.47 -6.95 -44.48
N ARG C 506 -0.43 -7.34 -43.59
CA ARG C 506 -0.14 -8.36 -42.59
C ARG C 506 -0.07 -9.73 -43.26
N ARG C 507 0.99 -10.47 -42.96
CA ARG C 507 1.18 -11.80 -43.54
C ARG C 507 0.53 -12.87 -42.68
N PHE D 11 11.44 -16.40 -2.97
CA PHE D 11 11.27 -14.95 -2.96
C PHE D 11 12.48 -14.29 -2.29
N LEU D 12 13.30 -13.61 -3.09
CA LEU D 12 14.50 -12.91 -2.62
C LEU D 12 15.50 -13.88 -1.99
N GLY D 13 15.46 -15.14 -2.42
CA GLY D 13 16.32 -16.15 -1.85
C GLY D 13 17.74 -16.16 -2.37
N ALA D 14 18.02 -15.49 -3.48
CA ALA D 14 19.36 -15.43 -4.05
C ALA D 14 20.01 -14.07 -3.83
N ALA D 15 19.59 -13.34 -2.79
CA ALA D 15 20.12 -12.00 -2.54
C ALA D 15 21.60 -12.00 -2.20
N GLY D 16 22.11 -13.09 -1.63
CA GLY D 16 23.51 -13.18 -1.25
C GLY D 16 24.38 -13.98 -2.19
N SER D 17 23.83 -14.55 -3.25
CA SER D 17 24.58 -15.34 -4.20
C SER D 17 25.17 -14.44 -5.29
N THR D 18 26.07 -15.02 -6.08
CA THR D 18 26.64 -14.31 -7.21
C THR D 18 25.56 -14.00 -8.24
N MET D 19 25.90 -13.09 -9.16
CA MET D 19 24.95 -12.71 -10.21
C MET D 19 24.61 -13.89 -11.10
N GLY D 20 25.61 -14.70 -11.46
CA GLY D 20 25.36 -15.84 -12.32
C GLY D 20 24.47 -16.89 -11.69
N ALA D 21 24.68 -17.20 -10.41
CA ALA D 21 23.82 -18.14 -9.71
C ALA D 21 22.38 -17.63 -9.63
N ALA D 22 22.20 -16.34 -9.38
CA ALA D 22 20.87 -15.75 -9.32
C ALA D 22 20.21 -15.61 -10.68
N SER D 23 20.98 -15.64 -11.76
CA SER D 23 20.40 -15.58 -13.11
C SER D 23 19.69 -16.87 -13.50
N MET D 24 19.92 -17.98 -12.78
CA MET D 24 19.27 -19.24 -13.08
C MET D 24 17.91 -19.39 -12.42
N THR D 25 17.54 -18.51 -11.49
CA THR D 25 16.36 -18.66 -10.66
C THR D 25 15.56 -17.36 -10.61
N LEU D 26 15.31 -16.76 -11.78
CA LEU D 26 14.58 -15.49 -11.81
C LEU D 26 13.07 -15.67 -11.74
N THR D 27 12.56 -16.90 -11.81
CA THR D 27 11.12 -17.14 -11.86
C THR D 27 10.43 -16.63 -10.60
N LEU D 57 -14.30 6.58 5.45
CA LEU D 57 -14.65 5.22 5.85
C LEU D 57 -14.11 4.92 7.24
N THR D 58 -13.26 3.91 7.35
CA THR D 58 -12.62 3.53 8.60
C THR D 58 -11.11 3.62 8.44
N VAL D 59 -10.40 3.44 9.56
CA VAL D 59 -8.95 3.57 9.53
C VAL D 59 -8.33 2.46 8.69
N TRP D 60 -8.78 1.22 8.88
CA TRP D 60 -8.22 0.09 8.15
C TRP D 60 -8.74 0.00 6.72
N GLY D 61 -9.99 0.36 6.48
CA GLY D 61 -10.57 0.29 5.15
C GLY D 61 -9.95 1.26 4.16
N ILE D 62 -9.60 2.46 4.61
CA ILE D 62 -8.87 3.40 3.78
C ILE D 62 -7.47 2.89 3.46
N LYS D 63 -6.78 2.28 4.43
CA LYS D 63 -5.44 1.78 4.20
C LYS D 63 -5.40 0.59 3.25
N GLN D 64 -6.42 -0.26 3.25
CA GLN D 64 -6.47 -1.39 2.32
C GLN D 64 -6.55 -0.96 0.86
N LEU D 65 -7.39 0.05 0.57
CA LEU D 65 -7.61 0.49 -0.80
C LEU D 65 -6.34 1.08 -1.41
N GLN D 66 -5.59 1.86 -0.63
CA GLN D 66 -4.36 2.45 -1.13
C GLN D 66 -3.34 1.36 -1.49
N ALA D 67 -3.26 0.32 -0.67
CA ALA D 67 -2.37 -0.79 -0.98
C ALA D 67 -2.76 -1.48 -2.28
N ARG D 68 -4.06 -1.72 -2.48
CA ARG D 68 -4.50 -2.34 -3.72
C ARG D 68 -4.15 -1.49 -4.94
N VAL D 69 -4.40 -0.17 -4.84
CA VAL D 69 -4.11 0.72 -5.97
C VAL D 69 -2.61 0.75 -6.25
N LEU D 70 -1.78 0.79 -5.20
CA LEU D 70 -0.34 0.80 -5.37
C LEU D 70 0.15 -0.46 -6.07
N ALA D 71 -0.37 -1.63 -5.66
CA ALA D 71 0.04 -2.88 -6.29
C ALA D 71 -0.31 -2.87 -7.79
N VAL D 72 -1.53 -2.45 -8.12
CA VAL D 72 -1.93 -2.43 -9.53
C VAL D 72 -1.05 -1.47 -10.32
N GLU D 73 -0.77 -0.29 -9.75
CA GLU D 73 0.08 0.68 -10.44
C GLU D 73 1.47 0.12 -10.73
N ARG D 74 2.08 -0.51 -9.73
CA ARG D 74 3.43 -1.04 -9.91
C ARG D 74 3.45 -2.14 -10.97
N TYR D 75 2.48 -3.05 -10.93
CA TYR D 75 2.44 -4.12 -11.92
C TYR D 75 2.32 -3.54 -13.33
N LEU D 76 1.41 -2.59 -13.52
CA LEU D 76 1.21 -2.02 -14.86
C LEU D 76 2.44 -1.27 -15.33
N ARG D 77 3.10 -0.54 -14.43
CA ARG D 77 4.30 0.21 -14.82
C ARG D 77 5.41 -0.73 -15.29
N ASP D 78 5.65 -1.79 -14.51
CA ASP D 78 6.69 -2.74 -14.93
C ASP D 78 6.35 -3.41 -16.26
N GLN D 79 5.10 -3.82 -16.45
CA GLN D 79 4.73 -4.47 -17.70
C GLN D 79 4.89 -3.52 -18.88
N GLN D 80 4.51 -2.25 -18.73
CA GLN D 80 4.65 -1.29 -19.82
C GLN D 80 6.13 -1.04 -20.15
N LEU D 81 6.96 -0.91 -19.11
CA LEU D 81 8.39 -0.69 -19.33
C LEU D 81 9.02 -1.86 -20.06
N LEU D 82 8.65 -3.09 -19.69
CA LEU D 82 9.13 -4.25 -20.45
C LEU D 82 8.62 -4.23 -21.87
N GLY D 83 7.35 -3.87 -22.06
CA GLY D 83 6.76 -3.93 -23.40
C GLY D 83 7.41 -2.99 -24.38
N ILE D 84 7.73 -1.77 -23.95
CA ILE D 84 8.22 -0.78 -24.90
C ILE D 84 9.63 -1.12 -25.37
N TRP D 85 10.29 -2.07 -24.71
CA TRP D 85 11.61 -2.52 -25.12
C TRP D 85 11.58 -3.75 -26.03
N GLY D 86 10.40 -4.31 -26.29
CA GLY D 86 10.30 -5.54 -27.04
C GLY D 86 10.58 -6.79 -26.24
N CYS D 87 10.57 -6.70 -24.90
CA CYS D 87 10.94 -7.80 -24.03
C CYS D 87 9.74 -8.42 -23.34
N SER D 88 8.53 -8.20 -23.86
CA SER D 88 7.33 -8.69 -23.21
C SER D 88 7.26 -10.22 -23.29
N GLY D 89 6.82 -10.84 -22.21
CA GLY D 89 6.67 -12.28 -22.16
C GLY D 89 7.93 -13.06 -21.88
N LYS D 90 9.01 -12.39 -21.47
CA LYS D 90 10.28 -13.05 -21.22
C LYS D 90 10.83 -12.62 -19.87
N LEU D 91 11.64 -13.48 -19.27
CA LEU D 91 12.39 -13.15 -18.07
C LEU D 91 13.84 -12.78 -18.34
N ILE D 92 14.45 -13.32 -19.38
CA ILE D 92 15.75 -12.89 -19.87
C ILE D 92 15.56 -12.51 -21.34
N CYS D 93 15.89 -11.27 -21.68
CA CYS D 93 15.60 -10.72 -23.00
C CYS D 93 16.87 -10.14 -23.58
N CYS D 94 17.20 -10.54 -24.81
CA CYS D 94 18.39 -10.05 -25.48
C CYS D 94 18.06 -8.81 -26.29
N THR D 95 18.89 -7.78 -26.15
CA THR D 95 18.65 -6.49 -26.79
C THR D 95 19.66 -6.29 -27.91
N ASN D 96 19.59 -5.12 -28.54
CA ASN D 96 20.37 -4.79 -29.73
C ASN D 96 21.18 -3.52 -29.50
N VAL D 97 21.54 -3.25 -28.25
CA VAL D 97 22.24 -2.03 -27.86
C VAL D 97 23.61 -2.42 -27.33
N PRO D 98 24.70 -2.00 -27.97
CA PRO D 98 26.03 -2.38 -27.48
C PRO D 98 26.34 -1.75 -26.14
N TRP D 99 27.17 -2.44 -25.36
CA TRP D 99 27.54 -1.98 -24.03
C TRP D 99 28.68 -0.98 -24.13
N ASN D 100 28.46 0.22 -23.60
CA ASN D 100 29.47 1.27 -23.60
C ASN D 100 30.42 1.06 -22.43
N SER D 101 31.71 1.02 -22.72
CA SER D 101 32.72 0.73 -21.71
C SER D 101 32.80 1.79 -20.63
N SER D 102 32.24 2.98 -20.85
CA SER D 102 32.23 4.00 -19.82
C SER D 102 31.22 3.71 -18.72
N TRP D 103 30.24 2.85 -18.98
CA TRP D 103 29.30 2.45 -17.93
C TRP D 103 29.98 1.55 -16.91
N SER D 104 30.73 0.56 -17.36
CA SER D 104 31.48 -0.34 -16.50
C SER D 104 32.54 -1.08 -17.31
N ASN D 105 33.80 -1.01 -16.87
CA ASN D 105 34.92 -1.54 -17.64
C ASN D 105 35.41 -2.90 -17.15
N ARG D 106 34.71 -3.52 -16.21
CA ARG D 106 35.14 -4.81 -15.71
C ARG D 106 34.93 -5.90 -16.75
N ASN D 107 35.66 -7.00 -16.58
CA ASN D 107 35.52 -8.18 -17.43
C ASN D 107 34.32 -8.99 -16.97
N LEU D 108 33.91 -9.96 -17.80
CA LEU D 108 32.75 -10.78 -17.50
C LEU D 108 33.00 -11.79 -16.39
N SER D 109 34.26 -11.99 -16.00
CA SER D 109 34.60 -12.90 -14.92
C SER D 109 34.41 -12.30 -13.55
N GLU D 110 34.60 -10.99 -13.39
CA GLU D 110 34.42 -10.32 -12.11
C GLU D 110 33.05 -9.66 -11.98
N ILE D 111 32.16 -9.90 -12.94
CA ILE D 111 30.78 -9.45 -12.86
C ILE D 111 29.84 -10.58 -12.48
N TRP D 112 29.88 -11.68 -13.22
CA TRP D 112 28.98 -12.80 -13.01
C TRP D 112 29.51 -13.82 -12.01
N ASP D 113 30.75 -13.70 -11.57
CA ASP D 113 31.33 -14.65 -10.63
C ASP D 113 31.89 -14.00 -9.37
N ASN D 114 31.80 -12.69 -9.24
CA ASN D 114 32.39 -12.00 -8.10
C ASN D 114 31.48 -10.95 -7.46
N MET D 115 30.33 -10.64 -8.03
CA MET D 115 29.45 -9.62 -7.49
C MET D 115 28.07 -10.21 -7.20
N THR D 116 27.28 -9.43 -6.47
CA THR D 116 25.86 -9.68 -6.27
C THR D 116 25.08 -8.58 -6.96
N TRP D 117 23.79 -8.84 -7.21
CA TRP D 117 22.98 -7.85 -7.91
C TRP D 117 22.85 -6.56 -7.11
N LEU D 118 22.89 -6.65 -5.77
CA LEU D 118 22.91 -5.44 -4.96
C LEU D 118 24.20 -4.66 -5.10
N GLN D 119 25.33 -5.35 -5.28
CA GLN D 119 26.59 -4.67 -5.55
C GLN D 119 26.62 -4.08 -6.95
N TRP D 120 26.08 -4.81 -7.94
CA TRP D 120 26.04 -4.31 -9.30
C TRP D 120 25.14 -3.09 -9.42
N ASP D 121 24.01 -3.08 -8.71
CA ASP D 121 23.10 -1.93 -8.79
C ASP D 121 23.75 -0.65 -8.28
N LYS D 122 24.71 -0.76 -7.37
CA LYS D 122 25.38 0.43 -6.84
C LYS D 122 26.35 1.05 -7.86
N GLU D 123 26.80 0.26 -8.84
CA GLU D 123 27.80 0.76 -9.78
C GLU D 123 27.16 1.50 -10.94
N ILE D 124 26.14 0.91 -11.56
CA ILE D 124 25.55 1.46 -12.78
C ILE D 124 24.26 2.23 -12.49
N SER D 125 24.07 2.68 -11.25
CA SER D 125 22.84 3.40 -10.92
C SER D 125 22.73 4.74 -11.62
N ASN D 126 23.85 5.39 -11.95
CA ASN D 126 23.82 6.69 -12.59
C ASN D 126 23.49 6.62 -14.08
N TYR D 127 23.64 5.46 -14.71
CA TYR D 127 23.48 5.32 -16.15
C TYR D 127 22.21 4.59 -16.54
N THR D 128 21.30 4.33 -15.61
CA THR D 128 20.12 3.52 -15.88
C THR D 128 19.21 4.19 -16.92
N GLN D 129 18.97 5.50 -16.77
CA GLN D 129 18.03 6.19 -17.63
C GLN D 129 18.56 6.31 -19.06
N ILE D 130 19.88 6.46 -19.21
CA ILE D 130 20.49 6.51 -20.54
C ILE D 130 20.23 5.21 -21.29
N ILE D 131 20.50 4.09 -20.62
CA ILE D 131 20.28 2.78 -21.22
C ILE D 131 18.79 2.58 -21.51
N TYR D 132 17.93 3.06 -20.61
CA TYR D 132 16.50 2.91 -20.81
C TYR D 132 16.01 3.67 -22.05
N GLY D 133 16.54 4.87 -22.28
CA GLY D 133 16.20 5.59 -23.49
C GLY D 133 16.75 4.94 -24.74
N LEU D 134 17.98 4.42 -24.65
CA LEU D 134 18.60 3.74 -25.79
C LEU D 134 17.79 2.52 -26.20
N LEU D 135 17.29 1.76 -25.23
CA LEU D 135 16.49 0.57 -25.54
C LEU D 135 15.22 0.95 -26.29
N GLU D 136 14.57 2.04 -25.87
CA GLU D 136 13.33 2.48 -26.51
C GLU D 136 13.58 2.92 -27.95
N GLU D 137 14.64 3.70 -28.16
CA GLU D 137 14.98 4.11 -29.53
C GLU D 137 15.29 2.91 -30.40
N SER D 138 16.05 1.95 -29.86
CA SER D 138 16.38 0.75 -30.61
C SER D 138 15.13 -0.05 -30.99
N GLN D 139 14.17 -0.19 -30.08
CA GLN D 139 12.96 -0.93 -30.41
C GLN D 139 12.11 -0.20 -31.44
N ASN D 140 12.03 1.13 -31.36
CA ASN D 140 11.29 1.88 -32.37
C ASN D 140 11.91 1.71 -33.75
N GLN D 141 13.25 1.72 -33.83
CA GLN D 141 13.91 1.48 -35.11
C GLN D 141 13.57 0.10 -35.66
N GLN D 142 13.50 -0.90 -34.78
CA GLN D 142 13.14 -2.25 -35.21
C GLN D 142 11.72 -2.30 -35.77
N GLU D 143 10.79 -1.61 -35.10
CA GLU D 143 9.41 -1.55 -35.59
C GLU D 143 9.34 -0.93 -36.98
N LYS D 144 10.06 0.19 -37.16
CA LYS D 144 10.07 0.85 -38.46
C LYS D 144 10.68 -0.06 -39.53
N ASN D 145 11.76 -0.76 -39.20
CA ASN D 145 12.39 -1.66 -40.16
C ASN D 145 11.48 -2.80 -40.54
N GLU D 146 10.74 -3.35 -39.58
CA GLU D 146 9.79 -4.41 -39.89
C GLU D 146 8.69 -3.91 -40.81
N GLN D 147 8.19 -2.70 -40.56
CA GLN D 147 7.21 -2.11 -41.46
C GLN D 147 7.78 -1.96 -42.87
N ASP D 148 9.02 -1.48 -42.97
CA ASP D 148 9.65 -1.31 -44.28
C ASP D 148 9.80 -2.65 -45.00
N LEU D 149 10.17 -3.70 -44.26
CA LEU D 149 10.29 -5.03 -44.86
C LEU D 149 8.94 -5.51 -45.38
N LEU D 150 7.87 -5.30 -44.62
CA LEU D 150 6.55 -5.71 -45.08
C LEU D 150 6.05 -4.85 -46.24
N ALA D 151 6.59 -3.64 -46.40
CA ALA D 151 6.11 -2.74 -47.45
C ALA D 151 6.34 -3.31 -48.84
N LEU D 152 7.52 -3.88 -49.11
CA LEU D 152 7.84 -4.40 -50.43
C LEU D 152 7.16 -5.75 -50.67
N LEU E 39 -8.89 -35.82 -28.84
CA LEU E 39 -9.37 -34.47 -28.58
C LEU E 39 -8.44 -33.75 -27.63
N TRP E 40 -8.39 -32.42 -27.73
CA TRP E 40 -7.46 -31.61 -26.95
C TRP E 40 -8.20 -30.43 -26.34
N VAL E 41 -7.62 -29.91 -25.26
CA VAL E 41 -8.22 -28.79 -24.53
C VAL E 41 -7.99 -27.51 -25.32
N THR E 42 -9.06 -26.72 -25.49
CA THR E 42 -9.00 -25.45 -26.19
C THR E 42 -9.62 -24.39 -25.31
N VAL E 43 -8.97 -23.22 -25.26
CA VAL E 43 -9.31 -22.15 -24.34
C VAL E 43 -10.06 -21.06 -25.10
N TYR E 44 -11.21 -20.64 -24.56
CA TYR E 44 -12.00 -19.56 -25.12
C TYR E 44 -12.17 -18.47 -24.08
N TYR E 45 -11.98 -17.22 -24.49
CA TYR E 45 -12.18 -16.05 -23.64
C TYR E 45 -13.30 -15.21 -24.26
N GLY E 46 -14.43 -15.15 -23.57
CA GLY E 46 -15.60 -14.49 -24.12
C GLY E 46 -16.79 -15.41 -24.26
N VAL E 47 -16.85 -16.43 -23.40
CA VAL E 47 -17.97 -17.37 -23.43
C VAL E 47 -19.15 -16.75 -22.67
N PRO E 48 -20.39 -17.04 -23.07
CA PRO E 48 -21.58 -16.52 -22.35
C PRO E 48 -22.05 -17.43 -21.20
N VAL E 49 -21.33 -17.37 -20.09
CA VAL E 49 -21.66 -18.13 -18.88
C VAL E 49 -21.72 -17.16 -17.70
N TRP E 50 -22.60 -17.47 -16.75
CA TRP E 50 -22.82 -16.60 -15.61
C TRP E 50 -23.13 -17.45 -14.37
N LYS E 51 -22.97 -16.83 -13.21
CA LYS E 51 -23.35 -17.43 -11.94
C LYS E 51 -24.03 -16.39 -11.07
N ASP E 52 -24.79 -16.86 -10.08
CA ASP E 52 -25.43 -15.93 -9.16
C ASP E 52 -24.39 -15.24 -8.29
N ALA E 53 -24.59 -13.95 -8.07
CA ALA E 53 -23.60 -13.13 -7.37
C ALA E 53 -24.31 -12.08 -6.52
N GLU E 54 -23.50 -11.24 -5.88
CA GLU E 54 -24.01 -10.18 -5.02
C GLU E 54 -23.04 -9.00 -5.12
N THR E 55 -23.56 -7.85 -5.54
CA THR E 55 -22.72 -6.67 -5.71
C THR E 55 -23.54 -5.42 -5.41
N THR E 56 -22.87 -4.28 -5.38
CA THR E 56 -23.51 -3.00 -5.09
C THR E 56 -23.91 -2.33 -6.41
N LEU E 57 -25.18 -1.97 -6.52
CA LEU E 57 -25.71 -1.33 -7.72
C LEU E 57 -25.81 0.17 -7.50
N PHE E 58 -25.62 0.91 -8.59
CA PHE E 58 -25.69 2.38 -8.55
C PHE E 58 -26.93 2.87 -9.29
N CYS E 59 -27.22 4.16 -9.14
CA CYS E 59 -28.42 4.75 -9.68
C CYS E 59 -28.35 4.90 -11.20
N ALA E 60 -29.48 5.35 -11.76
CA ALA E 60 -29.51 6.02 -13.07
C ALA E 60 -30.80 6.85 -13.08
N SER E 61 -30.65 8.15 -12.86
CA SER E 61 -31.81 9.03 -12.86
C SER E 61 -31.44 10.41 -13.38
N HIS E 71 -34.77 20.56 -4.99
CA HIS E 71 -34.69 19.96 -3.66
C HIS E 71 -35.65 18.78 -3.52
N ASN E 72 -35.10 17.62 -3.17
CA ASN E 72 -35.89 16.42 -2.96
C ASN E 72 -35.13 15.51 -1.99
N VAL E 73 -35.88 14.70 -1.26
CA VAL E 73 -35.27 13.83 -0.26
C VAL E 73 -34.30 12.85 -0.91
N TRP E 74 -34.72 12.25 -2.02
CA TRP E 74 -33.89 11.31 -2.77
C TRP E 74 -33.11 12.10 -3.82
N ALA E 75 -31.80 12.17 -3.65
CA ALA E 75 -30.94 13.00 -4.49
C ALA E 75 -30.75 12.37 -5.86
N THR E 76 -31.79 12.40 -6.69
CA THR E 76 -31.71 11.88 -8.05
C THR E 76 -30.83 12.72 -8.96
N HIS E 77 -30.51 13.95 -8.57
CA HIS E 77 -29.62 14.79 -9.34
C HIS E 77 -28.15 14.39 -9.22
N ALA E 78 -27.78 13.73 -8.12
CA ALA E 78 -26.41 13.27 -7.91
C ALA E 78 -26.17 11.87 -8.46
N CYS E 79 -27.21 11.04 -8.51
CA CYS E 79 -27.10 9.74 -9.16
C CYS E 79 -26.85 9.91 -10.65
N VAL E 80 -26.13 8.95 -11.23
CA VAL E 80 -25.59 9.09 -12.58
C VAL E 80 -26.70 9.26 -13.61
N PRO E 81 -26.47 9.99 -14.70
CA PRO E 81 -27.52 10.21 -15.70
C PRO E 81 -27.96 8.91 -16.36
N THR E 82 -29.22 8.87 -16.77
CA THR E 82 -29.83 7.72 -17.41
C THR E 82 -29.52 7.70 -18.91
N ASP E 83 -29.30 6.50 -19.44
CA ASP E 83 -29.12 6.34 -20.87
C ASP E 83 -30.43 6.66 -21.59
N PRO E 84 -30.39 7.54 -22.60
CA PRO E 84 -31.63 7.84 -23.35
C PRO E 84 -32.17 6.66 -24.13
N ASN E 85 -31.35 5.65 -24.43
CA ASN E 85 -31.79 4.49 -25.20
C ASN E 85 -31.83 3.27 -24.31
N PRO E 86 -33.01 2.68 -24.07
CA PRO E 86 -33.08 1.46 -23.24
C PRO E 86 -32.53 0.27 -24.01
N GLN E 87 -31.45 -0.32 -23.50
CA GLN E 87 -30.81 -1.46 -24.13
C GLN E 87 -31.29 -2.75 -23.48
N GLU E 88 -31.74 -3.69 -24.30
CA GLU E 88 -32.32 -4.93 -23.80
C GLU E 88 -32.15 -6.01 -24.86
N ILE E 89 -31.67 -7.19 -24.44
CA ILE E 89 -31.41 -8.30 -25.35
C ILE E 89 -32.25 -9.48 -24.91
N HIS E 90 -33.17 -9.93 -25.76
CA HIS E 90 -33.93 -11.14 -25.49
C HIS E 90 -33.01 -12.35 -25.56
N LEU E 91 -33.20 -13.29 -24.64
CA LEU E 91 -32.36 -14.49 -24.56
C LEU E 91 -33.20 -15.68 -24.98
N GLU E 92 -32.81 -16.31 -26.08
CA GLU E 92 -33.59 -17.39 -26.68
C GLU E 92 -33.10 -18.76 -26.20
N ASN E 93 -34.06 -19.66 -25.99
CA ASN E 93 -33.77 -21.04 -25.61
C ASN E 93 -32.97 -21.14 -24.32
N VAL E 94 -33.32 -20.31 -23.34
CA VAL E 94 -32.72 -20.36 -22.02
C VAL E 94 -33.80 -20.15 -20.97
N THR E 95 -33.72 -20.92 -19.88
CA THR E 95 -34.65 -20.80 -18.76
C THR E 95 -33.83 -20.54 -17.51
N GLU E 96 -34.24 -19.57 -16.70
CA GLU E 96 -33.51 -19.21 -15.50
C GLU E 96 -34.40 -19.34 -14.27
N GLU E 97 -33.82 -19.83 -13.18
CA GLU E 97 -34.55 -19.98 -11.93
C GLU E 97 -34.50 -18.66 -11.17
N PHE E 98 -35.65 -18.22 -10.66
CA PHE E 98 -35.78 -16.97 -9.94
C PHE E 98 -36.30 -17.24 -8.53
N ASN E 99 -35.92 -16.38 -7.59
CA ASN E 99 -36.41 -16.43 -6.22
C ASN E 99 -36.79 -15.01 -5.81
N MET E 100 -38.09 -14.77 -5.66
CA MET E 100 -38.57 -13.45 -5.29
C MET E 100 -38.26 -13.10 -3.85
N TRP E 101 -38.23 -14.09 -2.96
CA TRP E 101 -38.18 -13.85 -1.52
C TRP E 101 -36.77 -13.89 -0.96
N LYS E 102 -35.75 -14.03 -1.81
CA LYS E 102 -34.36 -13.96 -1.38
C LYS E 102 -33.56 -13.09 -2.35
N ASN E 103 -34.09 -11.91 -2.66
CA ASN E 103 -33.43 -10.97 -3.56
C ASN E 103 -32.67 -9.92 -2.74
N ASN E 104 -31.37 -9.79 -3.01
CA ASN E 104 -30.53 -8.83 -2.30
C ASN E 104 -30.75 -7.39 -2.76
N MET E 105 -31.32 -7.21 -3.95
CA MET E 105 -31.68 -5.88 -4.40
C MET E 105 -32.65 -5.21 -3.44
N VAL E 106 -33.53 -5.98 -2.81
CA VAL E 106 -34.48 -5.44 -1.85
C VAL E 106 -33.74 -4.85 -0.65
N GLU E 107 -32.76 -5.60 -0.12
CA GLU E 107 -31.99 -5.12 1.02
C GLU E 107 -31.19 -3.88 0.66
N GLN E 108 -30.56 -3.87 -0.52
CA GLN E 108 -29.81 -2.68 -0.92
C GLN E 108 -30.72 -1.47 -1.07
N MET E 109 -31.90 -1.65 -1.65
CA MET E 109 -32.84 -0.54 -1.79
C MET E 109 -33.29 -0.03 -0.43
N HIS E 110 -33.58 -0.94 0.50
CA HIS E 110 -33.96 -0.52 1.86
C HIS E 110 -32.87 0.32 2.49
N THR E 111 -31.63 -0.18 2.45
CA THR E 111 -30.52 0.54 3.08
C THR E 111 -30.32 1.90 2.44
N ASP E 112 -30.37 1.97 1.11
CA ASP E 112 -30.16 3.24 0.42
C ASP E 112 -31.26 4.25 0.74
N ILE E 113 -32.51 3.80 0.78
CA ILE E 113 -33.62 4.71 1.10
C ILE E 113 -33.46 5.24 2.52
N ILE E 114 -33.13 4.37 3.47
CA ILE E 114 -32.96 4.81 4.86
C ILE E 114 -31.81 5.80 4.97
N SER E 115 -30.68 5.51 4.31
CA SER E 115 -29.53 6.41 4.38
C SER E 115 -29.84 7.76 3.75
N LEU E 116 -30.55 7.78 2.63
CA LEU E 116 -30.91 9.04 1.99
C LEU E 116 -31.84 9.86 2.87
N TRP E 117 -32.82 9.19 3.51
CA TRP E 117 -33.67 9.87 4.48
C TRP E 117 -32.86 10.50 5.60
N ASP E 118 -31.91 9.74 6.16
CA ASP E 118 -31.10 10.26 7.25
C ASP E 118 -30.25 11.44 6.79
N GLN E 119 -29.67 11.35 5.60
CA GLN E 119 -28.80 12.41 5.10
C GLN E 119 -29.57 13.70 4.83
N SER E 120 -30.80 13.60 4.33
CA SER E 120 -31.56 14.80 4.01
C SER E 120 -32.01 15.59 5.25
N LEU E 121 -31.79 15.05 6.46
CA LEU E 121 -32.25 15.69 7.69
C LEU E 121 -31.13 16.32 8.50
N LYS E 122 -29.90 16.33 8.00
CA LYS E 122 -28.77 16.82 8.78
C LYS E 122 -28.70 18.35 8.86
N PRO E 123 -28.85 19.10 7.76
CA PRO E 123 -28.75 20.56 7.85
C PRO E 123 -29.98 21.27 8.36
N CYS E 124 -30.99 20.56 8.85
CA CYS E 124 -32.24 21.18 9.26
C CYS E 124 -32.20 21.59 10.73
N VAL E 125 -33.21 22.34 11.14
CA VAL E 125 -33.26 22.90 12.48
C VAL E 125 -33.54 21.80 13.50
N LYS E 126 -32.86 21.88 14.65
CA LYS E 126 -33.08 20.96 15.76
C LYS E 126 -33.99 21.61 16.78
N LEU E 127 -35.11 20.96 17.09
CA LEU E 127 -36.11 21.51 17.99
C LEU E 127 -35.90 21.06 19.43
N THR E 128 -34.70 21.33 19.96
CA THR E 128 -34.38 21.01 21.35
C THR E 128 -35.09 21.92 22.35
N PRO E 129 -35.29 23.22 22.08
CA PRO E 129 -36.04 24.04 23.04
C PRO E 129 -37.55 23.84 23.01
N LEU E 130 -38.05 22.98 22.12
CA LEU E 130 -39.49 22.71 22.06
C LEU E 130 -39.96 21.84 23.22
N CYS E 131 -39.06 21.06 23.83
CA CYS E 131 -39.42 20.14 24.91
C CYS E 131 -39.56 20.94 26.21
N VAL E 132 -40.72 21.55 26.37
CA VAL E 132 -41.08 22.32 27.56
C VAL E 132 -42.50 21.94 27.96
N THR E 133 -43.00 22.62 28.99
CA THR E 133 -44.38 22.41 29.43
C THR E 133 -45.30 23.36 28.67
N LEU E 134 -46.38 22.80 28.12
CA LEU E 134 -47.34 23.55 27.33
C LEU E 134 -48.67 23.62 28.05
N GLN E 135 -49.33 24.78 27.98
CA GLN E 135 -50.65 24.98 28.55
C GLN E 135 -51.66 24.91 27.41
N CYS E 136 -52.47 23.86 27.39
CA CYS E 136 -53.32 23.56 26.25
C CYS E 136 -54.80 23.66 26.61
N THR E 137 -55.60 24.04 25.62
CA THR E 137 -57.04 24.18 25.76
C THR E 137 -57.71 23.55 24.54
N ASN E 138 -58.95 23.09 24.73
CA ASN E 138 -59.71 22.52 23.63
C ASN E 138 -60.01 23.58 22.58
N VAL E 139 -60.19 23.14 21.34
CA VAL E 139 -60.48 24.03 20.22
C VAL E 139 -61.98 24.04 19.97
N THR E 140 -62.55 25.23 19.90
CA THR E 140 -63.98 25.45 19.76
C THR E 140 -64.16 26.38 18.55
N ASN E 141 -65.31 27.05 18.48
CA ASN E 141 -65.55 28.04 17.44
C ASN E 141 -65.63 27.42 16.05
N ASN E 142 -66.77 26.78 15.76
CA ASN E 142 -67.08 26.13 14.50
C ASN E 142 -66.29 24.84 14.28
N ILE E 143 -66.37 23.93 15.25
CA ILE E 143 -65.88 22.57 15.10
C ILE E 143 -67.08 21.62 15.08
N THR E 144 -66.95 20.56 14.29
CA THR E 144 -68.06 19.65 14.06
C THR E 144 -68.11 18.57 15.13
N ASP E 145 -69.05 17.63 15.01
CA ASP E 145 -69.24 16.57 15.97
C ASP E 145 -68.10 15.56 15.95
N ASP E 146 -67.60 15.20 14.76
CA ASP E 146 -66.55 14.19 14.63
C ASP E 146 -65.16 14.77 14.82
N MET E 147 -65.04 16.01 15.28
CA MET E 147 -63.76 16.67 15.49
C MET E 147 -63.74 17.36 16.84
N ARG E 148 -64.30 16.71 17.86
CA ARG E 148 -64.33 17.24 19.22
C ARG E 148 -63.16 16.65 19.99
N GLY E 149 -62.09 17.41 20.11
CA GLY E 149 -60.92 16.99 20.86
C GLY E 149 -59.72 16.57 20.04
N GLU E 150 -59.69 16.86 18.74
CA GLU E 150 -58.55 16.51 17.91
C GLU E 150 -57.52 17.61 17.78
N LEU E 151 -57.93 18.87 17.90
CA LEU E 151 -57.03 20.01 17.83
C LEU E 151 -56.95 20.68 19.19
N LYS E 152 -55.75 21.10 19.58
CA LYS E 152 -55.52 21.73 20.88
C LYS E 152 -54.72 23.01 20.71
N ASN E 153 -55.12 24.03 21.45
CA ASN E 153 -54.51 25.34 21.43
C ASN E 153 -53.54 25.43 22.61
N CYS E 154 -52.24 25.37 22.33
CA CYS E 154 -51.22 25.27 23.38
C CYS E 154 -50.33 26.50 23.36
N SER E 155 -50.17 27.13 24.52
CA SER E 155 -49.30 28.28 24.69
C SER E 155 -48.13 27.93 25.60
N PHE E 156 -46.99 28.56 25.35
CA PHE E 156 -45.76 28.25 26.06
C PHE E 156 -44.79 29.42 25.94
N ASN E 157 -43.67 29.30 26.65
CA ASN E 157 -42.58 30.27 26.61
C ASN E 157 -41.48 29.75 25.70
N MET E 158 -40.87 30.65 24.95
CA MET E 158 -39.89 30.28 23.93
C MET E 158 -38.69 31.20 24.00
N THR E 159 -37.54 30.69 23.56
CA THR E 159 -36.33 31.49 23.48
C THR E 159 -36.40 32.43 22.28
N THR E 160 -35.57 33.45 22.31
CA THR E 160 -35.51 34.45 21.25
C THR E 160 -34.12 34.45 20.61
N GLU E 161 -33.90 35.41 19.71
CA GLU E 161 -32.57 35.56 19.12
C GLU E 161 -31.57 36.11 20.10
N LEU E 162 -32.02 36.77 21.17
CA LEU E 162 -31.16 37.23 22.24
C LEU E 162 -31.24 36.27 23.41
N ARG E 163 -30.08 35.99 24.02
CA ARG E 163 -30.00 35.00 25.08
C ARG E 163 -30.63 35.47 26.40
N ASP E 164 -30.96 36.75 26.51
CA ASP E 164 -31.49 37.28 27.77
C ASP E 164 -33.00 37.12 27.90
N LYS E 165 -33.74 37.34 26.83
CA LYS E 165 -35.17 37.54 26.90
C LYS E 165 -35.92 36.40 26.23
N LYS E 166 -37.16 36.20 26.65
CA LYS E 166 -38.03 35.14 26.15
C LYS E 166 -39.34 35.71 25.64
N GLN E 167 -39.96 34.97 24.74
CA GLN E 167 -41.27 35.32 24.18
C GLN E 167 -42.32 34.35 24.69
N LYS E 168 -43.58 34.72 24.51
CA LYS E 168 -44.72 33.87 24.86
C LYS E 168 -45.51 33.61 23.59
N VAL E 169 -45.52 32.37 23.12
CA VAL E 169 -46.10 32.04 21.83
C VAL E 169 -47.14 30.93 22.02
N TYR E 170 -47.87 30.64 20.95
CA TYR E 170 -48.91 29.62 20.96
C TYR E 170 -48.95 28.94 19.60
N SER E 171 -49.52 27.74 19.58
CA SER E 171 -49.62 26.95 18.37
C SER E 171 -50.73 25.93 18.52
N LEU E 172 -51.20 25.41 17.39
CA LEU E 172 -52.21 24.37 17.36
C LEU E 172 -51.56 23.03 17.11
N PHE E 173 -51.87 22.05 17.96
CA PHE E 173 -51.30 20.72 17.89
C PHE E 173 -52.41 19.69 17.75
N TYR E 174 -52.04 18.53 17.21
CA TYR E 174 -52.96 17.41 17.10
C TYR E 174 -52.88 16.55 18.35
N ARG E 175 -54.03 16.01 18.76
CA ARG E 175 -54.11 15.25 20.00
C ARG E 175 -53.19 14.04 20.01
N LEU E 176 -52.85 13.48 18.85
CA LEU E 176 -51.94 12.36 18.79
C LEU E 176 -50.49 12.74 19.00
N ASP E 177 -50.19 14.03 19.17
CA ASP E 177 -48.82 14.50 19.32
C ASP E 177 -48.47 14.97 20.72
N VAL E 178 -49.44 15.11 21.61
CA VAL E 178 -49.22 15.67 22.94
C VAL E 178 -49.64 14.65 23.99
N VAL E 179 -48.87 14.58 25.06
CA VAL E 179 -49.16 13.72 26.21
C VAL E 179 -49.40 14.62 27.42
N GLN E 180 -50.52 14.40 28.10
CA GLN E 180 -50.87 15.19 29.28
C GLN E 180 -50.00 14.79 30.46
N ILE E 181 -49.52 15.78 31.21
CA ILE E 181 -48.76 15.52 32.42
C ILE E 181 -49.43 16.24 33.57
N ASN E 182 -49.21 15.73 34.78
CA ASN E 182 -49.83 16.30 35.97
C ASN E 182 -49.18 17.63 36.35
N ASN E 193 -56.91 24.98 33.27
CA ASN E 193 -56.78 23.95 32.24
C ASN E 193 -55.55 23.08 32.50
N LYS E 194 -55.41 22.03 31.69
CA LYS E 194 -54.37 21.03 31.91
C LYS E 194 -53.06 21.46 31.27
N GLU E 195 -52.01 20.68 31.49
CA GLU E 195 -50.71 20.95 30.91
C GLU E 195 -50.17 19.69 30.23
N TYR E 196 -49.55 19.89 29.07
CA TYR E 196 -49.12 18.79 28.22
C TYR E 196 -47.64 18.87 27.90
N ARG E 197 -47.16 17.94 27.08
CA ARG E 197 -45.80 17.98 26.56
C ARG E 197 -45.76 17.20 25.26
N LEU E 198 -44.71 17.43 24.48
CA LEU E 198 -44.58 16.70 23.23
C LEU E 198 -44.28 15.23 23.50
N ILE E 199 -44.82 14.36 22.62
CA ILE E 199 -44.78 12.92 22.86
C ILE E 199 -43.37 12.34 22.82
N ASN E 200 -42.42 13.02 22.19
CA ASN E 200 -41.08 12.48 21.96
C ASN E 200 -40.05 13.00 22.95
N CYS E 201 -40.45 13.75 23.97
CA CYS E 201 -39.51 14.44 24.85
C CYS E 201 -38.89 13.52 25.90
N ASN E 202 -39.21 12.22 25.87
CA ASN E 202 -38.54 11.29 26.76
C ASN E 202 -37.86 10.15 26.03
N THR E 203 -37.83 10.16 24.70
CA THR E 203 -37.22 9.08 23.94
C THR E 203 -36.20 9.58 22.92
N SER E 204 -36.47 10.73 22.30
CA SER E 204 -35.66 11.18 21.18
C SER E 204 -35.68 12.70 21.10
N ALA E 205 -34.96 13.23 20.12
CA ALA E 205 -34.90 14.66 19.85
C ALA E 205 -35.43 14.91 18.44
N ILE E 206 -36.41 15.80 18.33
CA ILE E 206 -37.07 16.06 17.05
C ILE E 206 -36.23 17.01 16.22
N THR E 207 -36.20 16.76 14.92
CA THR E 207 -35.62 17.66 13.94
C THR E 207 -36.72 18.12 12.99
N GLN E 208 -36.83 19.43 12.81
CA GLN E 208 -37.86 20.01 11.94
C GLN E 208 -37.44 19.78 10.49
N ALA E 209 -38.30 19.09 9.73
CA ALA E 209 -38.02 18.86 8.32
C ALA E 209 -37.92 20.17 7.57
N CYS E 210 -36.89 20.29 6.74
CA CYS E 210 -36.68 21.53 6.00
C CYS E 210 -37.85 21.76 5.04
N PRO E 211 -38.50 22.92 5.09
CA PRO E 211 -39.75 23.09 4.33
C PRO E 211 -39.56 23.13 2.83
N LYS E 212 -38.35 23.36 2.33
CA LYS E 212 -38.15 23.46 0.88
C LYS E 212 -38.17 22.10 0.21
N VAL E 213 -37.66 21.06 0.87
CA VAL E 213 -37.61 19.74 0.25
C VAL E 213 -39.03 19.19 0.10
N SER E 214 -39.20 18.32 -0.90
CA SER E 214 -40.48 17.71 -1.21
C SER E 214 -40.43 16.22 -0.97
N PHE E 215 -41.58 15.67 -0.55
CA PHE E 215 -41.69 14.25 -0.21
C PHE E 215 -42.17 13.39 -1.37
N GLU E 216 -42.34 13.97 -2.55
CA GLU E 216 -42.87 13.21 -3.68
C GLU E 216 -41.82 12.26 -4.22
N PRO E 217 -42.14 10.97 -4.36
CA PRO E 217 -41.14 10.01 -4.86
C PRO E 217 -40.77 10.27 -6.31
N ILE E 218 -39.54 9.89 -6.65
CA ILE E 218 -39.01 10.05 -8.00
C ILE E 218 -38.53 8.69 -8.49
N PRO E 219 -38.84 8.30 -9.73
CA PRO E 219 -38.39 6.99 -10.21
C PRO E 219 -36.87 6.87 -10.20
N ILE E 220 -36.39 5.69 -9.82
CA ILE E 220 -34.97 5.41 -9.73
C ILE E 220 -34.68 4.11 -10.47
N HIS E 221 -33.60 4.10 -11.25
CA HIS E 221 -33.15 2.93 -11.98
C HIS E 221 -31.85 2.43 -11.36
N TYR E 222 -31.80 1.14 -11.04
CA TYR E 222 -30.62 0.53 -10.42
C TYR E 222 -29.82 -0.20 -11.49
N CYS E 223 -28.56 0.19 -11.65
CA CYS E 223 -27.68 -0.34 -12.69
C CYS E 223 -26.66 -1.30 -12.11
N ALA E 224 -26.19 -2.22 -12.95
CA ALA E 224 -25.17 -3.19 -12.56
C ALA E 224 -23.79 -2.73 -13.03
N PRO E 225 -22.74 -3.04 -12.26
CA PRO E 225 -21.39 -2.61 -12.65
C PRO E 225 -20.82 -3.47 -13.77
N ALA E 226 -19.61 -3.13 -14.23
CA ALA E 226 -18.96 -3.90 -15.28
C ALA E 226 -18.62 -5.29 -14.79
N GLY E 227 -18.85 -6.29 -15.64
CA GLY E 227 -18.69 -7.67 -15.27
C GLY E 227 -19.92 -8.30 -14.65
N PHE E 228 -20.99 -7.54 -14.50
CA PHE E 228 -22.23 -8.04 -13.93
C PHE E 228 -23.37 -7.75 -14.89
N ALA E 229 -24.43 -8.53 -14.79
CA ALA E 229 -25.58 -8.39 -15.66
C ALA E 229 -26.86 -8.53 -14.85
N ILE E 230 -27.93 -7.94 -15.38
CA ILE E 230 -29.26 -8.01 -14.78
C ILE E 230 -30.15 -8.81 -15.72
N LEU E 231 -30.70 -9.90 -15.22
CA LEU E 231 -31.62 -10.75 -15.98
C LEU E 231 -33.05 -10.51 -15.53
N LYS E 232 -33.94 -10.46 -16.53
CA LYS E 232 -35.35 -10.18 -16.31
C LYS E 232 -36.19 -11.35 -16.81
N CYS E 233 -37.18 -11.75 -16.02
CA CYS E 233 -38.13 -12.79 -16.40
C CYS E 233 -39.33 -12.13 -17.05
N LYS E 234 -39.56 -12.44 -18.32
CA LYS E 234 -40.64 -11.83 -19.09
C LYS E 234 -41.92 -12.64 -19.11
N ASP E 235 -41.97 -13.75 -18.36
CA ASP E 235 -43.20 -14.53 -18.27
C ASP E 235 -44.28 -13.69 -17.61
N LYS E 236 -45.49 -13.74 -18.18
CA LYS E 236 -46.60 -12.90 -17.72
C LYS E 236 -47.45 -13.57 -16.66
N LYS E 237 -47.21 -14.83 -16.34
CA LYS E 237 -47.88 -15.55 -15.26
C LYS E 237 -46.89 -16.03 -14.21
N PHE E 238 -45.73 -15.39 -14.13
CA PHE E 238 -44.72 -15.78 -13.16
C PHE E 238 -45.19 -15.48 -11.75
N ASN E 239 -44.95 -16.42 -10.83
CA ASN E 239 -45.33 -16.26 -9.44
C ASN E 239 -44.14 -15.94 -8.53
N GLY E 240 -43.01 -15.55 -9.12
CA GLY E 240 -41.87 -15.07 -8.36
C GLY E 240 -40.87 -16.12 -7.94
N THR E 241 -41.23 -17.40 -7.98
CA THR E 241 -40.35 -18.47 -7.55
C THR E 241 -40.37 -19.61 -8.56
N GLY E 242 -39.17 -20.10 -8.92
CA GLY E 242 -39.06 -21.25 -9.77
C GLY E 242 -38.48 -20.95 -11.13
N PRO E 243 -38.60 -21.89 -12.07
CA PRO E 243 -38.06 -21.66 -13.41
C PRO E 243 -38.83 -20.60 -14.16
N CYS E 244 -38.15 -19.95 -15.11
CA CYS E 244 -38.75 -18.95 -15.98
C CYS E 244 -38.26 -19.21 -17.41
N PRO E 245 -39.16 -19.50 -18.35
CA PRO E 245 -38.73 -19.80 -19.73
C PRO E 245 -38.32 -18.58 -20.54
N SER E 246 -39.07 -17.49 -20.42
CA SER E 246 -38.84 -16.30 -21.23
C SER E 246 -37.96 -15.33 -20.45
N VAL E 247 -36.72 -15.15 -20.90
CA VAL E 247 -35.74 -14.34 -20.19
C VAL E 247 -35.16 -13.29 -21.14
N SER E 248 -34.78 -12.17 -20.55
CA SER E 248 -34.05 -11.13 -21.27
C SER E 248 -32.94 -10.62 -20.36
N THR E 249 -32.02 -9.85 -20.94
CA THR E 249 -30.99 -9.17 -20.17
C THR E 249 -31.16 -7.67 -20.39
N VAL E 250 -31.02 -6.91 -19.31
CA VAL E 250 -31.22 -5.46 -19.32
C VAL E 250 -30.02 -4.81 -18.64
N GLN E 251 -29.81 -3.52 -18.96
CA GLN E 251 -28.76 -2.74 -18.34
C GLN E 251 -29.21 -2.28 -16.95
N CYS E 252 -30.39 -1.66 -16.88
CA CYS E 252 -30.93 -1.08 -15.65
C CYS E 252 -32.39 -1.46 -15.46
N THR E 253 -32.84 -1.38 -14.21
CA THR E 253 -34.23 -1.61 -13.92
C THR E 253 -35.07 -0.43 -14.40
N HIS E 254 -36.38 -0.63 -14.47
CA HIS E 254 -37.26 0.44 -14.91
C HIS E 254 -37.38 1.49 -13.81
N GLY E 255 -38.21 2.49 -14.07
CA GLY E 255 -38.45 3.53 -13.08
C GLY E 255 -39.27 3.02 -11.90
N ILE E 256 -38.64 2.96 -10.73
CA ILE E 256 -39.28 2.45 -9.52
C ILE E 256 -39.41 3.61 -8.55
N LYS E 257 -40.63 3.88 -8.12
CA LYS E 257 -40.90 4.95 -7.17
C LYS E 257 -40.95 4.39 -5.76
N PRO E 258 -40.12 4.88 -4.83
CA PRO E 258 -40.18 4.38 -3.45
C PRO E 258 -41.34 5.00 -2.66
N VAL E 259 -42.54 4.43 -2.86
CA VAL E 259 -43.75 4.91 -2.22
C VAL E 259 -43.92 4.17 -0.91
N VAL E 260 -44.02 4.92 0.19
CA VAL E 260 -44.16 4.36 1.52
C VAL E 260 -45.63 4.37 1.91
N SER E 261 -46.17 3.19 2.22
CA SER E 261 -47.55 3.05 2.65
C SER E 261 -47.72 1.68 3.29
N THR E 262 -48.86 1.48 3.93
CA THR E 262 -49.17 0.22 4.61
C THR E 262 -50.55 -0.27 4.19
N GLN E 263 -50.69 -1.59 4.12
CA GLN E 263 -51.95 -2.29 3.87
C GLN E 263 -52.43 -2.14 2.44
N LEU E 264 -51.78 -1.27 1.67
CA LEU E 264 -52.22 -0.96 0.32
C LEU E 264 -51.01 -0.49 -0.47
N LEU E 265 -50.86 -1.01 -1.69
CA LEU E 265 -49.79 -0.59 -2.59
C LEU E 265 -50.32 0.48 -3.53
N LEU E 266 -49.62 1.61 -3.59
CA LEU E 266 -50.08 2.78 -4.33
C LEU E 266 -49.06 3.18 -5.38
N ASN E 267 -49.57 3.63 -6.54
CA ASN E 267 -48.76 4.19 -7.60
C ASN E 267 -47.71 3.22 -8.12
N GLY E 268 -48.03 1.93 -8.14
CA GLY E 268 -47.08 0.93 -8.57
C GLY E 268 -47.29 0.45 -10.00
N SER E 269 -47.22 -0.86 -10.20
CA SER E 269 -47.40 -1.46 -11.52
C SER E 269 -48.49 -2.53 -11.44
N LEU E 270 -49.12 -2.78 -12.58
CA LEU E 270 -50.29 -3.65 -12.65
C LEU E 270 -49.98 -4.94 -13.39
N ALA E 271 -50.65 -6.01 -12.96
CA ALA E 271 -50.52 -7.29 -13.65
C ALA E 271 -51.11 -7.20 -15.05
N GLU E 272 -50.47 -7.90 -15.99
CA GLU E 272 -50.80 -7.77 -17.39
C GLU E 272 -52.09 -8.48 -17.79
N GLU E 273 -52.32 -9.69 -17.28
CA GLU E 273 -53.50 -10.44 -17.69
C GLU E 273 -54.43 -10.78 -16.54
N GLU E 274 -53.92 -11.29 -15.42
CA GLU E 274 -54.78 -11.68 -14.31
C GLU E 274 -54.15 -11.27 -12.98
N VAL E 275 -55.00 -11.17 -11.95
CA VAL E 275 -54.54 -10.78 -10.63
C VAL E 275 -53.59 -11.84 -10.09
N MET E 276 -52.44 -11.39 -9.58
CA MET E 276 -51.42 -12.30 -9.11
C MET E 276 -51.44 -12.39 -7.58
N ILE E 277 -51.16 -13.59 -7.07
CA ILE E 277 -51.14 -13.85 -5.64
C ILE E 277 -49.85 -14.58 -5.32
N ARG E 278 -49.06 -14.03 -4.39
CA ARG E 278 -47.74 -14.54 -4.11
C ARG E 278 -47.53 -14.68 -2.61
N SER E 279 -46.79 -15.70 -2.21
CA SER E 279 -46.39 -15.90 -0.82
C SER E 279 -45.23 -16.88 -0.78
N GLU E 280 -44.43 -16.80 0.28
CA GLU E 280 -43.30 -17.72 0.43
C GLU E 280 -43.77 -19.14 0.72
N ASN E 281 -44.86 -19.28 1.47
CA ASN E 281 -45.44 -20.59 1.77
C ASN E 281 -46.94 -20.36 1.97
N ILE E 282 -47.73 -20.66 0.94
CA ILE E 282 -49.14 -20.31 0.97
C ILE E 282 -49.91 -21.11 2.01
N THR E 283 -49.36 -22.21 2.49
CA THR E 283 -49.99 -23.01 3.53
C THR E 283 -49.48 -22.66 4.93
N ASN E 284 -48.64 -21.64 5.05
CA ASN E 284 -48.14 -21.16 6.32
C ASN E 284 -48.73 -19.78 6.58
N ASN E 285 -49.35 -19.61 7.75
CA ASN E 285 -50.09 -18.40 8.06
C ASN E 285 -49.21 -17.27 8.60
N ALA E 286 -47.92 -17.51 8.82
CA ALA E 286 -47.02 -16.47 9.29
C ALA E 286 -46.43 -15.65 8.16
N LYS E 287 -46.77 -15.97 6.91
CA LYS E 287 -46.22 -15.29 5.74
C LYS E 287 -47.27 -14.34 5.15
N ASN E 288 -46.84 -13.13 4.83
CA ASN E 288 -47.72 -12.17 4.20
C ASN E 288 -48.05 -12.60 2.78
N ILE E 289 -49.27 -12.28 2.35
CA ILE E 289 -49.75 -12.62 1.02
C ILE E 289 -49.77 -11.33 0.22
N LEU E 290 -49.01 -11.29 -0.87
CA LEU E 290 -48.96 -10.11 -1.72
C LEU E 290 -49.89 -10.30 -2.92
N VAL E 291 -50.76 -9.33 -3.16
CA VAL E 291 -51.74 -9.38 -4.22
C VAL E 291 -51.46 -8.24 -5.19
N GLN E 292 -51.40 -8.58 -6.49
CA GLN E 292 -51.16 -7.62 -7.56
C GLN E 292 -52.40 -7.53 -8.42
N PHE E 293 -52.87 -6.30 -8.66
CA PHE E 293 -54.15 -6.07 -9.32
C PHE E 293 -54.01 -6.12 -10.82
N ASN E 294 -55.10 -6.55 -11.48
CA ASN E 294 -55.19 -6.45 -12.93
C ASN E 294 -55.46 -5.01 -13.35
N THR E 295 -56.34 -4.32 -12.62
CA THR E 295 -56.70 -2.94 -12.88
C THR E 295 -56.55 -2.11 -11.60
N PRO E 296 -56.21 -0.83 -11.72
CA PRO E 296 -56.06 0.01 -10.53
C PRO E 296 -57.40 0.50 -10.01
N VAL E 297 -57.41 0.94 -8.76
CA VAL E 297 -58.59 1.52 -8.13
C VAL E 297 -58.25 2.93 -7.67
N GLN E 298 -58.97 3.92 -8.19
CA GLN E 298 -58.70 5.32 -7.87
C GLN E 298 -59.20 5.64 -6.47
N ILE E 299 -58.37 6.37 -5.71
CA ILE E 299 -58.72 6.79 -4.36
C ILE E 299 -58.47 8.29 -4.23
N ASN E 300 -59.45 9.01 -3.68
CA ASN E 300 -59.37 10.47 -3.55
C ASN E 300 -59.24 10.83 -2.07
N CYS E 301 -58.12 11.42 -1.68
CA CYS E 301 -57.87 11.75 -0.28
C CYS E 301 -57.73 13.26 -0.12
N THR E 302 -58.40 13.81 0.91
CA THR E 302 -58.38 15.25 1.11
C THR E 302 -58.42 15.58 2.60
N ARG E 303 -57.90 16.76 2.92
CA ARG E 303 -58.00 17.38 4.25
C ARG E 303 -58.60 18.76 4.08
N PRO E 304 -59.89 18.95 4.38
CA PRO E 304 -60.58 20.20 4.06
C PRO E 304 -60.45 21.29 5.12
N ASN E 305 -59.21 21.66 5.45
CA ASN E 305 -58.92 22.73 6.40
C ASN E 305 -58.01 23.74 5.76
N ASN E 306 -58.34 25.02 5.91
CA ASN E 306 -57.54 26.12 5.38
C ASN E 306 -56.58 26.58 6.47
N ASN E 307 -55.34 26.10 6.42
CA ASN E 307 -54.36 26.32 7.47
C ASN E 307 -53.50 27.56 7.18
N THR E 308 -52.82 28.04 8.22
CA THR E 308 -51.81 29.08 8.09
C THR E 308 -50.54 28.62 8.78
N ARG E 309 -49.43 29.22 8.36
CA ARG E 309 -48.11 28.90 8.91
C ARG E 309 -47.50 30.16 9.50
N LYS E 310 -47.08 30.09 10.75
CA LYS E 310 -46.37 31.17 11.42
C LYS E 310 -44.89 30.82 11.54
N SER E 311 -44.05 31.84 11.50
CA SER E 311 -42.62 31.68 11.70
C SER E 311 -42.22 32.30 13.03
N ILE E 312 -41.49 31.55 13.84
CA ILE E 312 -41.04 32.02 15.15
C ILE E 312 -39.52 31.96 15.18
N ARG E 313 -38.89 33.07 15.53
CA ARG E 313 -37.42 33.14 15.60
C ARG E 313 -36.97 32.58 16.93
N ILE E 314 -36.51 31.33 16.94
CA ILE E 314 -36.13 30.65 18.18
C ILE E 314 -34.64 30.73 18.46
N GLY E 315 -33.88 31.40 17.60
CA GLY E 315 -32.45 31.51 17.79
C GLY E 315 -31.83 32.33 16.68
N PRO E 316 -30.52 32.56 16.77
CA PRO E 316 -29.84 33.38 15.75
C PRO E 316 -29.70 32.62 14.44
N GLY E 317 -30.76 32.66 13.63
CA GLY E 317 -30.80 31.95 12.37
C GLY E 317 -31.69 30.72 12.35
N GLN E 318 -32.54 30.52 13.36
CA GLN E 318 -33.37 29.33 13.45
C GLN E 318 -34.83 29.72 13.58
N ALA E 319 -35.67 29.13 12.74
CA ALA E 319 -37.09 29.44 12.71
C ALA E 319 -37.91 28.17 12.93
N PHE E 320 -38.97 28.31 13.72
CA PHE E 320 -39.92 27.24 14.01
C PHE E 320 -41.22 27.57 13.29
N TYR E 321 -41.72 26.61 12.50
CA TYR E 321 -42.92 26.84 11.71
C TYR E 321 -44.14 26.26 12.40
N ALA E 322 -44.92 27.10 13.04
CA ALA E 322 -46.05 26.69 13.84
C ALA E 322 -47.35 26.89 13.08
N THR E 323 -48.46 26.40 13.64
CA THR E 323 -49.79 26.51 13.04
C THR E 323 -50.48 27.72 13.63
N GLY E 324 -51.15 28.49 12.78
CA GLY E 324 -51.89 29.65 13.25
C GLY E 324 -53.33 29.32 13.57
N ASP E 325 -54.25 29.88 12.80
CA ASP E 325 -55.68 29.61 13.00
C ASP E 325 -56.32 29.34 11.65
N ILE E 326 -57.24 28.38 11.62
CA ILE E 326 -57.92 28.01 10.38
C ILE E 326 -58.86 29.13 9.97
N ILE E 327 -58.74 29.59 8.71
CA ILE E 327 -59.64 30.60 8.20
C ILE E 327 -60.91 29.93 7.69
N GLY E 328 -61.88 29.76 8.57
CA GLY E 328 -63.15 29.20 8.17
C GLY E 328 -63.52 28.01 9.04
N ASP E 329 -64.42 27.20 8.50
CA ASP E 329 -64.88 26.01 9.20
C ASP E 329 -63.81 24.92 9.17
N ILE E 330 -63.84 24.05 10.17
CA ILE E 330 -62.91 22.94 10.28
C ILE E 330 -63.70 21.63 10.15
N ARG E 331 -63.13 20.69 9.41
CA ARG E 331 -63.81 19.43 9.15
C ARG E 331 -62.78 18.31 9.14
N GLN E 332 -63.27 17.09 9.01
CA GLN E 332 -62.44 15.89 9.08
C GLN E 332 -61.83 15.56 7.72
N ALA E 333 -60.59 15.10 7.74
CA ALA E 333 -59.92 14.59 6.55
C ALA E 333 -60.39 13.18 6.26
N HIS E 334 -60.46 12.83 4.98
CA HIS E 334 -61.04 11.54 4.61
C HIS E 334 -60.52 11.11 3.24
N CYS E 335 -60.92 9.91 2.84
CA CYS E 335 -60.63 9.36 1.52
C CYS E 335 -61.89 8.69 0.97
N ASN E 336 -62.05 8.74 -0.35
CA ASN E 336 -63.17 8.15 -1.05
C ASN E 336 -62.68 7.10 -2.04
N VAL E 337 -63.39 5.97 -2.08
CA VAL E 337 -63.21 4.98 -3.13
C VAL E 337 -64.60 4.60 -3.66
N SER E 338 -64.62 3.99 -4.84
CA SER E 338 -65.87 3.53 -5.43
C SER E 338 -66.31 2.24 -4.76
N LYS E 339 -67.60 1.92 -4.95
CA LYS E 339 -68.15 0.71 -4.36
C LYS E 339 -68.23 -0.46 -5.34
N ALA E 340 -68.74 -0.21 -6.56
CA ALA E 340 -68.82 -1.27 -7.55
C ALA E 340 -67.43 -1.75 -7.97
N THR E 341 -66.49 -0.81 -8.14
CA THR E 341 -65.14 -1.18 -8.52
C THR E 341 -64.48 -2.04 -7.46
N TRP E 342 -64.65 -1.66 -6.19
CA TRP E 342 -64.08 -2.47 -5.11
C TRP E 342 -64.75 -3.83 -5.00
N ASN E 343 -66.07 -3.87 -5.22
CA ASN E 343 -66.77 -5.16 -5.20
C ASN E 343 -66.25 -6.08 -6.29
N GLU E 344 -66.08 -5.56 -7.50
CA GLU E 344 -65.55 -6.36 -8.60
C GLU E 344 -64.11 -6.80 -8.33
N THR E 345 -63.28 -5.91 -7.80
CA THR E 345 -61.90 -6.26 -7.50
C THR E 345 -61.83 -7.36 -6.45
N LEU E 346 -62.65 -7.24 -5.40
CA LEU E 346 -62.68 -8.30 -4.38
C LEU E 346 -63.21 -9.60 -4.95
N GLY E 347 -64.18 -9.54 -5.86
CA GLY E 347 -64.62 -10.76 -6.52
C GLY E 347 -63.52 -11.45 -7.30
N LYS E 348 -62.74 -10.65 -8.05
CA LYS E 348 -61.62 -11.21 -8.80
C LYS E 348 -60.57 -11.80 -7.85
N VAL E 349 -60.28 -11.11 -6.75
CA VAL E 349 -59.30 -11.60 -5.79
C VAL E 349 -59.78 -12.88 -5.14
N VAL E 350 -61.08 -12.99 -4.86
CA VAL E 350 -61.63 -14.21 -4.29
C VAL E 350 -61.54 -15.35 -5.29
N LYS E 351 -61.85 -15.07 -6.56
CA LYS E 351 -61.76 -16.09 -7.60
C LYS E 351 -60.33 -16.61 -7.74
N GLN E 352 -59.35 -15.72 -7.73
CA GLN E 352 -57.96 -16.14 -7.80
C GLN E 352 -57.44 -16.73 -6.49
N LEU E 353 -58.15 -16.52 -5.38
CA LEU E 353 -57.73 -17.07 -4.10
C LEU E 353 -58.18 -18.51 -3.91
N ARG E 354 -59.28 -18.90 -4.57
CA ARG E 354 -59.86 -20.22 -4.36
C ARG E 354 -59.04 -21.34 -4.99
N LYS E 355 -58.03 -21.00 -5.80
CA LYS E 355 -57.18 -22.03 -6.39
C LYS E 355 -56.23 -22.67 -5.38
N HIS E 356 -56.13 -22.10 -4.17
CA HIS E 356 -55.28 -22.64 -3.13
C HIS E 356 -56.03 -23.20 -1.94
N PHE E 357 -57.31 -22.85 -1.77
CA PHE E 357 -58.07 -23.25 -0.59
C PHE E 357 -59.36 -23.97 -0.94
N GLY E 358 -59.45 -24.56 -2.13
CA GLY E 358 -60.64 -25.26 -2.54
C GLY E 358 -61.68 -24.34 -3.15
N ASN E 359 -62.66 -24.96 -3.80
CA ASN E 359 -63.73 -24.24 -4.48
C ASN E 359 -65.01 -24.15 -3.65
N ASN E 360 -64.97 -24.59 -2.39
CA ASN E 360 -66.16 -24.60 -1.55
C ASN E 360 -65.96 -23.89 -0.21
N THR E 361 -64.80 -23.29 0.03
CA THR E 361 -64.55 -22.60 1.29
C THR E 361 -65.14 -21.20 1.26
N ILE E 362 -65.73 -20.79 2.37
CA ILE E 362 -66.27 -19.43 2.52
C ILE E 362 -65.11 -18.50 2.81
N ILE E 363 -64.97 -17.44 2.02
CA ILE E 363 -63.85 -16.52 2.14
C ILE E 363 -64.38 -15.17 2.61
N ARG E 364 -63.90 -14.72 3.77
CA ARG E 364 -64.39 -13.49 4.37
C ARG E 364 -63.24 -12.55 4.68
N PHE E 365 -63.49 -11.27 4.50
CA PHE E 365 -62.52 -10.21 4.78
C PHE E 365 -62.96 -9.44 6.02
N ALA E 366 -62.07 -9.35 7.00
CA ALA E 366 -62.29 -8.62 8.24
C ALA E 366 -61.15 -7.63 8.45
N ASN E 367 -61.43 -6.62 9.28
CA ASN E 367 -60.45 -5.57 9.52
C ASN E 367 -59.30 -6.08 10.38
N SER E 368 -58.30 -5.20 10.56
CA SER E 368 -57.12 -5.57 11.32
C SER E 368 -57.45 -5.70 12.81
N SER E 369 -56.43 -6.04 13.59
CA SER E 369 -56.62 -6.27 15.02
C SER E 369 -55.28 -6.10 15.73
N GLY E 370 -55.18 -5.07 16.58
CA GLY E 370 -54.03 -4.91 17.44
C GLY E 370 -52.80 -4.34 16.79
N GLY E 371 -52.00 -3.60 17.56
CA GLY E 371 -50.77 -3.01 17.09
C GLY E 371 -50.80 -1.49 17.19
N ASP E 372 -49.66 -0.90 16.86
CA ASP E 372 -49.53 0.56 16.88
C ASP E 372 -50.34 1.17 15.74
N LEU E 373 -50.51 2.49 15.82
CA LEU E 373 -51.37 3.20 14.88
C LEU E 373 -50.89 3.05 13.43
N GLU E 374 -49.60 2.84 13.21
CA GLU E 374 -49.09 2.69 11.85
C GLU E 374 -49.54 1.37 11.23
N VAL E 375 -49.62 0.31 12.01
CA VAL E 375 -49.92 -1.01 11.46
C VAL E 375 -51.43 -1.22 11.27
N THR E 376 -52.25 -0.75 12.19
CA THR E 376 -53.70 -0.98 12.13
C THR E 376 -54.41 -0.05 11.14
N THR E 377 -53.70 0.92 10.57
CA THR E 377 -54.31 1.90 9.69
C THR E 377 -53.52 1.97 8.39
N HIS E 378 -54.19 2.41 7.33
CA HIS E 378 -53.53 2.67 6.06
C HIS E 378 -52.82 4.01 6.19
N SER E 379 -51.50 3.96 6.35
CA SER E 379 -50.71 5.16 6.60
C SER E 379 -49.94 5.55 5.35
N PHE E 380 -50.07 6.81 4.96
CA PHE E 380 -49.39 7.30 3.77
C PHE E 380 -49.10 8.78 3.95
N ASN E 381 -48.59 9.42 2.90
CA ASN E 381 -48.18 10.82 2.95
C ASN E 381 -48.72 11.48 1.68
N CYS E 382 -49.67 12.40 1.85
CA CYS E 382 -50.33 13.03 0.71
C CYS E 382 -49.93 14.51 0.65
N GLY E 383 -48.87 14.77 -0.10
CA GLY E 383 -48.40 16.12 -0.33
C GLY E 383 -47.87 16.85 0.88
N GLY E 384 -47.05 16.17 1.69
CA GLY E 384 -46.42 16.80 2.82
C GLY E 384 -47.11 16.54 4.14
N GLU E 385 -48.33 16.03 4.08
CA GLU E 385 -49.11 15.76 5.28
C GLU E 385 -49.32 14.26 5.43
N PHE E 386 -49.06 13.74 6.62
CA PHE E 386 -49.07 12.31 6.88
C PHE E 386 -50.46 11.87 7.34
N PHE E 387 -51.10 11.01 6.56
CA PHE E 387 -52.44 10.52 6.81
C PHE E 387 -52.40 9.11 7.38
N TYR E 388 -53.35 8.83 8.28
CA TYR E 388 -53.56 7.49 8.84
C TYR E 388 -55.05 7.22 8.74
N CYS E 389 -55.44 6.37 7.78
CA CYS E 389 -56.85 6.17 7.48
C CYS E 389 -57.35 4.84 8.02
N ASN E 390 -58.65 4.82 8.34
CA ASN E 390 -59.33 3.66 8.90
C ASN E 390 -60.01 2.90 7.78
N THR E 391 -59.63 1.64 7.59
CA THR E 391 -60.05 0.85 6.42
C THR E 391 -60.92 -0.33 6.83
N SER E 392 -61.87 -0.11 7.74
CA SER E 392 -62.82 -1.14 8.12
C SER E 392 -64.04 -1.18 7.21
N GLY E 393 -64.17 -0.23 6.29
CA GLY E 393 -65.26 -0.25 5.33
C GLY E 393 -64.88 -0.94 4.04
N LEU E 394 -63.60 -1.30 3.93
CA LEU E 394 -63.10 -2.04 2.77
C LEU E 394 -63.04 -3.54 3.06
N PHE E 395 -62.37 -3.93 4.14
CA PHE E 395 -62.22 -5.33 4.49
C PHE E 395 -63.29 -5.73 5.51
N ASN E 396 -64.53 -5.78 5.01
CA ASN E 396 -65.66 -6.18 5.84
C ASN E 396 -66.70 -6.82 4.91
N SER E 397 -66.62 -8.14 4.75
CA SER E 397 -67.51 -8.84 3.83
C SER E 397 -67.30 -10.33 3.96
N THR E 398 -68.23 -11.09 3.37
CA THR E 398 -68.17 -12.55 3.34
C THR E 398 -68.64 -13.03 1.97
N TRP E 399 -67.93 -14.01 1.41
CA TRP E 399 -68.23 -14.57 0.10
C TRP E 399 -68.46 -16.06 0.24
N ILE E 400 -69.63 -16.52 -0.21
CA ILE E 400 -70.06 -17.91 -0.07
C ILE E 400 -69.57 -18.69 -1.27
N SER E 401 -69.48 -20.01 -1.13
CA SER E 401 -69.03 -20.90 -2.20
C SER E 401 -69.80 -20.68 -3.50
N ASN E 414 -71.59 5.42 -8.75
CA ASN E 414 -72.76 5.55 -7.89
C ASN E 414 -72.36 5.99 -6.48
N ASP E 415 -72.49 5.07 -5.53
CA ASP E 415 -72.20 5.35 -4.13
C ASP E 415 -70.69 5.36 -3.92
N SER E 416 -70.27 5.62 -2.68
CA SER E 416 -68.85 5.68 -2.35
C SER E 416 -68.62 5.05 -0.99
N ILE E 417 -67.37 4.67 -0.74
CA ILE E 417 -66.92 4.23 0.57
C ILE E 417 -65.95 5.29 1.08
N THR E 418 -66.23 5.82 2.27
CA THR E 418 -65.44 6.90 2.85
C THR E 418 -64.64 6.38 4.04
N LEU E 419 -63.34 6.57 3.99
CA LEU E 419 -62.43 6.19 5.07
C LEU E 419 -62.05 7.44 5.86
N PRO E 420 -62.40 7.52 7.14
CA PRO E 420 -61.99 8.67 7.95
C PRO E 420 -60.53 8.55 8.36
N CYS E 421 -59.79 9.66 8.27
CA CYS E 421 -58.36 9.66 8.49
C CYS E 421 -57.96 10.66 9.56
N ARG E 422 -56.83 10.37 10.20
CA ARG E 422 -56.24 11.23 11.21
C ARG E 422 -54.88 11.71 10.73
N ILE E 423 -54.38 12.78 11.33
CA ILE E 423 -53.14 13.41 10.93
C ILE E 423 -52.21 13.53 12.12
N LYS E 424 -50.92 13.32 11.88
CA LYS E 424 -49.87 13.50 12.88
C LYS E 424 -48.79 14.40 12.31
N GLN E 425 -47.94 14.93 13.20
CA GLN E 425 -46.83 15.77 12.80
C GLN E 425 -45.48 15.32 13.32
N ILE E 426 -45.43 14.49 14.37
CA ILE E 426 -44.19 13.89 14.84
C ILE E 426 -44.17 12.45 14.34
N ILE E 427 -43.19 12.12 13.49
CA ILE E 427 -43.18 10.89 12.72
C ILE E 427 -41.92 10.10 13.06
N ASN E 428 -42.09 8.82 13.37
CA ASN E 428 -40.99 7.89 13.54
C ASN E 428 -40.98 6.95 12.33
N MET E 429 -39.99 7.13 11.46
CA MET E 429 -39.91 6.36 10.24
C MET E 429 -39.00 5.14 10.41
N TRP E 430 -39.19 4.18 9.52
CA TRP E 430 -38.34 2.99 9.43
C TRP E 430 -38.32 2.16 10.70
N GLN E 431 -39.35 2.29 11.54
CA GLN E 431 -39.48 1.54 12.78
C GLN E 431 -38.26 1.72 13.68
N ARG E 432 -37.73 2.93 13.76
CA ARG E 432 -36.56 3.24 14.57
C ARG E 432 -36.97 3.98 15.83
N ILE E 433 -36.23 3.72 16.91
CA ILE E 433 -36.39 4.41 18.19
C ILE E 433 -35.16 5.28 18.40
N GLY E 434 -35.38 6.56 18.64
CA GLY E 434 -34.27 7.47 18.90
C GLY E 434 -34.18 8.65 17.96
N GLN E 435 -34.85 8.57 16.82
CA GLN E 435 -34.90 9.66 15.85
C GLN E 435 -36.34 9.94 15.46
N ALA E 436 -36.73 11.20 15.52
CA ALA E 436 -38.06 11.65 15.16
C ALA E 436 -37.96 12.88 14.27
N MET E 437 -39.06 13.20 13.59
CA MET E 437 -39.08 14.34 12.67
C MET E 437 -40.40 15.07 12.82
N TYR E 438 -40.32 16.40 12.84
CA TYR E 438 -41.50 17.26 12.90
C TYR E 438 -41.81 17.76 11.49
N ALA E 439 -43.04 17.55 11.04
CA ALA E 439 -43.45 17.95 9.70
C ALA E 439 -44.14 19.30 9.77
N PRO E 440 -43.58 20.34 9.16
CA PRO E 440 -44.20 21.67 9.23
C PRO E 440 -45.56 21.68 8.56
N PRO E 441 -46.47 22.54 8.99
CA PRO E 441 -47.81 22.58 8.41
C PRO E 441 -47.77 23.02 6.95
N ILE E 442 -48.74 22.55 6.18
CA ILE E 442 -48.88 22.93 4.78
C ILE E 442 -50.02 23.92 4.65
N GLN E 443 -49.75 25.05 4.01
CA GLN E 443 -50.71 26.14 3.88
C GLN E 443 -51.79 25.79 2.87
N GLY E 444 -53.01 26.21 3.17
CA GLY E 444 -54.13 25.98 2.28
C GLY E 444 -54.69 24.57 2.39
N VAL E 445 -55.55 24.24 1.42
CA VAL E 445 -56.15 22.91 1.36
C VAL E 445 -55.23 22.00 0.54
N ILE E 446 -55.28 20.70 0.84
CA ILE E 446 -54.47 19.71 0.15
C ILE E 446 -55.39 18.67 -0.48
N ARG E 447 -54.97 18.15 -1.63
CA ARG E 447 -55.73 17.12 -2.33
C ARG E 447 -54.77 16.31 -3.18
N CYS E 448 -55.02 15.01 -3.30
CA CYS E 448 -54.18 14.12 -4.08
C CYS E 448 -54.95 12.87 -4.48
N VAL E 449 -54.66 12.39 -5.69
CA VAL E 449 -55.34 11.24 -6.29
C VAL E 449 -54.30 10.18 -6.60
N SER E 450 -54.60 8.93 -6.25
CA SER E 450 -53.64 7.85 -6.39
C SER E 450 -54.36 6.57 -6.80
N ASN E 451 -53.57 5.59 -7.24
CA ASN E 451 -54.05 4.30 -7.70
C ASN E 451 -53.69 3.23 -6.68
N ILE E 452 -54.68 2.44 -6.27
CA ILE E 452 -54.42 1.20 -5.55
C ILE E 452 -54.12 0.13 -6.60
N THR E 453 -52.92 -0.47 -6.51
CA THR E 453 -52.48 -1.47 -7.46
C THR E 453 -52.05 -2.76 -6.77
N GLY E 454 -52.36 -2.92 -5.49
CA GLY E 454 -51.99 -4.14 -4.79
C GLY E 454 -52.45 -4.12 -3.36
N LEU E 455 -52.34 -5.28 -2.72
CA LEU E 455 -52.73 -5.49 -1.35
C LEU E 455 -51.69 -6.35 -0.64
N ILE E 456 -51.66 -6.24 0.69
CA ILE E 456 -50.84 -7.08 1.55
C ILE E 456 -51.77 -7.65 2.62
N LEU E 457 -52.04 -8.96 2.54
CA LEU E 457 -52.98 -9.62 3.45
C LEU E 457 -52.24 -10.58 4.37
N THR E 458 -52.96 -11.04 5.38
CA THR E 458 -52.46 -12.03 6.33
C THR E 458 -53.63 -12.92 6.73
N ARG E 459 -53.32 -14.19 7.04
CA ARG E 459 -54.33 -15.19 7.34
C ARG E 459 -54.15 -15.67 8.77
N ASP E 460 -55.26 -15.75 9.50
CA ASP E 460 -55.24 -16.22 10.87
C ASP E 460 -55.37 -17.75 10.91
N GLY E 461 -54.80 -18.34 11.97
CA GLY E 461 -54.76 -19.79 12.09
C GLY E 461 -56.01 -20.42 12.65
N GLY E 462 -57.04 -20.54 11.82
CA GLY E 462 -58.27 -21.18 12.25
C GLY E 462 -58.19 -22.69 12.22
N SER E 463 -58.09 -23.29 13.40
CA SER E 463 -57.95 -24.73 13.55
C SER E 463 -59.31 -25.36 13.84
N THR E 464 -59.28 -26.64 14.24
CA THR E 464 -60.47 -27.39 14.63
C THR E 464 -61.50 -27.45 13.51
N ASN E 465 -61.07 -27.95 12.34
CA ASN E 465 -61.95 -28.14 11.19
C ASN E 465 -62.66 -26.85 10.81
N SER E 466 -61.86 -25.85 10.44
CA SER E 466 -62.37 -24.55 10.03
C SER E 466 -62.66 -24.59 8.53
N THR E 467 -63.94 -24.53 8.17
CA THR E 467 -64.35 -24.46 6.78
C THR E 467 -64.40 -23.04 6.25
N THR E 468 -64.05 -22.05 7.07
CA THR E 468 -64.06 -20.64 6.68
C THR E 468 -62.65 -20.06 6.85
N GLU E 469 -62.26 -19.21 5.91
CA GLU E 469 -60.97 -18.54 5.96
C GLU E 469 -61.17 -17.04 6.08
N THR E 470 -60.28 -16.41 6.84
CA THR E 470 -60.34 -14.97 7.07
C THR E 470 -59.02 -14.35 6.64
N PHE E 471 -59.08 -13.34 5.77
CA PHE E 471 -57.91 -12.59 5.34
C PHE E 471 -58.06 -11.15 5.80
N ARG E 472 -57.07 -10.66 6.53
CA ARG E 472 -57.12 -9.30 7.06
C ARG E 472 -55.86 -8.54 6.67
N PRO E 473 -55.96 -7.23 6.48
CA PRO E 473 -54.80 -6.46 6.00
C PRO E 473 -53.66 -6.46 7.00
N GLY E 474 -52.44 -6.39 6.46
CA GLY E 474 -51.24 -6.36 7.28
C GLY E 474 -50.24 -5.33 6.79
N GLY E 475 -48.98 -5.49 7.16
CA GLY E 475 -47.93 -4.60 6.74
C GLY E 475 -47.17 -4.00 7.90
N GLY E 476 -46.31 -3.03 7.57
CA GLY E 476 -45.50 -2.37 8.57
C GLY E 476 -44.03 -2.38 8.22
N ASP E 477 -43.59 -3.44 7.56
CA ASP E 477 -42.21 -3.59 7.11
C ASP E 477 -42.15 -3.18 5.64
N MET E 478 -41.27 -2.23 5.33
CA MET E 478 -41.24 -1.62 4.01
C MET E 478 -40.51 -2.46 2.97
N ARG E 479 -39.88 -3.56 3.37
CA ARG E 479 -39.21 -4.42 2.39
C ARG E 479 -40.21 -5.12 1.49
N ASP E 480 -41.38 -5.46 1.99
CA ASP E 480 -42.42 -6.05 1.14
C ASP E 480 -43.01 -5.04 0.15
N ASN E 481 -42.79 -3.74 0.36
CA ASN E 481 -43.27 -2.75 -0.59
C ASN E 481 -42.47 -2.77 -1.87
N TRP E 482 -41.14 -2.83 -1.75
CA TRP E 482 -40.25 -2.85 -2.90
C TRP E 482 -39.89 -4.26 -3.35
N ARG E 483 -40.28 -5.28 -2.58
CA ARG E 483 -40.24 -6.64 -3.08
C ARG E 483 -41.30 -6.90 -4.14
N SER E 484 -42.37 -6.10 -4.15
CA SER E 484 -43.42 -6.23 -5.15
C SER E 484 -43.07 -5.53 -6.45
N GLU E 485 -41.98 -4.77 -6.49
CA GLU E 485 -41.50 -4.17 -7.73
C GLU E 485 -40.19 -4.76 -8.20
N LEU E 486 -39.39 -5.36 -7.33
CA LEU E 486 -38.21 -6.13 -7.71
C LEU E 486 -38.54 -7.59 -7.46
N TYR E 487 -39.18 -8.20 -8.45
CA TYR E 487 -39.48 -9.63 -8.41
C TYR E 487 -39.14 -10.34 -9.71
N LYS E 488 -39.00 -9.60 -10.81
CA LYS E 488 -38.62 -10.15 -12.10
C LYS E 488 -37.18 -9.81 -12.45
N TYR E 489 -36.35 -9.55 -11.44
CA TYR E 489 -34.97 -9.12 -11.65
C TYR E 489 -34.02 -10.02 -10.88
N LYS E 490 -32.85 -10.24 -11.45
CA LYS E 490 -31.77 -10.90 -10.72
C LYS E 490 -30.44 -10.40 -11.24
N VAL E 491 -29.40 -10.56 -10.41
CA VAL E 491 -28.06 -10.07 -10.71
C VAL E 491 -27.13 -11.27 -10.84
N VAL E 492 -26.35 -11.31 -11.92
CA VAL E 492 -25.43 -12.40 -12.17
C VAL E 492 -24.05 -11.84 -12.50
N LYS E 493 -23.04 -12.66 -12.29
CA LYS E 493 -21.66 -12.34 -12.61
C LYS E 493 -21.23 -13.18 -13.81
N ILE E 494 -20.56 -12.52 -14.77
CA ILE E 494 -20.16 -13.18 -16.01
C ILE E 494 -18.81 -13.85 -15.80
N GLU E 495 -18.71 -15.11 -16.23
CA GLU E 495 -17.47 -15.88 -16.19
C GLU E 495 -17.02 -16.13 -17.62
N PRO E 496 -16.06 -15.36 -18.14
CA PRO E 496 -15.78 -15.37 -19.58
C PRO E 496 -14.71 -16.35 -20.05
N LEU E 497 -14.15 -17.18 -19.18
CA LEU E 497 -13.08 -18.09 -19.56
C LEU E 497 -13.58 -19.53 -19.51
N GLY E 498 -13.39 -20.27 -20.59
CA GLY E 498 -13.86 -21.64 -20.66
C GLY E 498 -12.90 -22.51 -21.43
N VAL E 499 -13.04 -23.82 -21.22
CA VAL E 499 -12.23 -24.83 -21.90
C VAL E 499 -13.16 -25.87 -22.51
N ALA E 500 -12.79 -26.35 -23.70
CA ALA E 500 -13.65 -27.28 -24.43
C ALA E 500 -12.79 -28.31 -25.15
N PRO E 501 -13.31 -29.50 -25.43
CA PRO E 501 -12.57 -30.46 -26.26
C PRO E 501 -12.72 -30.14 -27.73
N THR E 502 -11.62 -30.16 -28.46
CA THR E 502 -11.60 -29.79 -29.86
C THR E 502 -10.69 -30.76 -30.64
N ARG E 503 -10.75 -30.72 -31.96
CA ARG E 503 -10.05 -31.65 -32.84
C ARG E 503 -8.91 -30.95 -33.56
N CYS E 504 -8.19 -30.08 -32.84
CA CYS E 504 -7.03 -29.40 -33.39
C CYS E 504 -5.93 -29.47 -32.34
N LYS E 505 -4.73 -28.97 -32.63
CA LYS E 505 -3.62 -29.06 -31.70
C LYS E 505 -2.60 -27.97 -31.96
N ARG E 506 -1.89 -27.53 -30.91
CA ARG E 506 -0.90 -26.49 -31.06
C ARG E 506 0.37 -27.05 -31.69
N ARG E 507 0.98 -26.25 -32.57
CA ARG E 507 2.21 -26.66 -33.25
C ARG E 507 3.41 -25.90 -32.69
N ASN F 38 32.94 -7.45 -27.98
CA ASN F 38 31.56 -7.27 -28.43
C ASN F 38 30.58 -7.70 -27.35
N LEU F 39 30.13 -6.75 -26.54
CA LEU F 39 29.18 -6.99 -25.47
C LEU F 39 27.88 -6.24 -25.76
N TRP F 40 26.78 -6.79 -25.28
CA TRP F 40 25.46 -6.22 -25.51
C TRP F 40 24.69 -6.17 -24.20
N VAL F 41 23.72 -5.26 -24.13
CA VAL F 41 22.88 -5.13 -22.95
C VAL F 41 21.85 -6.24 -22.94
N THR F 42 21.70 -6.89 -21.79
CA THR F 42 20.70 -7.93 -21.59
C THR F 42 19.86 -7.56 -20.38
N VAL F 43 18.54 -7.77 -20.50
CA VAL F 43 17.57 -7.36 -19.48
C VAL F 43 17.13 -8.58 -18.70
N TYR F 44 17.19 -8.49 -17.37
CA TYR F 44 16.78 -9.54 -16.47
C TYR F 44 15.65 -9.02 -15.60
N TYR F 45 14.51 -9.70 -15.62
CA TYR F 45 13.34 -9.32 -14.86
C TYR F 45 13.17 -10.30 -13.71
N GLY F 46 13.35 -9.81 -12.48
CA GLY F 46 13.21 -10.65 -11.32
C GLY F 46 14.50 -10.84 -10.54
N VAL F 47 15.35 -9.82 -10.55
CA VAL F 47 16.63 -9.88 -9.84
C VAL F 47 16.41 -9.50 -8.38
N PRO F 48 17.23 -10.02 -7.45
CA PRO F 48 17.06 -9.69 -6.01
C PRO F 48 17.74 -8.39 -5.56
N VAL F 49 17.06 -7.27 -5.81
CA VAL F 49 17.53 -5.95 -5.41
C VAL F 49 16.42 -5.27 -4.62
N TRP F 50 16.81 -4.49 -3.61
CA TRP F 50 15.84 -3.76 -2.80
C TRP F 50 16.46 -2.48 -2.26
N LYS F 51 15.60 -1.57 -1.83
CA LYS F 51 16.03 -0.31 -1.24
C LYS F 51 15.16 0.01 -0.04
N ASP F 52 15.64 0.95 0.79
CA ASP F 52 14.84 1.42 1.92
C ASP F 52 13.68 2.26 1.42
N ALA F 53 12.52 2.11 2.07
CA ALA F 53 11.32 2.78 1.62
C ALA F 53 10.40 3.06 2.80
N GLU F 54 9.41 3.92 2.55
CA GLU F 54 8.29 4.15 3.44
C GLU F 54 6.99 3.97 2.65
N THR F 55 6.02 3.30 3.26
CA THR F 55 4.76 3.02 2.59
C THR F 55 3.68 2.83 3.64
N THR F 56 2.45 2.67 3.17
CA THR F 56 1.31 2.43 4.06
C THR F 56 1.15 0.93 4.25
N LEU F 57 1.27 0.47 5.49
CA LEU F 57 1.02 -0.91 5.86
C LEU F 57 -0.43 -1.06 6.30
N PHE F 58 -1.07 -2.15 5.88
CA PHE F 58 -2.44 -2.42 6.30
C PHE F 58 -2.43 -3.46 7.41
N CYS F 59 -3.62 -3.84 7.87
CA CYS F 59 -3.78 -4.69 9.03
C CYS F 59 -4.37 -6.05 8.65
N ALA F 60 -3.86 -7.08 9.31
CA ALA F 60 -4.43 -8.42 9.25
C ALA F 60 -4.61 -8.92 10.67
N SER F 61 -5.73 -9.59 10.92
CA SER F 61 -6.04 -10.09 12.25
C SER F 61 -6.64 -11.48 12.14
N ASP F 62 -6.47 -12.26 13.21
CA ASP F 62 -7.02 -13.61 13.25
C ASP F 62 -8.54 -13.57 13.22
N ALA F 63 -9.12 -14.37 12.34
CA ALA F 63 -10.58 -14.41 12.18
C ALA F 63 -11.23 -15.23 13.28
N LYS F 70 -18.00 -7.78 19.08
CA LYS F 70 -17.58 -7.07 17.87
C LYS F 70 -17.15 -5.66 18.21
N HIS F 71 -17.70 -5.11 19.29
CA HIS F 71 -17.38 -3.75 19.71
C HIS F 71 -16.04 -3.73 20.41
N ASN F 72 -15.00 -3.24 19.71
CA ASN F 72 -13.67 -3.09 20.27
C ASN F 72 -13.10 -1.78 19.76
N VAL F 73 -12.24 -1.16 20.57
CA VAL F 73 -11.70 0.15 20.21
C VAL F 73 -10.92 0.07 18.92
N TRP F 74 -10.07 -0.94 18.79
CA TRP F 74 -9.30 -1.17 17.56
C TRP F 74 -10.08 -2.18 16.73
N ALA F 75 -10.70 -1.70 15.66
CA ALA F 75 -11.67 -2.49 14.92
C ALA F 75 -11.02 -3.61 14.15
N THR F 76 -10.64 -4.68 14.84
CA THR F 76 -10.00 -5.83 14.20
C THR F 76 -10.95 -6.61 13.31
N HIS F 77 -12.26 -6.35 13.39
CA HIS F 77 -13.22 -6.98 12.49
C HIS F 77 -13.16 -6.43 11.07
N ALA F 78 -12.54 -5.26 10.88
CA ALA F 78 -12.37 -4.67 9.56
C ALA F 78 -11.04 -5.05 8.92
N CYS F 79 -10.25 -5.91 9.57
CA CYS F 79 -8.94 -6.28 9.09
C CYS F 79 -9.02 -7.56 8.26
N VAL F 80 -8.04 -7.72 7.37
CA VAL F 80 -7.95 -8.85 6.46
C VAL F 80 -7.66 -10.12 7.25
N PRO F 81 -8.26 -11.27 6.90
CA PRO F 81 -7.94 -12.51 7.62
C PRO F 81 -6.48 -12.90 7.45
N THR F 82 -5.94 -13.55 8.47
CA THR F 82 -4.55 -13.94 8.48
C THR F 82 -4.36 -15.31 7.84
N ASP F 83 -3.27 -15.45 7.09
CA ASP F 83 -2.91 -16.75 6.54
C ASP F 83 -2.51 -17.70 7.68
N PRO F 84 -2.91 -18.98 7.59
CA PRO F 84 -2.62 -19.89 8.72
C PRO F 84 -1.15 -20.19 8.89
N ASN F 85 -0.41 -20.38 7.79
CA ASN F 85 1.01 -20.70 7.84
C ASN F 85 1.76 -19.71 6.97
N PRO F 86 2.19 -18.57 7.54
CA PRO F 86 2.90 -17.57 6.76
C PRO F 86 4.26 -18.09 6.30
N GLN F 87 4.73 -17.54 5.18
CA GLN F 87 5.99 -17.95 4.60
C GLN F 87 7.12 -17.03 5.05
N GLU F 88 8.23 -17.63 5.46
CA GLU F 88 9.41 -16.92 5.90
C GLU F 88 10.60 -17.40 5.08
N ILE F 89 11.37 -16.47 4.51
CA ILE F 89 12.49 -16.82 3.64
C ILE F 89 13.79 -16.38 4.30
N HIS F 90 14.65 -17.33 4.63
CA HIS F 90 15.95 -17.02 5.20
C HIS F 90 16.88 -16.53 4.09
N LEU F 91 17.61 -15.44 4.35
CA LEU F 91 18.47 -14.82 3.34
C LEU F 91 19.92 -15.12 3.71
N GLU F 92 20.53 -16.06 2.99
CA GLU F 92 21.86 -16.52 3.30
C GLU F 92 22.91 -15.56 2.75
N ASN F 93 23.99 -15.38 3.52
CA ASN F 93 25.12 -14.52 3.15
C ASN F 93 24.68 -13.08 2.91
N VAL F 94 23.71 -12.60 3.68
CA VAL F 94 23.21 -11.23 3.56
C VAL F 94 23.35 -10.53 4.89
N THR F 95 23.95 -9.33 4.86
CA THR F 95 24.08 -8.48 6.03
C THR F 95 23.34 -7.17 5.77
N GLU F 96 22.44 -6.80 6.67
CA GLU F 96 21.66 -5.58 6.55
C GLU F 96 21.94 -4.66 7.73
N GLU F 97 21.51 -3.42 7.61
CA GLU F 97 21.71 -2.41 8.64
C GLU F 97 20.35 -2.00 9.20
N PHE F 98 20.18 -2.17 10.51
CA PHE F 98 18.94 -1.82 11.19
C PHE F 98 19.18 -0.66 12.15
N ASN F 99 18.13 0.13 12.37
CA ASN F 99 18.15 1.20 13.36
C ASN F 99 16.81 1.17 14.10
N MET F 100 16.86 0.82 15.38
CA MET F 100 15.65 0.71 16.18
C MET F 100 15.01 2.07 16.42
N TRP F 101 15.82 3.13 16.44
CA TRP F 101 15.40 4.45 16.90
C TRP F 101 15.02 5.39 15.77
N LYS F 102 14.98 4.92 14.53
CA LYS F 102 14.54 5.72 13.40
C LYS F 102 13.62 4.90 12.50
N ASN F 103 12.83 4.02 13.11
CA ASN F 103 11.87 3.21 12.36
C ASN F 103 10.63 4.03 12.05
N ASN F 104 10.19 3.96 10.79
CA ASN F 104 8.99 4.65 10.37
C ASN F 104 7.71 3.87 10.64
N MET F 105 7.81 2.61 11.06
CA MET F 105 6.63 1.85 11.42
C MET F 105 6.07 2.29 12.77
N VAL F 106 6.93 2.79 13.65
CA VAL F 106 6.50 3.23 14.97
C VAL F 106 5.55 4.42 14.86
N GLU F 107 5.88 5.38 14.00
CA GLU F 107 5.02 6.55 13.82
C GLU F 107 3.68 6.16 13.21
N GLN F 108 3.69 5.24 12.25
CA GLN F 108 2.44 4.74 11.68
C GLN F 108 1.57 4.07 12.74
N MET F 109 2.19 3.25 13.59
CA MET F 109 1.43 2.59 14.66
C MET F 109 0.84 3.61 15.62
N HIS F 110 1.63 4.63 15.99
CA HIS F 110 1.14 5.67 16.88
C HIS F 110 -0.07 6.38 16.29
N THR F 111 0.05 6.80 15.03
CA THR F 111 -1.05 7.50 14.38
C THR F 111 -2.29 6.62 14.27
N ASP F 112 -2.09 5.33 13.94
CA ASP F 112 -3.23 4.42 13.81
C ASP F 112 -3.95 4.24 15.15
N ILE F 113 -3.19 4.06 16.22
CA ILE F 113 -3.80 3.87 17.54
C ILE F 113 -4.60 5.11 17.94
N ILE F 114 -4.01 6.30 17.73
CA ILE F 114 -4.70 7.52 18.13
C ILE F 114 -5.95 7.75 17.27
N SER F 115 -5.86 7.46 15.98
CA SER F 115 -7.01 7.61 15.10
C SER F 115 -8.15 6.66 15.48
N LEU F 116 -7.83 5.40 15.81
CA LEU F 116 -8.87 4.47 16.23
C LEU F 116 -9.49 4.92 17.55
N TRP F 117 -8.68 5.40 18.48
CA TRP F 117 -9.19 5.90 19.75
C TRP F 117 -10.17 7.06 19.53
N ASP F 118 -9.80 8.01 18.67
CA ASP F 118 -10.69 9.14 18.39
C ASP F 118 -11.96 8.67 17.67
N GLN F 119 -11.82 7.74 16.73
CA GLN F 119 -12.97 7.27 15.96
C GLN F 119 -13.99 6.56 16.85
N SER F 120 -13.53 5.81 17.85
CA SER F 120 -14.48 5.10 18.71
C SER F 120 -15.26 6.03 19.64
N LEU F 121 -14.91 7.31 19.73
CA LEU F 121 -15.48 8.21 20.72
C LEU F 121 -16.46 9.22 20.13
N LYS F 122 -16.84 9.08 18.86
CA LYS F 122 -17.68 10.08 18.22
C LYS F 122 -19.16 9.96 18.60
N PRO F 123 -19.78 8.77 18.51
CA PRO F 123 -21.22 8.69 18.81
C PRO F 123 -21.57 8.84 20.28
N CYS F 124 -20.59 8.91 21.16
CA CYS F 124 -20.84 8.82 22.60
C CYS F 124 -21.45 10.12 23.13
N VAL F 125 -21.92 10.05 24.38
CA VAL F 125 -22.71 11.12 24.98
C VAL F 125 -21.77 12.19 25.54
N LYS F 126 -22.05 13.45 25.20
CA LYS F 126 -21.33 14.58 25.79
C LYS F 126 -21.87 14.90 27.17
N LEU F 127 -20.98 15.22 28.09
CA LEU F 127 -21.33 15.50 29.48
C LEU F 127 -21.18 16.98 29.83
N THR F 128 -21.59 17.84 28.89
CA THR F 128 -21.50 19.28 29.13
C THR F 128 -22.28 19.76 30.35
N PRO F 129 -23.51 19.32 30.64
CA PRO F 129 -24.22 19.85 31.80
C PRO F 129 -23.69 19.36 33.14
N LEU F 130 -22.64 18.54 33.15
CA LEU F 130 -22.08 18.03 34.40
C LEU F 130 -21.09 18.99 35.04
N CYS F 131 -20.71 20.06 34.37
CA CYS F 131 -19.78 21.05 34.92
C CYS F 131 -20.59 22.06 35.73
N VAL F 132 -21.05 21.62 36.90
CA VAL F 132 -21.77 22.45 37.85
C VAL F 132 -21.05 22.38 39.19
N THR F 133 -21.58 23.11 40.16
CA THR F 133 -21.03 23.09 41.51
C THR F 133 -21.65 21.94 42.30
N LEU F 134 -20.83 21.00 42.72
CA LEU F 134 -21.25 19.85 43.50
C LEU F 134 -21.14 20.20 44.98
N GLN F 135 -22.02 19.61 45.79
CA GLN F 135 -21.95 19.73 47.24
C GLN F 135 -21.52 18.35 47.76
N CYS F 136 -20.33 18.27 48.34
CA CYS F 136 -19.72 16.97 48.60
C CYS F 136 -19.45 16.77 50.09
N THR F 137 -19.56 15.51 50.51
CA THR F 137 -19.21 15.10 51.87
C THR F 137 -18.37 13.84 51.80
N ASN F 138 -17.74 13.51 52.92
CA ASN F 138 -16.89 12.33 53.03
C ASN F 138 -17.74 11.07 53.15
N VAL F 139 -17.28 10.00 52.51
CA VAL F 139 -17.97 8.71 52.55
C VAL F 139 -17.47 7.92 53.76
N THR F 140 -18.41 7.42 54.54
CA THR F 140 -18.14 6.68 55.77
C THR F 140 -18.86 5.35 55.63
N ASN F 141 -19.13 4.70 56.78
CA ASN F 141 -19.88 3.45 56.78
C ASN F 141 -19.11 2.30 56.14
N ASN F 142 -18.13 1.77 56.88
CA ASN F 142 -17.33 0.60 56.55
C ASN F 142 -16.20 0.91 55.57
N ILE F 143 -15.64 2.10 55.65
CA ILE F 143 -14.35 2.36 55.03
C ILE F 143 -13.24 1.96 56.01
N THR F 144 -12.06 1.69 55.47
CA THR F 144 -10.92 1.36 56.31
C THR F 144 -10.06 2.60 56.55
N ASP F 145 -9.05 2.46 57.39
CA ASP F 145 -8.19 3.60 57.71
C ASP F 145 -7.37 4.05 56.50
N ASP F 146 -7.18 3.17 55.51
CA ASP F 146 -6.45 3.55 54.31
C ASP F 146 -7.35 4.20 53.27
N MET F 147 -8.67 4.08 53.41
CA MET F 147 -9.61 4.62 52.43
C MET F 147 -10.33 5.86 52.93
N ARG F 148 -9.81 6.51 53.96
CA ARG F 148 -10.44 7.71 54.50
C ARG F 148 -10.30 8.87 53.52
N GLY F 149 -11.44 9.39 53.06
CA GLY F 149 -11.42 10.54 52.18
C GLY F 149 -11.11 10.26 50.73
N GLU F 150 -11.14 9.00 50.31
CA GLU F 150 -10.88 8.68 48.90
C GLU F 150 -12.14 8.64 48.06
N LEU F 151 -13.31 8.45 48.68
CA LEU F 151 -14.59 8.53 48.01
C LEU F 151 -15.40 9.68 48.58
N LYS F 152 -16.13 10.37 47.71
CA LYS F 152 -16.93 11.52 48.10
C LYS F 152 -18.35 11.36 47.59
N ASN F 153 -19.29 11.74 48.44
CA ASN F 153 -20.72 11.70 48.14
C ASN F 153 -21.13 13.12 47.74
N CYS F 154 -21.43 13.32 46.46
CA CYS F 154 -21.64 14.66 45.90
C CYS F 154 -23.04 14.76 45.32
N SER F 155 -23.76 15.80 45.71
CA SER F 155 -25.10 16.08 45.21
C SER F 155 -25.11 17.34 44.35
N PHE F 156 -25.97 17.35 43.34
CA PHE F 156 -26.02 18.46 42.40
C PHE F 156 -27.38 18.51 41.71
N ASN F 157 -27.63 19.64 41.06
CA ASN F 157 -28.83 19.85 40.27
C ASN F 157 -28.55 19.50 38.82
N MET F 158 -29.41 18.65 38.25
CA MET F 158 -29.23 18.14 36.90
C MET F 158 -30.42 18.55 36.03
N THR F 159 -30.14 18.75 34.76
CA THR F 159 -31.19 19.07 33.80
C THR F 159 -32.11 17.86 33.59
N THR F 160 -33.38 18.15 33.34
CA THR F 160 -34.39 17.15 33.08
C THR F 160 -34.62 17.05 31.58
N GLU F 161 -35.33 16.00 31.15
CA GLU F 161 -35.73 15.87 29.76
C GLU F 161 -36.67 16.99 29.33
N LEU F 162 -37.29 17.68 30.28
CA LEU F 162 -38.07 18.88 30.01
C LEU F 162 -37.17 20.10 30.24
N ARG F 163 -37.06 20.96 29.22
CA ARG F 163 -36.20 22.12 29.35
C ARG F 163 -36.93 23.21 30.12
N ASP F 164 -37.47 22.85 31.28
CA ASP F 164 -38.16 23.80 32.14
C ASP F 164 -37.92 23.58 33.63
N LYS F 165 -37.41 22.44 34.06
CA LYS F 165 -37.30 22.11 35.48
C LYS F 165 -36.06 21.27 35.70
N LYS F 166 -35.62 21.23 36.96
CA LYS F 166 -34.39 20.55 37.35
C LYS F 166 -34.70 19.41 38.32
N GLN F 167 -33.71 18.53 38.50
CA GLN F 167 -33.79 17.45 39.48
C GLN F 167 -32.57 17.53 40.38
N LYS F 168 -32.68 16.93 41.57
CA LYS F 168 -31.55 16.84 42.50
C LYS F 168 -31.10 15.40 42.58
N VAL F 169 -29.82 15.16 42.28
CA VAL F 169 -29.26 13.82 42.23
C VAL F 169 -27.94 13.81 42.99
N TYR F 170 -27.45 12.59 43.25
CA TYR F 170 -26.17 12.43 43.94
C TYR F 170 -25.41 11.28 43.29
N SER F 171 -24.10 11.30 43.50
CA SER F 171 -23.22 10.26 42.95
C SER F 171 -21.95 10.19 43.77
N LEU F 172 -21.19 9.13 43.55
CA LEU F 172 -19.94 8.89 44.25
C LEU F 172 -18.77 9.20 43.31
N PHE F 173 -17.86 10.05 43.76
CA PHE F 173 -16.70 10.44 42.97
C PHE F 173 -15.42 10.15 43.73
N TYR F 174 -14.39 9.73 43.01
CA TYR F 174 -13.08 9.57 43.63
C TYR F 174 -12.47 10.93 43.93
N ARG F 175 -11.58 10.95 44.93
CA ARG F 175 -10.98 12.20 45.37
C ARG F 175 -10.10 12.84 44.30
N LEU F 176 -9.62 12.06 43.33
CA LEU F 176 -8.76 12.58 42.28
C LEU F 176 -9.52 13.24 41.14
N ASP F 177 -10.85 13.17 41.15
CA ASP F 177 -11.67 13.72 40.08
C ASP F 177 -12.28 15.08 40.40
N VAL F 178 -12.19 15.52 41.65
CA VAL F 178 -12.87 16.73 42.08
C VAL F 178 -11.86 17.71 42.66
N VAL F 179 -12.17 19.01 42.51
CA VAL F 179 -11.36 20.09 43.03
C VAL F 179 -12.25 20.96 43.91
N GLN F 180 -11.79 21.25 45.11
CA GLN F 180 -12.53 22.10 46.03
C GLN F 180 -12.47 23.55 45.55
N ILE F 181 -13.61 24.24 45.59
CA ILE F 181 -13.67 25.66 45.31
C ILE F 181 -14.26 26.35 46.53
N ASN F 182 -13.88 27.60 46.72
CA ASN F 182 -14.29 28.35 47.91
C ASN F 182 -15.42 29.33 47.59
N ASN F 193 -21.63 21.62 54.11
CA ASN F 193 -20.65 20.86 53.33
C ASN F 193 -19.84 21.77 52.43
N LYS F 194 -18.96 21.16 51.63
CA LYS F 194 -18.05 21.91 50.79
C LYS F 194 -18.47 21.85 49.32
N GLU F 195 -18.06 22.87 48.57
CA GLU F 195 -18.36 23.00 47.15
C GLU F 195 -17.18 22.50 46.33
N TYR F 196 -17.48 21.62 45.39
CA TYR F 196 -16.47 21.02 44.51
C TYR F 196 -16.87 21.24 43.06
N ARG F 197 -15.91 21.00 42.17
CA ARG F 197 -16.18 20.97 40.74
C ARG F 197 -15.35 19.83 40.15
N LEU F 198 -15.70 19.41 38.94
CA LEU F 198 -14.93 18.35 38.30
C LEU F 198 -13.52 18.85 37.97
N ILE F 199 -12.59 17.90 37.85
CA ILE F 199 -11.19 18.25 37.61
C ILE F 199 -11.02 18.97 36.28
N ASN F 200 -11.80 18.61 35.27
CA ASN F 200 -11.57 19.07 33.91
C ASN F 200 -12.30 20.35 33.54
N CYS F 201 -13.18 20.87 34.40
CA CYS F 201 -14.01 21.98 33.94
C CYS F 201 -13.28 23.31 34.06
N ASN F 202 -12.02 23.34 33.62
CA ASN F 202 -11.37 24.59 33.25
C ASN F 202 -10.41 24.42 32.08
N THR F 203 -10.28 23.22 31.51
CA THR F 203 -9.33 22.97 30.44
C THR F 203 -9.89 22.19 29.26
N SER F 204 -10.97 21.43 29.44
CA SER F 204 -11.47 20.55 28.39
C SER F 204 -12.92 20.21 28.68
N ALA F 205 -13.53 19.47 27.76
CA ALA F 205 -14.87 18.94 27.91
C ALA F 205 -14.81 17.42 27.93
N ILE F 206 -15.69 16.80 28.72
CA ILE F 206 -15.69 15.36 28.92
C ILE F 206 -16.73 14.72 28.02
N THR F 207 -16.38 13.55 27.49
CA THR F 207 -17.29 12.71 26.74
C THR F 207 -17.36 11.35 27.43
N GLN F 208 -18.57 10.89 27.72
CA GLN F 208 -18.73 9.62 28.40
C GLN F 208 -18.48 8.47 27.43
N ALA F 209 -17.55 7.59 27.79
CA ALA F 209 -17.23 6.45 26.93
C ALA F 209 -18.43 5.54 26.80
N CYS F 210 -18.67 5.07 25.58
CA CYS F 210 -19.82 4.23 25.29
C CYS F 210 -19.65 2.89 25.99
N PRO F 211 -20.58 2.48 26.87
CA PRO F 211 -20.33 1.32 27.75
C PRO F 211 -20.28 -0.01 27.02
N LYS F 212 -20.73 -0.09 25.78
CA LYS F 212 -20.70 -1.34 25.04
C LYS F 212 -19.39 -1.57 24.31
N VAL F 213 -18.42 -0.68 24.47
CA VAL F 213 -17.13 -0.76 23.79
C VAL F 213 -16.09 -1.30 24.74
N SER F 214 -15.28 -2.25 24.26
CA SER F 214 -14.28 -2.92 25.07
C SER F 214 -12.89 -2.35 24.79
N PHE F 215 -12.07 -2.27 25.83
CA PHE F 215 -10.70 -1.77 25.73
C PHE F 215 -9.67 -2.88 25.66
N GLU F 216 -10.10 -4.13 25.45
CA GLU F 216 -9.19 -5.26 25.52
C GLU F 216 -8.29 -5.28 24.29
N PRO F 217 -6.97 -5.38 24.47
CA PRO F 217 -6.07 -5.43 23.30
C PRO F 217 -6.22 -6.72 22.52
N ILE F 218 -6.24 -6.59 21.20
CA ILE F 218 -6.32 -7.72 20.29
C ILE F 218 -5.08 -7.69 19.39
N PRO F 219 -4.42 -8.82 19.15
CA PRO F 219 -3.20 -8.79 18.34
C PRO F 219 -3.45 -8.32 16.92
N ILE F 220 -2.51 -7.54 16.40
CA ILE F 220 -2.59 -6.95 15.07
C ILE F 220 -1.33 -7.27 14.30
N HIS F 221 -1.48 -7.70 13.06
CA HIS F 221 -0.35 -7.95 12.16
C HIS F 221 -0.28 -6.83 11.12
N TYR F 222 0.91 -6.25 10.96
CA TYR F 222 1.12 -5.16 10.01
C TYR F 222 1.70 -5.74 8.73
N CYS F 223 1.04 -5.50 7.61
CA CYS F 223 1.36 -6.11 6.34
C CYS F 223 1.73 -5.06 5.31
N ALA F 224 2.67 -5.42 4.44
CA ALA F 224 3.19 -4.58 3.37
C ALA F 224 2.50 -4.90 2.04
N PRO F 225 2.33 -3.91 1.17
CA PRO F 225 1.68 -4.16 -0.12
C PRO F 225 2.56 -4.95 -1.08
N ALA F 226 2.02 -5.30 -2.24
CA ALA F 226 2.81 -5.97 -3.26
C ALA F 226 3.87 -5.03 -3.80
N GLY F 227 5.04 -5.57 -4.10
CA GLY F 227 6.20 -4.77 -4.43
C GLY F 227 6.99 -4.28 -3.25
N PHE F 228 6.60 -4.67 -2.03
CA PHE F 228 7.32 -4.33 -0.82
C PHE F 228 7.49 -5.59 0.01
N ALA F 229 8.50 -5.59 0.88
CA ALA F 229 8.76 -6.72 1.76
C ALA F 229 9.18 -6.20 3.13
N ILE F 230 9.13 -7.07 4.13
CA ILE F 230 9.57 -6.72 5.47
C ILE F 230 10.77 -7.59 5.83
N LEU F 231 11.92 -6.96 6.02
CA LEU F 231 13.10 -7.65 6.51
C LEU F 231 13.06 -7.78 8.02
N LYS F 232 13.50 -8.92 8.53
CA LYS F 232 13.44 -9.26 9.94
C LYS F 232 14.80 -9.76 10.39
N CYS F 233 15.24 -9.29 11.56
CA CYS F 233 16.55 -9.66 12.09
C CYS F 233 16.40 -10.86 13.02
N LYS F 234 17.16 -11.92 12.74
CA LYS F 234 17.09 -13.16 13.51
C LYS F 234 18.21 -13.29 14.52
N ASP F 235 19.04 -12.26 14.69
CA ASP F 235 20.11 -12.31 15.68
C ASP F 235 19.53 -12.27 17.09
N LYS F 236 20.10 -13.08 17.98
CA LYS F 236 19.64 -13.17 19.36
C LYS F 236 20.40 -12.25 20.30
N LYS F 237 21.40 -11.54 19.81
CA LYS F 237 22.16 -10.58 20.60
C LYS F 237 22.17 -9.23 19.91
N PHE F 238 21.07 -8.91 19.23
CA PHE F 238 20.94 -7.67 18.49
C PHE F 238 20.56 -6.55 19.45
N ASN F 239 21.29 -5.44 19.39
CA ASN F 239 21.02 -4.31 20.28
C ASN F 239 20.28 -3.17 19.58
N GLY F 240 19.61 -3.45 18.47
CA GLY F 240 18.72 -2.50 17.84
C GLY F 240 19.35 -1.58 16.82
N THR F 241 20.68 -1.46 16.80
CA THR F 241 21.34 -0.55 15.87
C THR F 241 22.61 -1.20 15.34
N GLY F 242 22.75 -1.19 14.02
CA GLY F 242 23.93 -1.72 13.39
C GLY F 242 23.65 -2.85 12.41
N PRO F 243 24.71 -3.57 12.01
CA PRO F 243 24.53 -4.68 11.08
C PRO F 243 23.99 -5.92 11.78
N CYS F 244 23.03 -6.56 11.13
CA CYS F 244 22.45 -7.83 11.61
C CYS F 244 22.83 -8.93 10.63
N PRO F 245 23.76 -9.81 11.00
CA PRO F 245 24.28 -10.80 10.04
C PRO F 245 23.37 -12.00 9.81
N SER F 246 22.15 -12.02 10.34
CA SER F 246 21.21 -13.12 10.12
C SER F 246 19.85 -12.50 9.79
N VAL F 247 19.47 -12.55 8.52
CA VAL F 247 18.32 -11.82 8.02
C VAL F 247 17.31 -12.79 7.40
N SER F 248 16.04 -12.47 7.57
CA SER F 248 14.96 -13.19 6.93
C SER F 248 14.01 -12.16 6.32
N THR F 249 13.13 -12.64 5.45
CA THR F 249 12.14 -11.79 4.82
C THR F 249 10.75 -12.40 4.99
N VAL F 250 9.78 -11.50 5.18
CA VAL F 250 8.38 -11.85 5.44
C VAL F 250 7.49 -10.80 4.78
N GLN F 251 6.18 -11.02 4.88
CA GLN F 251 5.19 -10.07 4.42
C GLN F 251 4.39 -9.44 5.56
N CYS F 252 4.38 -10.07 6.74
CA CYS F 252 3.62 -9.59 7.88
C CYS F 252 4.46 -9.71 9.14
N THR F 253 4.23 -8.80 10.08
CA THR F 253 4.81 -8.93 11.41
C THR F 253 3.96 -9.86 12.25
N HIS F 254 4.54 -10.32 13.37
CA HIS F 254 3.78 -11.14 14.29
C HIS F 254 2.72 -10.30 14.99
N GLY F 255 1.79 -10.97 15.65
CA GLY F 255 0.74 -10.28 16.37
C GLY F 255 1.26 -9.38 17.46
N ILE F 256 0.87 -8.12 17.45
CA ILE F 256 1.33 -7.11 18.39
C ILE F 256 0.10 -6.53 19.09
N LYS F 257 0.03 -6.67 20.40
CA LYS F 257 -1.07 -6.14 21.19
C LYS F 257 -0.77 -4.71 21.63
N PRO F 258 -1.65 -3.76 21.35
CA PRO F 258 -1.44 -2.37 21.80
C PRO F 258 -1.75 -2.17 23.29
N VAL F 259 -0.78 -2.52 24.13
CA VAL F 259 -0.92 -2.38 25.57
C VAL F 259 -0.36 -1.03 25.98
N VAL F 260 -1.21 -0.22 26.63
CA VAL F 260 -0.83 1.13 27.06
C VAL F 260 -0.51 1.06 28.55
N SER F 261 0.74 1.37 28.91
CA SER F 261 1.17 1.35 30.30
C SER F 261 2.46 2.16 30.42
N THR F 262 2.83 2.45 31.67
CA THR F 262 4.07 3.16 31.96
C THR F 262 4.87 2.42 33.02
N GLN F 263 6.20 2.58 32.93
CA GLN F 263 7.19 2.08 33.88
C GLN F 263 7.37 0.56 33.81
N LEU F 264 6.48 -0.12 33.10
CA LEU F 264 6.44 -1.58 33.06
C LEU F 264 5.79 -2.01 31.76
N LEU F 265 6.43 -2.92 31.04
CA LEU F 265 5.88 -3.48 29.82
C LEU F 265 5.15 -4.77 30.17
N LEU F 266 3.91 -4.89 29.71
CA LEU F 266 3.04 -6.00 30.08
C LEU F 266 2.55 -6.74 28.85
N ASN F 267 2.42 -8.06 28.98
CA ASN F 267 1.81 -8.90 27.95
C ASN F 267 2.54 -8.79 26.61
N GLY F 268 3.86 -8.69 26.66
CA GLY F 268 4.64 -8.52 25.45
C GLY F 268 5.41 -9.76 25.04
N SER F 269 6.59 -9.57 24.46
CA SER F 269 7.47 -10.64 24.05
C SER F 269 8.73 -10.66 24.91
N LEU F 270 9.34 -11.83 25.00
CA LEU F 270 10.50 -12.06 25.84
C LEU F 270 11.75 -12.30 25.00
N ALA F 271 12.90 -11.95 25.58
CA ALA F 271 14.17 -12.25 24.94
C ALA F 271 14.41 -13.76 24.94
N GLU F 272 15.35 -14.19 24.10
CA GLU F 272 15.60 -15.60 23.89
C GLU F 272 16.86 -16.13 24.55
N GLU F 273 17.86 -15.28 24.80
CA GLU F 273 19.08 -15.72 25.47
C GLU F 273 19.30 -15.02 26.81
N GLU F 274 19.32 -13.69 26.83
CA GLU F 274 19.65 -12.95 28.04
C GLU F 274 18.81 -11.68 28.11
N VAL F 275 18.85 -11.04 29.28
CA VAL F 275 18.22 -9.74 29.44
C VAL F 275 18.91 -8.73 28.54
N MET F 276 18.13 -7.98 27.77
CA MET F 276 18.67 -7.06 26.77
C MET F 276 18.50 -5.62 27.24
N ILE F 277 19.55 -4.83 27.11
CA ILE F 277 19.53 -3.41 27.44
C ILE F 277 19.80 -2.62 26.16
N ARG F 278 18.90 -1.69 25.83
CA ARG F 278 18.97 -0.95 24.59
C ARG F 278 18.80 0.54 24.86
N SER F 279 19.58 1.36 24.15
CA SER F 279 19.48 2.80 24.27
C SER F 279 20.03 3.43 23.00
N GLU F 280 19.52 4.62 22.69
CA GLU F 280 20.01 5.34 21.51
C GLU F 280 21.46 5.77 21.69
N ASN F 281 21.78 6.38 22.83
CA ASN F 281 23.14 6.76 23.18
C ASN F 281 23.29 6.51 24.67
N ILE F 282 23.98 5.43 25.03
CA ILE F 282 23.99 4.95 26.42
C ILE F 282 24.69 5.89 27.37
N THR F 283 25.59 6.76 26.88
CA THR F 283 26.25 7.72 27.75
C THR F 283 25.47 9.01 27.93
N ASN F 284 24.47 9.25 27.09
CA ASN F 284 23.61 10.43 27.24
C ASN F 284 22.48 10.07 28.19
N ASN F 285 22.45 10.70 29.36
CA ASN F 285 21.46 10.38 30.37
C ASN F 285 20.08 10.96 30.07
N ALA F 286 19.95 11.74 29.00
CA ALA F 286 18.66 12.24 28.55
C ALA F 286 17.91 11.24 27.70
N LYS F 287 18.46 10.03 27.54
CA LYS F 287 17.87 8.98 26.72
C LYS F 287 17.31 7.88 27.62
N ASN F 288 16.15 7.35 27.26
CA ASN F 288 15.55 6.26 27.99
C ASN F 288 16.25 4.94 27.67
N ILE F 289 16.34 4.08 28.70
CA ILE F 289 16.91 2.75 28.56
C ILE F 289 15.76 1.75 28.53
N LEU F 290 15.75 0.89 27.53
CA LEU F 290 14.72 -0.14 27.39
C LEU F 290 15.31 -1.49 27.80
N VAL F 291 14.64 -2.17 28.72
CA VAL F 291 15.10 -3.44 29.26
C VAL F 291 14.11 -4.53 28.86
N GLN F 292 14.61 -5.57 28.20
CA GLN F 292 13.81 -6.71 27.77
C GLN F 292 14.18 -7.90 28.63
N PHE F 293 13.18 -8.51 29.27
CA PHE F 293 13.38 -9.61 30.19
C PHE F 293 13.60 -10.91 29.44
N ASN F 294 14.10 -11.91 30.17
CA ASN F 294 14.24 -13.26 29.66
C ASN F 294 13.08 -14.16 30.06
N THR F 295 12.58 -14.01 31.28
CA THR F 295 11.40 -14.73 31.77
C THR F 295 10.42 -13.73 32.38
N PRO F 296 9.13 -13.93 32.22
CA PRO F 296 8.15 -12.95 32.71
C PRO F 296 7.94 -13.03 34.21
N VAL F 297 7.46 -11.93 34.77
CA VAL F 297 7.15 -11.85 36.19
C VAL F 297 5.65 -11.62 36.35
N GLN F 298 4.97 -12.54 37.02
CA GLN F 298 3.52 -12.46 37.16
C GLN F 298 3.12 -11.36 38.13
N ILE F 299 2.03 -10.68 37.80
CA ILE F 299 1.48 -9.62 38.64
C ILE F 299 -0.04 -9.78 38.70
N ASN F 300 -0.59 -9.74 39.92
CA ASN F 300 -2.02 -9.92 40.15
C ASN F 300 -2.63 -8.62 40.64
N CYS F 301 -3.53 -8.04 39.87
CA CYS F 301 -4.14 -6.76 40.24
C CYS F 301 -5.63 -6.92 40.49
N THR F 302 -6.12 -6.28 41.56
CA THR F 302 -7.52 -6.43 41.93
C THR F 302 -8.07 -5.12 42.48
N ARG F 303 -9.34 -4.88 42.15
CA ARG F 303 -10.21 -3.89 42.80
C ARG F 303 -11.33 -4.67 43.49
N PRO F 304 -11.33 -4.73 44.82
CA PRO F 304 -12.23 -5.64 45.54
C PRO F 304 -13.58 -5.08 45.94
N ASN F 305 -13.94 -3.88 45.52
CA ASN F 305 -15.24 -3.32 45.86
C ASN F 305 -16.31 -3.82 44.90
N ASN F 306 -17.50 -4.05 45.45
CA ASN F 306 -18.66 -4.47 44.68
C ASN F 306 -19.43 -3.21 44.31
N ASN F 307 -19.17 -2.69 43.12
CA ASN F 307 -19.72 -1.42 42.69
C ASN F 307 -21.17 -1.58 42.22
N THR F 308 -21.88 -0.45 42.16
CA THR F 308 -23.24 -0.40 41.66
C THR F 308 -23.35 0.75 40.67
N ARG F 309 -24.15 0.55 39.62
CA ARG F 309 -24.33 1.57 38.59
C ARG F 309 -25.77 2.06 38.57
N LYS F 310 -25.94 3.37 38.42
CA LYS F 310 -27.25 3.97 38.29
C LYS F 310 -27.27 4.86 37.05
N SER F 311 -28.46 5.01 36.47
CA SER F 311 -28.64 5.77 35.23
C SER F 311 -29.43 7.03 35.52
N ILE F 312 -28.93 8.17 35.04
CA ILE F 312 -29.59 9.45 35.21
C ILE F 312 -29.87 10.03 33.84
N ARG F 313 -31.13 10.36 33.56
CA ARG F 313 -31.53 10.91 32.27
C ARG F 313 -31.27 12.40 32.27
N ILE F 314 -30.30 12.84 31.45
CA ILE F 314 -29.91 14.25 31.43
C ILE F 314 -30.51 15.01 30.26
N GLY F 315 -31.24 14.34 29.39
CA GLY F 315 -31.86 14.96 28.24
C GLY F 315 -32.63 13.95 27.44
N PRO F 316 -33.27 14.38 26.35
CA PRO F 316 -34.03 13.44 25.53
C PRO F 316 -33.12 12.43 24.84
N GLY F 317 -33.12 11.19 25.33
CA GLY F 317 -32.29 10.15 24.76
C GLY F 317 -30.87 10.12 25.25
N GLN F 318 -30.55 10.80 26.35
CA GLN F 318 -29.19 10.89 26.86
C GLN F 318 -29.14 10.48 28.33
N ALA F 319 -28.30 9.50 28.64
CA ALA F 319 -28.17 8.96 29.98
C ALA F 319 -26.72 9.05 30.45
N PHE F 320 -26.56 9.29 31.74
CA PHE F 320 -25.26 9.41 32.40
C PHE F 320 -25.20 8.30 33.45
N TYR F 321 -24.13 7.50 33.40
CA TYR F 321 -23.98 6.36 34.30
C TYR F 321 -23.15 6.76 35.52
N ALA F 322 -23.81 6.92 36.66
CA ALA F 322 -23.16 7.30 37.89
C ALA F 322 -22.95 6.07 38.78
N THR F 323 -22.19 6.22 39.84
CA THR F 323 -21.94 5.15 40.81
C THR F 323 -23.00 5.25 41.90
N GLY F 324 -23.53 4.11 42.31
CA GLY F 324 -24.55 4.10 43.35
C GLY F 324 -23.94 3.94 44.71
N ASP F 325 -24.21 2.82 45.38
CA ASP F 325 -23.65 2.56 46.70
C ASP F 325 -22.90 1.23 46.67
N ILE F 326 -21.71 1.22 47.26
CA ILE F 326 -20.93 0.00 47.38
C ILE F 326 -21.58 -0.87 48.45
N ILE F 327 -21.93 -2.10 48.10
CA ILE F 327 -22.46 -3.02 49.09
C ILE F 327 -21.30 -3.79 49.71
N GLY F 328 -21.29 -3.89 51.02
CA GLY F 328 -20.17 -4.47 51.72
C GLY F 328 -19.23 -3.37 52.19
N ASP F 329 -18.07 -3.79 52.68
CA ASP F 329 -17.06 -2.85 53.13
C ASP F 329 -16.26 -2.30 51.95
N ILE F 330 -15.57 -1.20 52.21
CA ILE F 330 -14.80 -0.48 51.18
C ILE F 330 -13.32 -0.68 51.48
N ARG F 331 -12.59 -1.26 50.53
CA ARG F 331 -11.19 -1.60 50.68
C ARG F 331 -10.40 -1.03 49.52
N GLN F 332 -9.08 -1.10 49.64
CA GLN F 332 -8.16 -0.50 48.68
C GLN F 332 -7.79 -1.47 47.58
N ALA F 333 -7.66 -0.95 46.36
CA ALA F 333 -7.21 -1.75 45.23
C ALA F 333 -5.70 -1.90 45.26
N HIS F 334 -5.21 -3.05 44.78
CA HIS F 334 -3.78 -3.28 44.88
C HIS F 334 -3.33 -4.34 43.88
N CYS F 335 -2.01 -4.40 43.68
CA CYS F 335 -1.38 -5.43 42.88
C CYS F 335 -0.35 -6.16 43.73
N ASN F 336 -0.13 -7.43 43.40
CA ASN F 336 0.85 -8.28 44.08
C ASN F 336 1.88 -8.77 43.07
N VAL F 337 3.15 -8.73 43.47
CA VAL F 337 4.25 -9.32 42.73
C VAL F 337 5.02 -10.22 43.68
N SER F 338 5.79 -11.15 43.13
CA SER F 338 6.57 -12.08 43.92
C SER F 338 7.93 -11.49 44.26
N LYS F 339 8.34 -11.65 45.52
CA LYS F 339 9.58 -11.04 45.99
C LYS F 339 10.81 -11.72 45.41
N ALA F 340 10.84 -13.06 45.44
CA ALA F 340 12.00 -13.80 44.96
C ALA F 340 12.21 -13.62 43.46
N THR F 341 11.13 -13.68 42.69
CA THR F 341 11.25 -13.52 41.24
C THR F 341 11.74 -12.12 40.89
N TRP F 342 11.23 -11.11 41.58
CA TRP F 342 11.70 -9.74 41.35
C TRP F 342 13.18 -9.61 41.72
N ASN F 343 13.60 -10.26 42.81
CA ASN F 343 15.00 -10.20 43.21
C ASN F 343 15.89 -10.83 42.13
N GLU F 344 15.49 -11.99 41.61
CA GLU F 344 16.26 -12.64 40.55
C GLU F 344 16.34 -11.76 39.31
N THR F 345 15.20 -11.19 38.91
CA THR F 345 15.18 -10.36 37.70
C THR F 345 16.06 -9.12 37.88
N LEU F 346 16.01 -8.49 39.06
CA LEU F 346 16.86 -7.33 39.29
C LEU F 346 18.33 -7.72 39.31
N GLY F 347 18.68 -8.89 39.85
CA GLY F 347 20.05 -9.34 39.79
C GLY F 347 20.54 -9.53 38.37
N LYS F 348 19.72 -10.15 37.52
CA LYS F 348 20.09 -10.32 36.12
C LYS F 348 20.22 -8.98 35.41
N VAL F 349 19.32 -8.04 35.69
CA VAL F 349 19.38 -6.72 35.06
C VAL F 349 20.66 -5.99 35.49
N VAL F 350 21.03 -6.10 36.76
CA VAL F 350 22.25 -5.46 37.23
C VAL F 350 23.47 -6.09 36.57
N LYS F 351 23.48 -7.42 36.45
CA LYS F 351 24.59 -8.10 35.82
C LYS F 351 24.77 -7.67 34.38
N GLN F 352 23.66 -7.53 33.64
CA GLN F 352 23.77 -7.09 32.25
C GLN F 352 24.04 -5.59 32.12
N LEU F 353 23.62 -4.79 33.10
CA LEU F 353 23.89 -3.36 33.08
C LEU F 353 25.35 -3.04 33.39
N ARG F 354 26.03 -3.91 34.14
CA ARG F 354 27.41 -3.65 34.50
C ARG F 354 28.35 -3.68 33.29
N LYS F 355 27.95 -4.31 32.18
CA LYS F 355 28.79 -4.35 31.00
C LYS F 355 28.96 -2.99 30.34
N HIS F 356 28.15 -2.00 30.70
CA HIS F 356 28.28 -0.65 30.17
C HIS F 356 28.89 0.33 31.15
N PHE F 357 29.11 -0.07 32.40
CA PHE F 357 29.57 0.85 33.44
C PHE F 357 30.74 0.30 34.24
N GLY F 358 31.14 -0.95 34.05
CA GLY F 358 32.34 -1.46 34.65
C GLY F 358 32.08 -2.54 35.69
N ASN F 359 33.14 -3.30 36.00
CA ASN F 359 33.11 -4.38 36.97
C ASN F 359 32.72 -3.95 38.37
N ASN F 360 33.17 -2.78 38.82
CA ASN F 360 33.15 -2.43 40.24
C ASN F 360 32.29 -1.23 40.57
N THR F 361 31.27 -0.92 39.77
CA THR F 361 30.38 0.19 40.08
C THR F 361 29.20 -0.29 40.92
N ILE F 362 28.81 0.55 41.88
CA ILE F 362 27.66 0.29 42.73
C ILE F 362 26.41 0.76 41.99
N ILE F 363 25.44 -0.13 41.82
CA ILE F 363 24.24 0.16 41.05
C ILE F 363 23.04 0.12 41.98
N ARG F 364 22.31 1.23 42.07
CA ARG F 364 21.19 1.32 42.99
C ARG F 364 19.92 1.71 42.24
N PHE F 365 18.79 1.21 42.74
CA PHE F 365 17.47 1.52 42.21
C PHE F 365 16.69 2.33 43.23
N ALA F 366 16.21 3.49 42.81
CA ALA F 366 15.37 4.37 43.62
C ALA F 366 14.12 4.72 42.83
N ASN F 367 13.08 5.13 43.55
CA ASN F 367 11.78 5.35 42.93
C ASN F 367 11.81 6.60 42.05
N SER F 368 10.70 6.84 41.37
CA SER F 368 10.59 7.98 40.47
C SER F 368 10.65 9.28 41.25
N SER F 369 10.73 10.39 40.51
CA SER F 369 10.88 11.70 41.14
C SER F 369 10.23 12.76 40.25
N GLY F 370 9.13 13.33 40.71
CA GLY F 370 8.51 14.45 40.04
C GLY F 370 7.77 14.10 38.76
N GLY F 371 6.77 14.92 38.41
CA GLY F 371 5.98 14.72 37.23
C GLY F 371 4.50 14.58 37.56
N ASP F 372 3.73 14.29 36.51
CA ASP F 372 2.30 14.07 36.69
C ASP F 372 2.05 12.63 37.15
N LEU F 373 0.82 12.39 37.60
CA LEU F 373 0.47 11.08 38.17
C LEU F 373 0.61 9.94 37.17
N GLU F 374 0.42 10.22 35.88
CA GLU F 374 0.60 9.18 34.87
C GLU F 374 2.06 8.73 34.80
N VAL F 375 3.00 9.65 34.96
CA VAL F 375 4.41 9.34 34.80
C VAL F 375 5.03 8.77 36.07
N THR F 376 4.63 9.27 37.25
CA THR F 376 5.24 8.87 38.50
C THR F 376 4.69 7.55 39.04
N THR F 377 3.66 6.99 38.43
CA THR F 377 3.05 5.75 38.87
C THR F 377 2.97 4.76 37.71
N HIS F 378 2.87 3.49 38.05
CA HIS F 378 2.60 2.47 37.05
C HIS F 378 1.12 2.56 36.70
N SER F 379 0.82 3.10 35.53
CA SER F 379 -0.56 3.31 35.12
C SER F 379 -0.94 2.29 34.06
N PHE F 380 -2.11 1.69 34.23
CA PHE F 380 -2.58 0.71 33.26
C PHE F 380 -4.10 0.67 33.33
N ASN F 381 -4.69 -0.30 32.62
CA ASN F 381 -6.14 -0.39 32.46
C ASN F 381 -6.51 -1.87 32.55
N CYS F 382 -7.28 -2.22 33.58
CA CYS F 382 -7.64 -3.62 33.85
C CYS F 382 -9.15 -3.78 33.77
N GLY F 383 -9.61 -4.20 32.59
CA GLY F 383 -11.01 -4.52 32.38
C GLY F 383 -11.95 -3.33 32.48
N GLY F 384 -11.57 -2.20 31.90
CA GLY F 384 -12.43 -1.03 31.91
C GLY F 384 -11.98 0.04 32.88
N GLU F 385 -11.48 -0.37 34.04
CA GLU F 385 -11.03 0.57 35.06
C GLU F 385 -9.58 0.94 34.84
N PHE F 386 -9.22 2.16 35.19
CA PHE F 386 -7.86 2.66 35.03
C PHE F 386 -7.18 2.72 36.39
N PHE F 387 -6.03 2.07 36.51
CA PHE F 387 -5.28 1.97 37.76
C PHE F 387 -4.01 2.81 37.67
N TYR F 388 -3.63 3.41 38.80
CA TYR F 388 -2.36 4.10 38.96
C TYR F 388 -1.73 3.56 40.25
N CYS F 389 -0.68 2.75 40.12
CA CYS F 389 -0.11 2.04 41.25
C CYS F 389 1.23 2.63 41.66
N ASN F 390 1.51 2.55 42.96
CA ASN F 390 2.71 3.12 43.55
C ASN F 390 3.79 2.04 43.59
N THR F 391 4.86 2.23 42.82
CA THR F 391 5.92 1.23 42.66
C THR F 391 7.17 1.61 43.43
N SER F 392 7.03 2.20 44.62
CA SER F 392 8.19 2.55 45.42
C SER F 392 8.82 1.35 46.12
N GLY F 393 8.14 0.22 46.18
CA GLY F 393 8.70 -0.98 46.76
C GLY F 393 9.35 -1.87 45.73
N LEU F 394 9.05 -1.62 44.46
CA LEU F 394 9.70 -2.37 43.38
C LEU F 394 11.11 -1.88 43.12
N PHE F 395 11.33 -0.57 43.21
CA PHE F 395 12.62 0.05 42.90
C PHE F 395 13.16 0.68 44.18
N ASN F 396 13.76 -0.14 45.03
CA ASN F 396 14.36 0.34 46.27
C ASN F 396 15.43 -0.68 46.68
N SER F 397 16.67 -0.41 46.28
CA SER F 397 17.74 -1.38 46.55
C SER F 397 19.09 -0.80 46.13
N THR F 398 20.15 -1.48 46.57
CA THR F 398 21.52 -1.16 46.21
C THR F 398 22.28 -2.46 45.97
N TRP F 399 23.12 -2.47 44.94
CA TRP F 399 23.88 -3.66 44.53
C TRP F 399 25.35 -3.29 44.48
N ILE F 400 26.18 -4.07 45.18
CA ILE F 400 27.61 -3.82 45.31
C ILE F 400 28.35 -5.00 44.70
N SER F 401 29.33 -4.70 43.83
CA SER F 401 30.11 -5.72 43.17
C SER F 401 30.93 -6.54 44.17
N ASN F 414 7.70 -17.12 48.40
CA ASN F 414 6.71 -17.36 49.45
C ASN F 414 5.99 -16.08 49.85
N ASP F 415 6.75 -15.00 50.01
CA ASP F 415 6.17 -13.70 50.35
C ASP F 415 5.80 -12.93 49.09
N SER F 416 5.14 -11.78 49.28
CA SER F 416 4.70 -10.94 48.20
C SER F 416 5.02 -9.47 48.48
N ILE F 417 5.13 -8.71 47.40
CA ILE F 417 5.23 -7.26 47.46
C ILE F 417 3.89 -6.70 46.99
N THR F 418 3.26 -5.88 47.82
CA THR F 418 1.96 -5.31 47.55
C THR F 418 2.11 -3.84 47.18
N LEU F 419 1.60 -3.48 46.00
CA LEU F 419 1.61 -2.11 45.52
C LEU F 419 0.20 -1.55 45.61
N PRO F 420 -0.05 -0.53 46.43
CA PRO F 420 -1.39 0.06 46.51
C PRO F 420 -1.66 0.93 45.30
N CYS F 421 -2.89 0.86 44.78
CA CYS F 421 -3.25 1.59 43.57
C CYS F 421 -4.44 2.50 43.83
N ARG F 422 -4.52 3.56 43.04
CA ARG F 422 -5.65 4.48 43.02
C ARG F 422 -6.37 4.38 41.69
N ILE F 423 -7.62 4.81 41.69
CA ILE F 423 -8.48 4.71 40.52
C ILE F 423 -8.96 6.11 40.15
N LYS F 424 -8.90 6.42 38.86
CA LYS F 424 -9.32 7.71 38.33
C LYS F 424 -10.32 7.47 37.21
N GLN F 425 -11.38 8.28 37.18
CA GLN F 425 -12.46 8.10 36.22
C GLN F 425 -12.45 9.07 35.06
N ILE F 426 -11.78 10.20 35.19
CA ILE F 426 -11.63 11.18 34.11
C ILE F 426 -10.21 11.03 33.57
N ILE F 427 -10.09 10.65 32.31
CA ILE F 427 -8.83 10.17 31.74
C ILE F 427 -8.39 11.13 30.64
N ASN F 428 -7.12 11.53 30.68
CA ASN F 428 -6.48 12.29 29.62
C ASN F 428 -5.40 11.42 29.00
N MET F 429 -5.60 11.03 27.74
CA MET F 429 -4.72 10.08 27.07
C MET F 429 -3.85 10.77 26.03
N TRP F 430 -2.75 10.11 25.68
CA TRP F 430 -1.85 10.54 24.61
C TRP F 430 -1.20 11.90 24.89
N GLN F 431 -1.09 12.26 26.17
CA GLN F 431 -0.45 13.51 26.59
C GLN F 431 -1.06 14.73 25.90
N ARG F 432 -2.37 14.71 25.72
CA ARG F 432 -3.08 15.78 25.03
C ARG F 432 -3.84 16.64 26.04
N ILE F 433 -4.17 17.85 25.60
CA ILE F 433 -5.00 18.78 26.36
C ILE F 433 -6.18 19.17 25.49
N GLY F 434 -7.37 19.15 26.06
CA GLY F 434 -8.59 19.52 25.35
C GLY F 434 -9.58 18.40 25.13
N GLN F 435 -9.20 17.15 25.36
CA GLN F 435 -10.09 16.01 25.17
C GLN F 435 -9.97 15.10 26.37
N ALA F 436 -10.91 15.20 27.31
CA ALA F 436 -10.99 14.28 28.42
C ALA F 436 -12.07 13.25 28.15
N MET F 437 -11.99 12.11 28.82
CA MET F 437 -12.96 11.05 28.63
C MET F 437 -13.37 10.49 29.98
N TYR F 438 -14.67 10.27 30.14
CA TYR F 438 -15.23 9.70 31.35
C TYR F 438 -15.43 8.20 31.16
N ALA F 439 -14.94 7.41 32.11
CA ALA F 439 -15.08 5.97 32.05
C ALA F 439 -16.23 5.55 32.96
N PRO F 440 -17.31 5.00 32.43
CA PRO F 440 -18.45 4.63 33.28
C PRO F 440 -18.09 3.50 34.22
N PRO F 441 -18.77 3.39 35.37
CA PRO F 441 -18.37 2.39 36.36
C PRO F 441 -18.58 0.97 35.87
N ILE F 442 -17.77 0.06 36.43
CA ILE F 442 -17.86 -1.36 36.16
C ILE F 442 -18.41 -2.04 37.40
N GLN F 443 -19.37 -2.96 37.21
CA GLN F 443 -20.08 -3.58 38.31
C GLN F 443 -19.35 -4.83 38.79
N GLY F 444 -19.33 -5.01 40.11
CA GLY F 444 -18.71 -6.19 40.70
C GLY F 444 -17.22 -6.03 40.95
N VAL F 445 -16.65 -7.08 41.50
CA VAL F 445 -15.22 -7.13 41.80
C VAL F 445 -14.44 -7.27 40.49
N ILE F 446 -13.23 -6.74 40.46
CA ILE F 446 -12.39 -6.77 39.26
C ILE F 446 -11.05 -7.40 39.60
N ARG F 447 -10.59 -8.31 38.74
CA ARG F 447 -9.32 -9.00 38.97
C ARG F 447 -8.70 -9.34 37.62
N CYS F 448 -7.38 -9.18 37.51
CA CYS F 448 -6.65 -9.57 36.31
C CYS F 448 -5.22 -9.98 36.64
N VAL F 449 -4.64 -10.75 35.72
CA VAL F 449 -3.30 -11.32 35.87
C VAL F 449 -2.49 -10.97 34.63
N SER F 450 -1.27 -10.46 34.83
CA SER F 450 -0.44 -10.02 33.71
C SER F 450 0.98 -10.49 33.90
N ASN F 451 1.77 -10.36 32.84
CA ASN F 451 3.21 -10.63 32.86
C ASN F 451 3.97 -9.33 32.66
N ILE F 452 4.90 -9.04 33.56
CA ILE F 452 5.90 -8.01 33.32
C ILE F 452 7.01 -8.62 32.49
N THR F 453 7.32 -7.98 31.36
CA THR F 453 8.32 -8.48 30.42
C THR F 453 9.33 -7.42 30.02
N GLY F 454 9.45 -6.33 30.77
CA GLY F 454 10.41 -5.31 30.44
C GLY F 454 10.30 -4.12 31.37
N LEU F 455 11.18 -3.15 31.10
CA LEU F 455 11.24 -1.92 31.88
C LEU F 455 11.64 -0.75 30.99
N ILE F 456 11.26 0.45 31.42
CA ILE F 456 11.75 1.70 30.88
C ILE F 456 12.43 2.45 32.02
N LEU F 457 13.71 2.75 31.86
CA LEU F 457 14.52 3.33 32.93
C LEU F 457 15.17 4.62 32.45
N THR F 458 15.63 5.41 33.42
CA THR F 458 16.38 6.62 33.16
C THR F 458 17.51 6.71 34.16
N ARG F 459 18.56 7.44 33.80
CA ARG F 459 19.76 7.55 34.62
C ARG F 459 19.97 9.00 35.03
N ASP F 460 20.50 9.18 36.24
CA ASP F 460 20.78 10.50 36.78
C ASP F 460 22.17 10.97 36.34
N GLY F 461 22.31 12.27 36.16
CA GLY F 461 23.58 12.84 35.75
C GLY F 461 24.55 13.05 36.90
N GLY F 462 25.14 11.96 37.39
CA GLY F 462 26.06 12.04 38.51
C GLY F 462 27.47 12.36 38.08
N SER F 463 27.87 13.62 38.27
CA SER F 463 29.19 14.10 37.90
C SER F 463 30.11 14.08 39.12
N THR F 464 31.28 14.71 38.98
CA THR F 464 32.26 14.86 40.05
C THR F 464 32.72 13.51 40.58
N ASN F 465 33.24 12.66 39.70
CA ASN F 465 33.81 11.36 40.07
C ASN F 465 32.80 10.52 40.86
N SER F 466 31.69 10.21 40.21
CA SER F 466 30.63 9.41 40.81
C SER F 466 30.91 7.94 40.54
N THR F 467 31.10 7.16 41.60
CA THR F 467 31.35 5.73 41.49
C THR F 467 30.07 4.90 41.55
N THR F 468 28.91 5.54 41.70
CA THR F 468 27.63 4.86 41.75
C THR F 468 26.70 5.43 40.69
N GLU F 469 25.81 4.59 40.16
CA GLU F 469 24.83 4.99 39.17
C GLU F 469 23.44 4.71 39.73
N THR F 470 22.51 5.64 39.51
CA THR F 470 21.14 5.53 40.01
C THR F 470 20.18 5.49 38.84
N PHE F 471 19.30 4.47 38.83
CA PHE F 471 18.34 4.26 37.77
C PHE F 471 16.94 4.42 38.34
N ARG F 472 16.09 5.16 37.62
CA ARG F 472 14.74 5.46 38.07
C ARG F 472 13.74 5.06 37.00
N PRO F 473 12.57 4.55 37.38
CA PRO F 473 11.57 4.18 36.37
C PRO F 473 11.06 5.40 35.62
N GLY F 474 10.77 5.19 34.34
CA GLY F 474 10.30 6.28 33.49
C GLY F 474 9.16 5.89 32.58
N GLY F 475 8.89 6.71 31.59
CA GLY F 475 7.83 6.46 30.63
C GLY F 475 6.88 7.64 30.52
N GLY F 476 5.88 7.47 29.66
CA GLY F 476 4.91 8.51 29.40
C GLY F 476 4.61 8.69 27.93
N ASP F 477 5.62 8.43 27.10
CA ASP F 477 5.48 8.49 25.65
C ASP F 477 5.26 7.08 25.12
N MET F 478 4.18 6.87 24.39
CA MET F 478 3.78 5.53 23.99
C MET F 478 4.57 4.99 22.82
N ARG F 479 5.41 5.82 22.19
CA ARG F 479 6.25 5.33 21.10
C ARG F 479 7.31 4.36 21.59
N ASP F 480 7.85 4.57 22.79
CA ASP F 480 8.79 3.61 23.38
C ASP F 480 8.13 2.28 23.73
N ASN F 481 6.80 2.24 23.85
CA ASN F 481 6.11 0.99 24.13
C ASN F 481 6.07 0.07 22.93
N TRP F 482 5.87 0.63 21.73
CA TRP F 482 5.82 -0.15 20.50
C TRP F 482 7.14 -0.16 19.75
N ARG F 483 8.14 0.57 20.23
CA ARG F 483 9.50 0.38 19.76
C ARG F 483 10.13 -0.88 20.34
N SER F 484 9.59 -1.39 21.43
CA SER F 484 10.07 -2.63 22.03
C SER F 484 9.50 -3.87 21.34
N GLU F 485 8.52 -3.69 20.46
CA GLU F 485 8.00 -4.77 19.63
C GLU F 485 8.47 -4.70 18.19
N LEU F 486 8.51 -3.50 17.59
CA LEU F 486 9.02 -3.30 16.25
C LEU F 486 10.45 -2.79 16.37
N TYR F 487 11.36 -3.69 16.71
CA TYR F 487 12.78 -3.35 16.73
C TYR F 487 13.60 -4.21 15.80
N LYS F 488 13.04 -5.31 15.30
CA LYS F 488 13.73 -6.22 14.40
C LYS F 488 13.19 -6.16 12.98
N TYR F 489 12.27 -5.23 12.69
CA TYR F 489 11.60 -5.17 11.41
C TYR F 489 11.99 -3.91 10.66
N LYS F 490 12.09 -4.02 9.33
CA LYS F 490 12.24 -2.86 8.48
C LYS F 490 11.51 -3.13 7.17
N VAL F 491 11.13 -2.06 6.47
CA VAL F 491 10.33 -2.16 5.26
C VAL F 491 11.21 -1.78 4.07
N VAL F 492 11.22 -2.64 3.05
CA VAL F 492 12.05 -2.43 1.87
C VAL F 492 11.20 -2.55 0.61
N LYS F 493 11.71 -1.96 -0.46
CA LYS F 493 11.04 -1.87 -1.76
C LYS F 493 11.81 -2.71 -2.76
N ILE F 494 11.10 -3.60 -3.45
CA ILE F 494 11.73 -4.55 -4.37
C ILE F 494 11.84 -3.90 -5.75
N GLU F 495 12.99 -4.10 -6.39
CA GLU F 495 13.28 -3.50 -7.70
C GLU F 495 13.78 -4.60 -8.63
N PRO F 496 12.87 -5.42 -9.17
CA PRO F 496 13.26 -6.64 -9.88
C PRO F 496 13.54 -6.46 -11.37
N LEU F 497 14.36 -5.48 -11.72
CA LEU F 497 14.64 -5.19 -13.12
C LEU F 497 16.09 -4.72 -13.24
N GLY F 498 16.91 -5.46 -13.97
CA GLY F 498 18.32 -5.12 -14.09
C GLY F 498 18.82 -5.33 -15.51
N VAL F 499 19.96 -4.72 -15.80
CA VAL F 499 20.62 -4.81 -17.10
C VAL F 499 22.07 -5.17 -16.87
N ALA F 500 22.61 -6.05 -17.72
CA ALA F 500 23.97 -6.53 -17.54
C ALA F 500 24.57 -6.79 -18.91
N PRO F 501 25.91 -6.79 -19.02
CA PRO F 501 26.54 -7.08 -20.31
C PRO F 501 26.71 -8.57 -20.56
N THR F 502 26.44 -8.97 -21.80
CA THR F 502 26.63 -10.35 -22.23
C THR F 502 27.28 -10.34 -23.61
N ARG F 503 27.40 -11.53 -24.22
CA ARG F 503 28.02 -11.67 -25.52
C ARG F 503 27.01 -12.10 -26.58
N CYS F 504 25.72 -11.91 -26.32
CA CYS F 504 24.66 -12.39 -27.19
C CYS F 504 23.81 -11.23 -27.69
N LYS F 505 23.29 -11.38 -28.90
CA LYS F 505 22.63 -10.31 -29.65
C LYS F 505 21.24 -10.75 -30.08
N ARG F 506 20.33 -9.79 -30.18
CA ARG F 506 18.96 -10.05 -30.60
C ARG F 506 18.95 -10.42 -32.08
N ARG F 507 18.23 -11.48 -32.41
CA ARG F 507 18.14 -11.96 -33.79
C ARG F 507 17.38 -10.98 -34.67
N GLU G 21 34.65 -19.95 2.17
CA GLU G 21 35.38 -20.59 1.08
C GLU G 21 34.71 -21.89 0.66
N VAL G 22 34.72 -22.16 -0.65
CA VAL G 22 34.10 -23.38 -1.16
C VAL G 22 35.06 -24.54 -0.97
N GLN G 23 34.53 -25.68 -0.51
CA GLN G 23 35.35 -26.85 -0.25
C GLN G 23 34.65 -28.11 -0.73
N LEU G 24 35.41 -29.01 -1.35
CA LEU G 24 34.90 -30.28 -1.85
C LEU G 24 35.64 -31.41 -1.13
N VAL G 25 34.89 -32.34 -0.55
CA VAL G 25 35.46 -33.45 0.20
C VAL G 25 35.07 -34.75 -0.49
N GLN G 26 36.05 -35.59 -0.78
CA GLN G 26 35.85 -36.83 -1.51
C GLN G 26 35.97 -38.03 -0.59
N SER G 27 35.58 -39.19 -1.12
CA SER G 27 35.66 -40.45 -0.38
C SER G 27 37.09 -40.98 -0.38
N GLY G 28 37.26 -42.15 0.22
CA GLY G 28 38.57 -42.77 0.34
C GLY G 28 38.92 -43.66 -0.84
N ALA G 29 40.04 -44.35 -0.69
CA ALA G 29 40.55 -45.22 -1.75
C ALA G 29 39.64 -46.44 -1.94
N GLU G 30 39.74 -47.05 -3.12
CA GLU G 30 38.93 -48.20 -3.48
C GLU G 30 39.76 -49.22 -4.25
N LEU G 31 39.55 -50.50 -3.94
CA LEU G 31 40.09 -51.61 -4.70
C LEU G 31 38.92 -52.37 -5.31
N LYS G 32 39.00 -52.65 -6.60
CA LYS G 32 37.94 -53.34 -7.31
C LYS G 32 38.53 -54.36 -8.28
N LYS G 33 37.70 -55.32 -8.67
CA LYS G 33 38.09 -56.33 -9.65
C LYS G 33 37.53 -55.97 -11.02
N ALA G 34 38.10 -56.59 -12.05
CA ALA G 34 37.64 -56.34 -13.41
C ALA G 34 36.20 -56.80 -13.58
N GLY G 35 35.39 -55.97 -14.26
CA GLY G 35 34.00 -56.26 -14.50
C GLY G 35 33.06 -55.80 -13.41
N SER G 36 33.57 -55.29 -12.29
CA SER G 36 32.74 -54.81 -11.21
C SER G 36 32.36 -53.35 -11.45
N SER G 37 31.81 -52.69 -10.43
CA SER G 37 31.43 -51.30 -10.51
C SER G 37 31.97 -50.54 -9.30
N VAL G 38 32.20 -49.25 -9.48
CA VAL G 38 32.73 -48.38 -8.42
C VAL G 38 31.88 -47.13 -8.34
N LYS G 39 31.67 -46.63 -7.13
CA LYS G 39 30.91 -45.40 -6.89
C LYS G 39 31.72 -44.49 -5.98
N LEU G 40 31.88 -43.24 -6.40
CA LEU G 40 32.57 -42.22 -5.64
C LEU G 40 31.63 -41.07 -5.31
N SER G 41 31.84 -40.46 -4.16
CA SER G 41 31.01 -39.37 -3.69
C SER G 41 31.86 -38.12 -3.46
N CYS G 42 31.24 -36.95 -3.62
CA CYS G 42 31.91 -35.67 -3.47
C CYS G 42 30.92 -34.70 -2.82
N GLN G 43 31.25 -34.22 -1.64
CA GLN G 43 30.36 -33.34 -0.88
C GLN G 43 30.87 -31.90 -0.94
N ALA G 44 29.94 -30.97 -1.14
CA ALA G 44 30.25 -29.56 -1.35
C ALA G 44 29.84 -28.73 -0.15
N TYR G 45 30.71 -27.80 0.24
CA TYR G 45 30.45 -26.90 1.36
C TYR G 45 30.72 -25.46 0.94
N GLY G 46 29.80 -24.57 1.31
CA GLY G 46 30.02 -23.15 1.12
C GLY G 46 29.32 -22.53 -0.06
N VAL G 47 28.51 -23.28 -0.81
CA VAL G 47 27.82 -22.76 -1.98
C VAL G 47 26.39 -23.30 -2.01
N ALA G 48 25.55 -22.63 -2.79
CA ALA G 48 24.23 -23.14 -3.13
C ALA G 48 24.43 -24.28 -4.12
N PHE G 49 24.01 -25.49 -3.72
CA PHE G 49 24.36 -26.69 -4.47
C PHE G 49 23.71 -26.71 -5.85
N SER G 50 22.47 -26.26 -5.96
CA SER G 50 21.69 -26.49 -7.18
C SER G 50 22.23 -25.69 -8.36
N THR G 51 22.80 -24.51 -8.13
CA THR G 51 23.23 -23.63 -9.22
C THR G 51 24.73 -23.69 -9.49
N TYR G 52 25.46 -24.59 -8.81
CA TYR G 52 26.89 -24.74 -9.05
C TYR G 52 27.12 -25.82 -10.11
N SER G 53 28.29 -25.80 -10.72
CA SER G 53 28.63 -26.79 -11.75
C SER G 53 29.69 -27.74 -11.22
N PHE G 54 29.44 -29.05 -11.34
CA PHE G 54 30.34 -30.07 -10.81
C PHE G 54 30.80 -31.00 -11.93
N HIS G 55 32.10 -31.32 -11.91
CA HIS G 55 32.74 -32.09 -12.96
C HIS G 55 33.65 -33.14 -12.36
N TRP G 56 33.90 -34.20 -13.12
CA TRP G 56 34.76 -35.31 -12.69
C TRP G 56 35.93 -35.44 -13.66
N VAL G 57 37.15 -35.51 -13.12
CA VAL G 57 38.35 -35.57 -13.94
C VAL G 57 39.27 -36.64 -13.38
N ARG G 58 39.67 -37.58 -14.24
CA ARG G 58 40.52 -38.68 -13.80
C ARG G 58 41.94 -38.50 -14.34
N GLN G 59 42.90 -39.03 -13.58
CA GLN G 59 44.31 -38.98 -13.96
C GLN G 59 44.91 -40.37 -13.78
N ALA G 60 45.42 -40.94 -14.86
CA ALA G 60 46.12 -42.21 -14.79
C ALA G 60 47.55 -42.00 -14.30
N PRO G 61 48.18 -43.04 -13.73
CA PRO G 61 49.56 -42.89 -13.26
C PRO G 61 50.53 -42.49 -14.37
N GLY G 62 51.20 -41.36 -14.19
CA GLY G 62 52.17 -40.89 -15.16
C GLY G 62 51.59 -40.28 -16.42
N GLN G 63 50.30 -39.97 -16.44
CA GLN G 63 49.63 -39.43 -17.62
C GLN G 63 49.05 -38.05 -17.30
N GLY G 64 48.32 -37.50 -18.27
CA GLY G 64 47.69 -36.21 -18.11
C GLY G 64 46.28 -36.31 -17.59
N LEU G 65 45.62 -35.16 -17.51
CA LEU G 65 44.26 -35.07 -17.02
C LEU G 65 43.26 -35.39 -18.13
N GLU G 66 42.13 -35.97 -17.74
CA GLU G 66 41.07 -36.34 -18.66
C GLU G 66 39.74 -35.94 -18.07
N TRP G 67 38.87 -35.34 -18.88
CA TRP G 67 37.56 -34.92 -18.42
C TRP G 67 36.54 -36.02 -18.68
N LEU G 68 35.79 -36.39 -17.64
CA LEU G 68 34.82 -37.47 -17.72
C LEU G 68 33.39 -36.99 -17.92
N GLY G 69 32.90 -36.12 -17.05
CA GLY G 69 31.53 -35.63 -17.19
C GLY G 69 31.29 -34.44 -16.29
N GLY G 70 30.39 -33.57 -16.75
CA GLY G 70 30.03 -32.38 -16.00
C GLY G 70 28.53 -32.26 -15.92
N PHE G 71 28.07 -31.49 -14.93
CA PHE G 71 26.67 -31.55 -14.57
C PHE G 71 26.30 -30.40 -13.63
N ILE G 72 25.16 -29.79 -13.89
CA ILE G 72 24.58 -28.75 -13.03
C ILE G 72 23.33 -29.34 -12.37
N PRO G 73 23.25 -29.36 -11.04
CA PRO G 73 22.09 -30.02 -10.40
C PRO G 73 20.75 -29.44 -10.79
N LEU G 74 20.65 -28.13 -10.99
CA LEU G 74 19.35 -27.54 -11.31
C LEU G 74 18.85 -27.99 -12.68
N VAL G 75 19.73 -27.97 -13.69
CA VAL G 75 19.33 -28.42 -15.01
C VAL G 75 19.11 -29.93 -15.04
N GLY G 76 20.01 -30.68 -14.40
CA GLY G 76 19.81 -32.11 -14.20
C GLY G 76 20.17 -33.01 -15.36
N LYS G 77 20.78 -32.48 -16.42
CA LYS G 77 21.16 -33.32 -17.56
C LYS G 77 22.68 -33.37 -17.67
N PRO G 78 23.31 -34.45 -17.22
CA PRO G 78 24.77 -34.53 -17.29
C PRO G 78 25.28 -34.65 -18.72
N ASN G 79 26.51 -34.18 -18.93
CA ASN G 79 27.18 -34.27 -20.22
C ASN G 79 28.39 -35.18 -20.06
N TYR G 80 28.53 -36.15 -20.97
CA TYR G 80 29.59 -37.14 -20.89
C TYR G 80 30.46 -37.09 -22.14
N THR G 81 31.71 -37.52 -21.96
CA THR G 81 32.57 -37.79 -23.11
C THR G 81 32.16 -39.09 -23.77
N ASN G 82 32.47 -39.21 -25.06
CA ASN G 82 31.98 -40.35 -25.84
C ASN G 82 32.71 -41.64 -25.49
N LYS G 83 33.92 -41.54 -24.94
CA LYS G 83 34.68 -42.74 -24.61
C LYS G 83 34.05 -43.50 -23.44
N PHE G 84 33.40 -42.79 -22.51
CA PHE G 84 32.77 -43.40 -21.34
C PHE G 84 31.25 -43.45 -21.46
N ARG G 85 30.71 -43.46 -22.68
CA ARG G 85 29.27 -43.54 -22.85
C ARG G 85 28.77 -44.94 -22.49
N GLY G 86 27.71 -45.01 -21.70
CA GLY G 86 27.12 -46.26 -21.30
C GLY G 86 27.70 -46.88 -20.04
N ARG G 87 28.87 -46.41 -19.60
CA ARG G 87 29.52 -46.93 -18.40
C ARG G 87 29.60 -45.92 -17.27
N LEU G 88 29.29 -44.65 -17.52
CA LEU G 88 29.45 -43.59 -16.55
C LEU G 88 28.10 -42.97 -16.24
N THR G 89 27.84 -42.75 -14.94
CA THR G 89 26.60 -42.11 -14.50
C THR G 89 26.93 -41.08 -13.43
N ILE G 90 26.37 -39.88 -13.55
CA ILE G 90 26.60 -38.79 -12.61
C ILE G 90 25.25 -38.38 -12.03
N THR G 91 25.12 -38.46 -10.70
CA THR G 91 23.89 -38.14 -10.00
C THR G 91 24.19 -37.15 -8.89
N ALA G 92 23.13 -36.58 -8.31
CA ALA G 92 23.28 -35.62 -7.23
C ALA G 92 22.21 -35.84 -6.17
N ASP G 93 22.62 -35.72 -4.91
CA ASP G 93 21.71 -35.69 -3.77
C ASP G 93 21.79 -34.28 -3.20
N GLU G 94 20.72 -33.50 -3.40
CA GLU G 94 20.71 -32.11 -2.96
C GLU G 94 20.65 -31.99 -1.45
N SER G 95 19.87 -32.85 -0.80
CA SER G 95 19.74 -32.79 0.65
C SER G 95 21.07 -33.04 1.35
N ALA G 96 21.84 -34.02 0.86
CA ALA G 96 23.17 -34.28 1.39
C ALA G 96 24.23 -33.38 0.78
N ARG G 97 23.89 -32.59 -0.23
CA ARG G 97 24.83 -31.73 -0.94
C ARG G 97 26.00 -32.55 -1.50
N THR G 98 25.67 -33.67 -2.13
CA THR G 98 26.68 -34.59 -2.64
C THR G 98 26.44 -34.87 -4.11
N THR G 99 27.51 -35.22 -4.82
CA THR G 99 27.43 -35.71 -6.18
C THR G 99 28.13 -37.06 -6.27
N TYR G 100 27.52 -37.98 -7.00
CA TYR G 100 27.99 -39.36 -7.11
C TYR G 100 28.36 -39.68 -8.54
N MET G 101 29.51 -40.34 -8.71
CA MET G 101 29.96 -40.84 -10.00
C MET G 101 30.04 -42.35 -9.91
N GLU G 102 29.35 -43.03 -10.84
CA GLU G 102 29.32 -44.48 -10.89
C GLU G 102 29.92 -44.95 -12.21
N LEU G 103 30.92 -45.82 -12.12
CA LEU G 103 31.60 -46.38 -13.29
C LEU G 103 31.41 -47.89 -13.27
N ARG G 104 31.08 -48.46 -14.42
CA ARG G 104 30.76 -49.88 -14.55
C ARG G 104 31.70 -50.55 -15.53
N SER G 105 31.79 -51.87 -15.42
CA SER G 105 32.61 -52.71 -16.29
C SER G 105 34.06 -52.26 -16.29
N LEU G 106 34.63 -52.22 -15.08
CA LEU G 106 35.98 -51.70 -14.91
C LEU G 106 37.01 -52.58 -15.61
N ARG G 107 38.07 -51.94 -16.11
CA ARG G 107 39.16 -52.62 -16.79
C ARG G 107 40.48 -52.24 -16.12
N SER G 108 41.56 -52.85 -16.62
CA SER G 108 42.87 -52.62 -16.02
C SER G 108 43.32 -51.17 -16.19
N ASP G 109 42.91 -50.53 -17.28
CA ASP G 109 43.30 -49.15 -17.54
C ASP G 109 42.46 -48.13 -16.78
N ASP G 110 41.46 -48.57 -16.03
CA ASP G 110 40.63 -47.68 -15.23
C ASP G 110 41.24 -47.33 -13.88
N THR G 111 42.37 -47.94 -13.53
CA THR G 111 43.06 -47.58 -12.28
C THR G 111 43.60 -46.17 -12.38
N ALA G 112 43.10 -45.28 -11.53
CA ALA G 112 43.44 -43.87 -11.64
C ALA G 112 43.02 -43.13 -10.38
N ILE G 113 43.47 -41.87 -10.30
CA ILE G 113 43.02 -40.97 -9.25
C ILE G 113 41.92 -40.07 -9.81
N TYR G 114 40.77 -40.05 -9.14
CA TYR G 114 39.60 -39.34 -9.62
C TYR G 114 39.39 -38.10 -8.76
N TYR G 115 39.30 -36.94 -9.41
CA TYR G 115 39.10 -35.66 -8.75
C TYR G 115 37.71 -35.14 -9.05
N CYS G 116 37.09 -34.51 -8.04
CA CYS G 116 35.83 -33.82 -8.19
C CYS G 116 36.08 -32.32 -8.13
N ALA G 117 35.66 -31.62 -9.19
CA ALA G 117 35.96 -30.20 -9.33
C ALA G 117 34.66 -29.43 -9.49
N GLY G 118 34.73 -28.13 -9.23
CA GLY G 118 33.54 -27.29 -9.28
C GLY G 118 33.85 -25.92 -9.86
N GLY G 119 32.82 -25.32 -10.42
CA GLY G 119 32.94 -23.99 -11.00
C GLY G 119 31.58 -23.37 -11.20
N GLY G 120 31.56 -22.04 -11.27
CA GLY G 120 30.36 -21.28 -11.47
C GLY G 120 30.02 -21.10 -12.93
N ALA G 121 28.76 -20.72 -13.17
CA ALA G 121 28.25 -20.52 -14.52
C ALA G 121 27.19 -19.41 -14.47
N TYR G 122 26.73 -19.00 -15.65
CA TYR G 122 25.68 -18.01 -15.75
C TYR G 122 24.90 -18.25 -17.04
N SER G 123 23.71 -17.64 -17.10
CA SER G 123 22.79 -17.87 -18.21
C SER G 123 22.39 -16.56 -18.87
N SER G 124 22.36 -16.56 -20.20
CA SER G 124 21.90 -15.43 -20.98
C SER G 124 20.48 -15.62 -21.52
N GLY G 125 19.79 -16.66 -21.09
CA GLY G 125 18.42 -16.88 -21.49
C GLY G 125 18.28 -17.69 -22.76
N GLY G 126 17.42 -18.70 -22.74
CA GLY G 126 17.18 -19.50 -23.92
C GLY G 126 18.03 -20.75 -24.00
N GLY G 127 18.29 -21.38 -22.86
CA GLY G 127 19.09 -22.58 -22.84
C GLY G 127 20.58 -22.36 -22.98
N ARG G 128 21.05 -21.12 -22.88
CA ARG G 128 22.45 -20.81 -23.06
C ARG G 128 23.12 -20.66 -21.69
N PHE G 129 24.17 -21.43 -21.45
CA PHE G 129 24.93 -21.38 -20.22
C PHE G 129 26.41 -21.19 -20.54
N HIS G 130 27.05 -20.26 -19.84
CA HIS G 130 28.45 -19.94 -20.04
C HIS G 130 29.20 -20.16 -18.73
N TYR G 131 30.38 -20.77 -18.85
CA TYR G 131 31.15 -21.27 -17.71
C TYR G 131 32.45 -20.49 -17.56
N PHE G 132 33.20 -20.83 -16.52
CA PHE G 132 34.48 -20.18 -16.26
C PHE G 132 35.60 -21.18 -15.96
N GLY G 133 35.32 -22.48 -16.05
CA GLY G 133 36.30 -23.50 -15.71
C GLY G 133 36.03 -24.08 -14.34
N MET G 134 36.97 -24.91 -13.90
CA MET G 134 36.91 -25.58 -12.60
C MET G 134 37.83 -24.85 -11.64
N ALA G 135 37.24 -24.10 -10.70
CA ALA G 135 38.02 -23.26 -9.81
C ALA G 135 38.31 -23.94 -8.47
N VAL G 136 37.48 -24.90 -8.06
CA VAL G 136 37.65 -25.62 -6.81
C VAL G 136 37.82 -27.09 -7.13
N TRP G 137 38.86 -27.70 -6.57
CA TRP G 137 39.15 -29.12 -6.78
C TRP G 137 39.10 -29.87 -5.46
N GLY G 138 38.76 -31.16 -5.54
CA GLY G 138 38.83 -32.02 -4.39
C GLY G 138 40.21 -32.65 -4.23
N GLN G 139 40.35 -33.45 -3.18
CA GLN G 139 41.63 -34.09 -2.89
C GLN G 139 41.88 -35.34 -3.72
N GLY G 140 40.85 -35.93 -4.31
CA GLY G 140 41.03 -37.10 -5.15
C GLY G 140 40.85 -38.42 -4.42
N SER G 141 40.39 -39.44 -5.14
CA SER G 141 40.23 -40.78 -4.62
C SER G 141 40.96 -41.74 -5.55
N THR G 142 41.79 -42.61 -4.98
CA THR G 142 42.54 -43.58 -5.77
C THR G 142 41.71 -44.84 -5.95
N VAL G 143 41.44 -45.21 -7.20
CA VAL G 143 40.70 -46.43 -7.53
C VAL G 143 41.65 -47.36 -8.26
N THR G 144 41.87 -48.54 -7.71
CA THR G 144 42.77 -49.52 -8.29
C THR G 144 41.98 -50.75 -8.70
N VAL G 145 42.07 -51.12 -9.96
CA VAL G 145 41.40 -52.30 -10.50
C VAL G 145 42.46 -53.39 -10.60
N SER G 146 42.34 -54.40 -9.74
CA SER G 146 43.30 -55.50 -9.72
C SER G 146 42.66 -56.68 -8.98
N SER G 147 43.16 -57.88 -9.28
CA SER G 147 42.68 -59.08 -8.63
C SER G 147 43.40 -59.39 -7.33
N ALA G 148 44.45 -58.65 -7.01
CA ALA G 148 45.18 -58.88 -5.77
C ALA G 148 44.37 -58.43 -4.57
N SER G 149 44.68 -59.01 -3.42
CA SER G 149 43.97 -58.73 -2.18
C SER G 149 44.68 -57.63 -1.40
N THR G 150 43.91 -56.94 -0.55
CA THR G 150 44.47 -55.87 0.26
C THR G 150 45.36 -56.43 1.35
N LYS G 151 46.55 -55.83 1.49
CA LYS G 151 47.54 -56.28 2.47
C LYS G 151 48.05 -55.08 3.25
N GLY G 152 48.17 -55.24 4.57
CA GLY G 152 48.71 -54.19 5.40
C GLY G 152 50.21 -54.03 5.23
N PRO G 153 50.70 -52.82 5.49
CA PRO G 153 52.14 -52.55 5.32
C PRO G 153 52.96 -52.93 6.54
N SER G 154 54.23 -53.24 6.28
CA SER G 154 55.19 -53.48 7.34
C SER G 154 56.15 -52.30 7.45
N VAL G 155 56.34 -51.81 8.67
CA VAL G 155 57.10 -50.61 8.93
C VAL G 155 58.39 -51.00 9.66
N PHE G 156 59.52 -50.54 9.12
CA PHE G 156 60.80 -50.83 9.75
C PHE G 156 61.62 -49.56 9.93
N PRO G 157 62.38 -49.44 11.01
CA PRO G 157 63.12 -48.19 11.24
C PRO G 157 64.47 -48.19 10.57
N LEU G 158 64.70 -47.19 9.72
CA LEU G 158 66.02 -46.89 9.16
C LEU G 158 66.70 -45.98 10.17
N ALA G 159 67.41 -46.60 11.12
CA ALA G 159 67.96 -45.93 12.30
C ALA G 159 69.15 -45.06 11.92
N PRO G 160 69.31 -43.92 12.57
CA PRO G 160 70.54 -43.12 12.36
C PRO G 160 71.73 -43.81 12.99
N SER G 161 72.91 -43.55 12.43
CA SER G 161 74.14 -44.15 12.92
C SER G 161 75.31 -43.29 12.47
N SER G 162 76.53 -43.75 12.79
CA SER G 162 77.73 -43.04 12.36
C SER G 162 77.87 -43.05 10.85
N LYS G 163 77.32 -44.05 10.18
CA LYS G 163 77.34 -44.13 8.73
C LYS G 163 76.28 -43.25 8.07
N SER G 164 75.37 -42.67 8.86
CA SER G 164 74.33 -41.80 8.33
C SER G 164 74.46 -40.38 8.85
N THR G 165 75.65 -39.99 9.30
CA THR G 165 75.91 -38.66 9.81
C THR G 165 76.94 -37.98 8.93
N SER G 166 76.64 -36.75 8.50
CA SER G 166 77.52 -35.99 7.61
C SER G 166 77.50 -34.53 8.02
N GLY G 167 78.62 -34.06 8.58
CA GLY G 167 78.74 -32.66 8.92
C GLY G 167 77.73 -32.18 9.95
N GLY G 168 77.50 -32.99 10.98
CA GLY G 168 76.54 -32.65 12.01
C GLY G 168 75.09 -32.91 11.65
N THR G 169 74.81 -33.48 10.49
CA THR G 169 73.45 -33.80 10.06
C THR G 169 73.32 -35.31 9.93
N ALA G 170 72.32 -35.87 10.59
CA ALA G 170 72.05 -37.29 10.57
C ALA G 170 70.69 -37.56 9.94
N ALA G 171 70.64 -38.59 9.11
CA ALA G 171 69.41 -38.99 8.42
C ALA G 171 68.81 -40.20 9.10
N LEU G 172 67.49 -40.17 9.29
CA LEU G 172 66.76 -41.27 9.89
C LEU G 172 65.39 -41.37 9.23
N GLY G 173 64.88 -42.58 9.10
CA GLY G 173 63.65 -42.73 8.36
C GLY G 173 62.90 -44.00 8.68
N CYS G 174 61.89 -44.27 7.87
CA CYS G 174 61.04 -45.44 8.01
C CYS G 174 60.82 -46.07 6.64
N LEU G 175 60.95 -47.39 6.57
CA LEU G 175 60.71 -48.14 5.34
C LEU G 175 59.35 -48.82 5.45
N VAL G 176 58.47 -48.53 4.50
CA VAL G 176 57.13 -49.10 4.45
C VAL G 176 57.12 -50.09 3.29
N LYS G 177 56.93 -51.37 3.60
CA LYS G 177 57.13 -52.45 2.64
C LYS G 177 55.91 -53.34 2.57
N ASP G 178 55.69 -53.92 1.39
CA ASP G 178 54.74 -55.03 1.21
C ASP G 178 53.31 -54.62 1.55
N TYR G 179 52.76 -53.65 0.83
CA TYR G 179 51.38 -53.23 1.00
C TYR G 179 50.71 -53.15 -0.36
N PHE G 180 49.39 -53.28 -0.35
CA PHE G 180 48.58 -53.18 -1.56
C PHE G 180 47.15 -52.84 -1.19
N PRO G 181 46.52 -51.89 -1.88
CA PRO G 181 47.05 -51.07 -2.98
C PRO G 181 47.52 -49.70 -2.51
N GLU G 182 47.85 -48.82 -3.45
CA GLU G 182 48.18 -47.45 -3.11
C GLU G 182 46.92 -46.72 -2.64
N PRO G 183 47.08 -45.64 -1.87
CA PRO G 183 48.32 -45.05 -1.36
C PRO G 183 48.52 -45.22 0.14
N VAL G 184 49.67 -44.75 0.63
CA VAL G 184 49.98 -44.71 2.05
C VAL G 184 50.45 -43.30 2.38
N THR G 185 49.98 -42.78 3.51
CA THR G 185 50.39 -41.45 3.94
C THR G 185 51.32 -41.57 5.14
N VAL G 186 52.46 -40.87 5.05
CA VAL G 186 53.51 -40.93 6.07
C VAL G 186 53.79 -39.52 6.54
N SER G 187 53.72 -39.30 7.85
CA SER G 187 54.04 -38.03 8.45
C SER G 187 55.07 -38.23 9.55
N TRP G 188 55.69 -37.13 10.00
CA TRP G 188 56.71 -37.17 11.03
C TRP G 188 56.27 -36.32 12.21
N ASN G 189 56.30 -36.93 13.40
CA ASN G 189 55.93 -36.26 14.65
C ASN G 189 54.53 -35.66 14.56
N SER G 190 53.60 -36.43 13.98
CA SER G 190 52.22 -36.02 13.78
C SER G 190 52.12 -34.72 12.99
N GLY G 191 52.97 -34.56 11.98
CA GLY G 191 52.97 -33.39 11.14
C GLY G 191 53.82 -32.24 11.65
N ALA G 192 54.38 -32.34 12.86
CA ALA G 192 55.20 -31.26 13.39
C ALA G 192 56.52 -31.13 12.65
N LEU G 193 57.11 -32.24 12.22
CA LEU G 193 58.39 -32.25 11.52
C LEU G 193 58.13 -32.36 10.02
N THR G 194 58.41 -31.29 9.29
CA THR G 194 58.20 -31.28 7.85
C THR G 194 59.48 -30.88 7.11
N SER G 195 60.33 -30.11 7.77
CA SER G 195 61.57 -29.65 7.14
C SER G 195 62.53 -30.82 6.95
N GLY G 196 63.11 -30.93 5.76
CA GLY G 196 64.05 -31.99 5.46
C GLY G 196 63.43 -33.35 5.25
N VAL G 197 62.10 -33.43 5.12
CA VAL G 197 61.41 -34.70 4.97
C VAL G 197 61.29 -35.02 3.48
N HIS G 198 61.75 -36.21 3.11
CA HIS G 198 61.64 -36.71 1.74
C HIS G 198 60.88 -38.03 1.79
N THR G 199 59.69 -38.05 1.20
CA THR G 199 58.90 -39.27 1.07
C THR G 199 59.00 -39.76 -0.37
N PHE G 200 59.71 -40.85 -0.58
CA PHE G 200 60.01 -41.32 -1.92
C PHE G 200 58.77 -41.97 -2.56
N PRO G 201 58.63 -41.83 -3.87
CA PRO G 201 57.49 -42.47 -4.56
C PRO G 201 57.55 -43.98 -4.41
N ALA G 202 56.38 -44.60 -4.31
CA ALA G 202 56.29 -46.05 -4.18
C ALA G 202 56.76 -46.73 -5.45
N VAL G 203 57.45 -47.86 -5.27
CA VAL G 203 57.93 -48.68 -6.38
C VAL G 203 57.25 -50.05 -6.30
N LEU G 204 56.82 -50.55 -7.46
CA LEU G 204 56.13 -51.83 -7.53
C LEU G 204 57.15 -52.96 -7.59
N GLN G 205 57.21 -53.76 -6.53
CA GLN G 205 58.14 -54.87 -6.45
C GLN G 205 57.67 -56.03 -7.34
N SER G 206 58.57 -56.99 -7.55
CA SER G 206 58.25 -58.15 -8.36
C SER G 206 57.14 -59.00 -7.74
N SER G 207 56.97 -58.92 -6.42
CA SER G 207 55.92 -59.67 -5.74
C SER G 207 54.54 -59.07 -5.93
N GLY G 208 54.44 -57.90 -6.56
CA GLY G 208 53.18 -57.22 -6.72
C GLY G 208 52.81 -56.28 -5.58
N LEU G 209 53.65 -56.16 -4.57
CA LEU G 209 53.42 -55.29 -3.43
C LEU G 209 54.30 -54.06 -3.53
N TYR G 210 53.82 -52.95 -2.96
CA TYR G 210 54.51 -51.68 -3.06
C TYR G 210 55.46 -51.48 -1.87
N SER G 211 56.51 -50.69 -2.10
CA SER G 211 57.49 -50.39 -1.08
C SER G 211 58.01 -48.97 -1.28
N LEU G 212 58.32 -48.31 -0.17
CA LEU G 212 58.85 -46.95 -0.22
C LEU G 212 59.59 -46.66 1.07
N SER G 213 60.28 -45.52 1.09
CA SER G 213 61.00 -45.04 2.27
C SER G 213 60.70 -43.57 2.47
N SER G 214 60.56 -43.16 3.73
CA SER G 214 60.37 -41.77 4.09
C SER G 214 61.43 -41.39 5.11
N VAL G 215 62.29 -40.45 4.76
CA VAL G 215 63.46 -40.12 5.56
C VAL G 215 63.44 -38.65 5.90
N VAL G 216 64.18 -38.29 6.94
CA VAL G 216 64.32 -36.89 7.38
C VAL G 216 65.75 -36.69 7.87
N THR G 217 66.31 -35.53 7.55
CA THR G 217 67.63 -35.12 8.01
C THR G 217 67.49 -34.13 9.15
N VAL G 218 68.16 -34.40 10.26
CA VAL G 218 68.05 -33.60 11.48
C VAL G 218 69.44 -33.30 12.01
N PRO G 219 69.56 -32.29 12.86
CA PRO G 219 70.84 -32.07 13.55
C PRO G 219 71.22 -33.28 14.38
N SER G 220 72.52 -33.60 14.37
CA SER G 220 72.99 -34.80 15.08
C SER G 220 72.89 -34.64 16.58
N SER G 221 72.95 -33.41 17.09
CA SER G 221 72.85 -33.18 18.52
C SER G 221 71.44 -33.42 19.05
N SER G 222 70.43 -33.49 18.18
CA SER G 222 69.06 -33.71 18.60
C SER G 222 68.68 -35.18 18.67
N LEU G 223 69.59 -36.08 18.29
CA LEU G 223 69.27 -37.51 18.32
C LEU G 223 69.00 -38.01 19.73
N GLY G 224 69.80 -37.56 20.70
CA GLY G 224 69.63 -37.99 22.08
C GLY G 224 68.60 -37.23 22.88
N THR G 225 68.02 -36.17 22.32
CA THR G 225 67.04 -35.36 23.04
C THR G 225 65.69 -35.27 22.36
N GLN G 226 65.62 -35.42 21.04
CA GLN G 226 64.37 -35.29 20.31
C GLN G 226 63.86 -36.67 19.88
N THR G 227 62.60 -36.94 20.16
CA THR G 227 61.96 -38.19 19.77
C THR G 227 61.39 -38.06 18.36
N TYR G 228 61.74 -39.00 17.49
CA TYR G 228 61.27 -39.01 16.11
C TYR G 228 60.36 -40.21 15.92
N ILE G 229 59.14 -39.96 15.46
CA ILE G 229 58.13 -41.00 15.24
C ILE G 229 57.53 -40.79 13.86
N CYS G 230 57.53 -41.85 13.05
CA CYS G 230 56.87 -41.82 11.76
C CYS G 230 55.48 -42.43 11.88
N ASN G 231 54.47 -41.70 11.43
CA ASN G 231 53.09 -42.14 11.46
C ASN G 231 52.70 -42.52 10.04
N VAL G 232 52.40 -43.81 9.83
CA VAL G 232 52.01 -44.32 8.53
C VAL G 232 50.57 -44.76 8.60
N ASN G 233 49.81 -44.47 7.54
CA ASN G 233 48.40 -44.82 7.46
C ASN G 233 48.13 -45.41 6.08
N HIS G 234 47.64 -46.64 6.07
CA HIS G 234 47.18 -47.34 4.87
C HIS G 234 45.68 -47.56 5.07
N LYS G 235 44.89 -46.61 4.57
CA LYS G 235 43.44 -46.61 4.68
C LYS G 235 42.78 -47.84 4.05
N PRO G 236 43.20 -48.30 2.88
CA PRO G 236 42.56 -49.50 2.30
C PRO G 236 42.61 -50.72 3.22
N SER G 237 43.70 -50.93 3.96
CA SER G 237 43.80 -52.02 4.91
C SER G 237 43.47 -51.58 6.34
N ASN G 238 43.07 -50.32 6.52
CA ASN G 238 42.73 -49.79 7.84
C ASN G 238 43.89 -49.96 8.83
N THR G 239 45.11 -49.69 8.35
CA THR G 239 46.31 -49.87 9.16
C THR G 239 46.87 -48.51 9.55
N LYS G 240 47.16 -48.33 10.83
CA LYS G 240 47.78 -47.11 11.35
C LYS G 240 48.91 -47.51 12.28
N VAL G 241 50.15 -47.16 11.91
CA VAL G 241 51.33 -47.58 12.66
C VAL G 241 52.17 -46.36 12.98
N ASP G 242 52.47 -46.16 14.26
CA ASP G 242 53.40 -45.14 14.72
C ASP G 242 54.68 -45.81 15.17
N LYS G 243 55.76 -45.61 14.40
CA LYS G 243 57.02 -46.29 14.63
C LYS G 243 58.06 -45.27 15.10
N ARG G 244 58.68 -45.55 16.25
CA ARG G 244 59.71 -44.66 16.78
C ARG G 244 61.07 -45.02 16.20
N VAL G 245 61.81 -44.02 15.75
CA VAL G 245 63.14 -44.21 15.16
C VAL G 245 64.16 -43.68 16.16
N GLU G 246 65.10 -44.55 16.55
CA GLU G 246 66.16 -44.23 17.48
C GLU G 246 67.48 -44.71 16.91
N PRO G 247 68.59 -44.08 17.30
CA PRO G 247 69.90 -44.60 16.89
C PRO G 247 70.09 -46.02 17.41
N LYS G 248 70.75 -46.84 16.59
CA LYS G 248 70.93 -48.25 16.94
C LYS G 248 71.78 -48.39 18.20
N SER G 249 71.30 -49.20 19.14
CA SER G 249 72.00 -49.41 20.40
C SER G 249 73.31 -50.15 20.14
N CYS G 250 74.37 -49.75 20.83
CA CYS G 250 75.67 -50.36 20.65
C CYS G 250 76.32 -50.70 21.99
N ILE H 23 37.66 -31.27 -29.92
CA ILE H 23 38.70 -30.25 -30.02
C ILE H 23 39.98 -30.74 -29.35
N GLN H 24 41.08 -30.67 -30.08
CA GLN H 24 42.39 -31.11 -29.58
C GLN H 24 43.23 -29.89 -29.26
N LEU H 25 43.87 -29.89 -28.08
CA LEU H 25 44.74 -28.82 -27.64
C LEU H 25 46.18 -29.34 -27.66
N THR H 26 47.06 -28.62 -28.34
CA THR H 26 48.46 -29.00 -28.49
C THR H 26 49.30 -28.04 -27.66
N GLN H 27 50.14 -28.61 -26.79
CA GLN H 27 50.99 -27.83 -25.90
C GLN H 27 52.44 -27.89 -26.36
N SER H 28 53.12 -26.75 -26.28
CA SER H 28 54.53 -26.69 -26.63
C SER H 28 55.26 -25.76 -25.66
N PRO H 29 56.45 -26.16 -25.19
CA PRO H 29 57.12 -27.45 -25.42
C PRO H 29 56.67 -28.51 -24.42
N SER H 30 57.10 -29.77 -24.59
CA SER H 30 56.76 -30.80 -23.62
C SER H 30 57.49 -30.61 -22.30
N THR H 31 58.76 -30.20 -22.36
CA THR H 31 59.56 -29.94 -21.16
C THR H 31 60.30 -28.63 -21.34
N LEU H 32 60.64 -28.00 -20.21
CA LEU H 32 61.33 -26.71 -20.23
C LEU H 32 62.11 -26.53 -18.94
N SER H 33 63.37 -26.14 -19.06
CA SER H 33 64.23 -25.84 -17.92
C SER H 33 64.77 -24.43 -18.07
N ALA H 34 64.77 -23.67 -16.98
CA ALA H 34 65.18 -22.28 -17.01
C ALA H 34 65.66 -21.87 -15.63
N PRO H 35 66.50 -20.83 -15.54
CA PRO H 35 66.96 -20.38 -14.23
C PRO H 35 65.88 -19.61 -13.47
N VAL H 36 66.16 -19.36 -12.19
CA VAL H 36 65.28 -18.51 -11.39
C VAL H 36 65.42 -17.08 -11.88
N GLY H 37 64.29 -16.35 -11.88
CA GLY H 37 64.26 -15.00 -12.37
C GLY H 37 64.07 -14.87 -13.87
N ALA H 38 64.07 -15.99 -14.60
CA ALA H 38 63.91 -15.94 -16.04
C ALA H 38 62.43 -16.06 -16.41
N GLY H 39 62.12 -15.66 -17.65
CA GLY H 39 60.76 -15.75 -18.17
C GLY H 39 60.64 -16.89 -19.16
N VAL H 40 59.56 -17.65 -19.03
CA VAL H 40 59.29 -18.80 -19.90
C VAL H 40 57.93 -18.62 -20.53
N THR H 41 57.77 -19.25 -21.70
CA THR H 41 56.56 -19.14 -22.49
C THR H 41 56.07 -20.53 -22.89
N ILE H 42 54.77 -20.77 -22.67
CA ILE H 42 54.12 -22.02 -23.04
C ILE H 42 53.01 -21.69 -24.01
N THR H 43 52.96 -22.40 -25.13
CA THR H 43 52.01 -22.13 -26.19
C THR H 43 50.99 -23.26 -26.29
N CYS H 44 49.72 -22.88 -26.34
CA CYS H 44 48.61 -23.83 -26.46
C CYS H 44 47.84 -23.49 -27.73
N GLN H 45 47.68 -24.48 -28.61
CA GLN H 45 47.05 -24.29 -29.91
C GLN H 45 45.82 -25.18 -30.02
N ALA H 46 44.72 -24.60 -30.49
CA ALA H 46 43.47 -25.33 -30.63
C ALA H 46 43.22 -25.74 -32.07
N SER H 47 42.64 -26.93 -32.24
CA SER H 47 42.29 -27.41 -33.56
C SER H 47 41.24 -26.53 -34.24
N GLN H 48 40.30 -26.00 -33.47
CA GLN H 48 39.30 -25.07 -33.98
C GLN H 48 39.11 -23.96 -32.96
N SER H 49 38.58 -22.83 -33.43
CA SER H 49 38.46 -21.65 -32.59
C SER H 49 37.57 -21.91 -31.39
N ILE H 50 37.99 -21.42 -30.22
CA ILE H 50 37.28 -21.61 -28.97
C ILE H 50 37.03 -20.28 -28.27
N SER H 51 37.12 -19.17 -29.00
CA SER H 51 36.94 -17.83 -28.46
C SER H 51 37.88 -17.57 -27.29
N ASN H 52 37.32 -17.28 -26.11
CA ASN H 52 38.11 -16.99 -24.93
C ASN H 52 38.04 -18.10 -23.88
N GLY H 53 37.32 -19.17 -24.15
CA GLY H 53 37.13 -20.22 -23.16
C GLY H 53 38.34 -21.10 -22.97
N LEU H 54 39.44 -20.53 -22.48
CA LEU H 54 40.64 -21.29 -22.18
C LEU H 54 41.16 -20.91 -20.80
N ALA H 55 41.58 -21.91 -20.04
CA ALA H 55 42.07 -21.74 -18.69
C ALA H 55 43.40 -22.45 -18.52
N TRP H 56 44.24 -21.90 -17.65
CA TRP H 56 45.56 -22.45 -17.36
C TRP H 56 45.59 -22.94 -15.92
N TYR H 57 45.99 -24.21 -15.75
CA TYR H 57 46.08 -24.87 -14.45
C TYR H 57 47.52 -25.28 -14.18
N GLN H 58 47.89 -25.31 -12.90
CA GLN H 58 49.19 -25.79 -12.45
C GLN H 58 48.99 -26.96 -11.50
N GLN H 59 49.72 -28.05 -11.75
CA GLN H 59 49.67 -29.24 -10.91
C GLN H 59 51.06 -29.54 -10.38
N LYS H 60 51.15 -29.78 -9.08
CA LYS H 60 52.33 -30.22 -8.37
C LYS H 60 52.22 -31.72 -8.06
N PRO H 61 53.34 -32.42 -7.93
CA PRO H 61 53.26 -33.87 -7.70
C PRO H 61 52.51 -34.21 -6.43
N GLY H 62 51.63 -35.20 -6.53
CA GLY H 62 50.84 -35.66 -5.40
C GLY H 62 49.74 -34.71 -4.96
N ARG H 63 49.41 -33.70 -5.74
CA ARG H 63 48.42 -32.70 -5.36
C ARG H 63 47.40 -32.50 -6.48
N ALA H 64 46.27 -31.92 -6.11
CA ALA H 64 45.25 -31.58 -7.08
C ALA H 64 45.69 -30.37 -7.90
N PRO H 65 45.22 -30.25 -9.14
CA PRO H 65 45.55 -29.07 -9.94
C PRO H 65 44.99 -27.79 -9.32
N LYS H 66 45.72 -26.69 -9.50
CA LYS H 66 45.31 -25.39 -9.03
C LYS H 66 45.19 -24.45 -10.22
N MET H 67 44.04 -23.80 -10.36
CA MET H 67 43.76 -23.00 -11.55
C MET H 67 44.49 -21.67 -11.47
N LEU H 68 45.21 -21.32 -12.53
CA LEU H 68 46.03 -20.11 -12.59
C LEU H 68 45.34 -18.99 -13.35
N ILE H 69 44.84 -19.28 -14.54
CA ILE H 69 44.30 -18.26 -15.44
C ILE H 69 42.93 -18.70 -15.93
N THR H 70 41.99 -17.76 -15.98
CA THR H 70 40.67 -18.01 -16.55
C THR H 70 40.40 -17.01 -17.66
N GLU H 71 39.53 -17.41 -18.60
CA GLU H 71 39.15 -16.60 -19.76
C GLU H 71 40.37 -16.13 -20.55
N GLY H 72 41.41 -16.95 -20.61
CA GLY H 72 42.55 -16.64 -21.44
C GLY H 72 43.53 -15.65 -20.84
N SER H 73 43.02 -14.56 -20.27
CA SER H 73 43.91 -13.51 -19.77
C SER H 73 43.55 -12.98 -18.39
N SER H 74 42.48 -13.45 -17.76
CA SER H 74 42.08 -12.97 -16.44
C SER H 74 42.78 -13.80 -15.36
N LEU H 75 43.44 -13.12 -14.43
CA LEU H 75 44.19 -13.81 -13.39
C LEU H 75 43.27 -14.16 -12.23
N LYS H 76 43.43 -15.38 -11.70
CA LYS H 76 42.64 -15.81 -10.55
C LYS H 76 43.12 -15.11 -9.29
N SER H 77 42.22 -14.97 -8.32
CA SER H 77 42.57 -14.31 -7.07
C SER H 77 43.54 -15.15 -6.27
N GLY H 78 44.55 -14.50 -5.69
CA GLY H 78 45.56 -15.17 -4.92
C GLY H 78 46.75 -15.69 -5.70
N VAL H 79 46.69 -15.61 -7.02
CA VAL H 79 47.81 -16.07 -7.87
C VAL H 79 48.82 -14.93 -8.00
N PRO H 80 50.12 -15.20 -7.87
CA PRO H 80 51.12 -14.15 -8.05
C PRO H 80 51.05 -13.56 -9.45
N ASP H 81 51.37 -12.26 -9.53
CA ASP H 81 51.24 -11.50 -10.77
C ASP H 81 52.27 -11.90 -11.83
N ARG H 82 53.27 -12.71 -11.48
CA ARG H 82 54.28 -13.08 -12.46
C ARG H 82 53.74 -13.99 -13.55
N PHE H 83 52.56 -14.58 -13.36
CA PHE H 83 51.91 -15.38 -14.38
C PHE H 83 50.98 -14.49 -15.21
N ARG H 84 51.10 -14.58 -16.53
CA ARG H 84 50.25 -13.79 -17.41
C ARG H 84 49.73 -14.65 -18.55
N GLY H 85 48.50 -14.41 -18.97
CA GLY H 85 47.90 -15.12 -20.08
C GLY H 85 47.54 -14.17 -21.20
N SER H 86 47.62 -14.67 -22.43
CA SER H 86 47.30 -13.85 -23.60
C SER H 86 46.85 -14.76 -24.73
N GLY H 87 46.27 -14.15 -25.76
CA GLY H 87 45.91 -14.86 -26.96
C GLY H 87 44.41 -14.99 -27.14
N SER H 88 44.04 -15.59 -28.26
CA SER H 88 42.64 -15.73 -28.65
C SER H 88 42.59 -16.65 -29.87
N GLY H 89 41.39 -16.79 -30.42
CA GLY H 89 41.21 -17.57 -31.63
C GLY H 89 41.63 -19.02 -31.42
N THR H 90 42.77 -19.38 -31.99
CA THR H 90 43.32 -20.72 -31.83
C THR H 90 44.70 -20.74 -31.18
N HIS H 91 45.23 -19.60 -30.75
CA HIS H 91 46.57 -19.55 -30.18
C HIS H 91 46.51 -18.82 -28.84
N PHE H 92 47.08 -19.44 -27.80
CA PHE H 92 47.14 -18.86 -26.47
C PHE H 92 48.53 -19.04 -25.89
N ILE H 93 48.92 -18.10 -25.03
CA ILE H 93 50.27 -18.01 -24.51
C ILE H 93 50.21 -17.81 -22.99
N LEU H 94 51.01 -18.59 -22.27
CA LEU H 94 51.18 -18.42 -20.82
C LEU H 94 52.63 -18.04 -20.57
N THR H 95 52.84 -16.93 -19.87
CA THR H 95 54.16 -16.37 -19.64
C THR H 95 54.45 -16.28 -18.15
N ILE H 96 55.60 -16.80 -17.73
CA ILE H 96 56.06 -16.71 -16.36
C ILE H 96 57.31 -15.83 -16.36
N SER H 97 57.17 -14.57 -15.93
CA SER H 97 58.24 -13.60 -16.03
C SER H 97 59.35 -13.79 -15.00
N ASP H 98 59.01 -14.07 -13.73
CA ASP H 98 60.00 -14.16 -12.65
C ASP H 98 59.97 -15.58 -12.09
N LEU H 99 60.78 -16.45 -12.69
CA LEU H 99 60.78 -17.86 -12.31
C LEU H 99 61.29 -18.04 -10.88
N GLN H 100 60.65 -18.95 -10.16
CA GLN H 100 60.93 -19.23 -8.76
C GLN H 100 61.09 -20.73 -8.55
N PRO H 101 61.82 -21.15 -7.52
CA PRO H 101 61.95 -22.60 -7.27
C PRO H 101 60.62 -23.29 -7.00
N ASP H 102 59.63 -22.56 -6.50
CA ASP H 102 58.30 -23.12 -6.25
C ASP H 102 57.52 -23.40 -7.52
N ASP H 103 58.01 -22.98 -8.68
CA ASP H 103 57.27 -23.07 -9.94
C ASP H 103 57.49 -24.37 -10.68
N SER H 104 58.34 -25.27 -10.18
CA SER H 104 58.56 -26.54 -10.85
C SER H 104 57.30 -27.39 -10.79
N ALA H 105 56.60 -27.54 -11.93
CA ALA H 105 55.28 -28.17 -11.91
C ALA H 105 54.86 -28.42 -13.35
N THR H 106 53.68 -29.02 -13.51
CA THR H 106 53.12 -29.31 -14.82
C THR H 106 51.97 -28.36 -15.11
N TYR H 107 52.04 -27.67 -16.24
CA TYR H 107 51.05 -26.67 -16.62
C TYR H 107 50.16 -27.23 -17.72
N PHE H 108 48.85 -27.06 -17.57
CA PHE H 108 47.86 -27.54 -18.52
C PHE H 108 47.00 -26.40 -19.02
N CYS H 109 46.61 -26.46 -20.29
CA CYS H 109 45.60 -25.59 -20.85
C CYS H 109 44.34 -26.40 -21.13
N GLN H 110 43.20 -25.84 -20.76
CA GLN H 110 41.92 -26.53 -20.87
C GLN H 110 40.91 -25.62 -21.57
N GLN H 111 40.16 -26.17 -22.50
CA GLN H 111 39.09 -25.43 -23.16
C GLN H 111 37.75 -25.80 -22.55
N TYR H 112 36.92 -24.79 -22.29
CA TYR H 112 35.60 -25.01 -21.73
C TYR H 112 34.52 -24.32 -22.57
N ASN H 113 34.85 -23.98 -23.82
CA ASN H 113 33.87 -23.33 -24.68
C ASN H 113 32.83 -24.31 -25.21
N THR H 114 33.25 -25.53 -25.55
CA THR H 114 32.36 -26.52 -26.13
C THR H 114 32.56 -27.86 -25.44
N PHE H 115 31.45 -28.58 -25.25
CA PHE H 115 31.51 -29.93 -24.72
C PHE H 115 31.92 -30.92 -25.80
N PRO H 116 32.70 -31.95 -25.45
CA PRO H 116 33.29 -32.22 -24.14
C PRO H 116 34.54 -31.38 -23.88
N TRP H 117 34.81 -31.05 -22.63
CA TRP H 117 36.00 -30.27 -22.31
C TRP H 117 37.25 -31.12 -22.46
N THR H 118 38.32 -30.50 -22.95
CA THR H 118 39.56 -31.21 -23.23
C THR H 118 40.74 -30.47 -22.62
N PHE H 119 41.77 -31.23 -22.25
CA PHE H 119 42.98 -30.70 -21.66
C PHE H 119 44.15 -30.86 -22.63
N GLY H 120 45.21 -30.10 -22.38
CA GLY H 120 46.46 -30.34 -23.08
C GLY H 120 47.23 -31.48 -22.45
N ARG H 121 48.28 -31.91 -23.16
CA ARG H 121 49.12 -32.99 -22.64
C ARG H 121 50.04 -32.53 -21.51
N GLY H 122 50.13 -31.23 -21.26
CA GLY H 122 50.89 -30.73 -20.14
C GLY H 122 52.31 -30.36 -20.52
N THR H 123 52.85 -29.36 -19.82
CA THR H 123 54.22 -28.91 -20.00
C THR H 123 54.91 -28.96 -18.64
N LYS H 124 56.01 -29.70 -18.56
CA LYS H 124 56.74 -29.84 -17.31
C LYS H 124 57.81 -28.75 -17.22
N VAL H 125 57.76 -27.96 -16.16
CA VAL H 125 58.70 -26.87 -15.93
C VAL H 125 59.57 -27.25 -14.74
N GLU H 126 60.88 -27.29 -14.96
CA GLU H 126 61.88 -27.66 -13.98
C GLU H 126 62.82 -26.49 -13.74
N ILE H 127 63.25 -26.34 -12.49
CA ILE H 127 64.14 -25.25 -12.09
C ILE H 127 65.58 -25.72 -12.27
N LYS H 128 66.37 -24.98 -13.04
CA LYS H 128 67.77 -25.34 -13.21
C LYS H 128 68.62 -24.51 -12.26
N ARG H 129 69.48 -25.20 -11.51
CA ARG H 129 70.28 -24.55 -10.47
C ARG H 129 71.73 -24.99 -10.65
N THR H 130 72.59 -24.48 -9.76
CA THR H 130 74.00 -24.86 -9.79
C THR H 130 74.17 -26.32 -9.40
N VAL H 131 75.28 -26.91 -9.85
CA VAL H 131 75.55 -28.32 -9.56
C VAL H 131 75.80 -28.49 -8.07
N ALA H 132 75.11 -29.45 -7.47
CA ALA H 132 75.22 -29.73 -6.05
C ALA H 132 75.53 -31.20 -5.86
N ALA H 133 76.56 -31.50 -5.07
CA ALA H 133 76.92 -32.88 -4.79
C ALA H 133 75.93 -33.51 -3.82
N PRO H 134 75.63 -34.79 -3.98
CA PRO H 134 74.67 -35.45 -3.08
C PRO H 134 75.30 -35.80 -1.74
N SER H 135 74.49 -35.70 -0.69
CA SER H 135 74.87 -36.24 0.61
C SER H 135 74.45 -37.71 0.67
N VAL H 136 75.42 -38.60 0.82
CA VAL H 136 75.19 -40.03 0.69
C VAL H 136 75.13 -40.66 2.07
N PHE H 137 74.07 -41.44 2.33
CA PHE H 137 73.90 -42.14 3.58
C PHE H 137 73.47 -43.58 3.30
N ILE H 138 73.72 -44.45 4.27
CA ILE H 138 73.39 -45.86 4.15
C ILE H 138 72.68 -46.32 5.42
N PHE H 139 71.64 -47.12 5.25
CA PHE H 139 70.85 -47.65 6.36
C PHE H 139 70.80 -49.16 6.30
N PRO H 140 71.39 -49.87 7.26
CA PRO H 140 71.29 -51.33 7.28
C PRO H 140 69.88 -51.77 7.63
N PRO H 141 69.49 -52.98 7.24
CA PRO H 141 68.15 -53.47 7.61
C PRO H 141 68.00 -53.61 9.12
N SER H 142 66.79 -53.32 9.60
CA SER H 142 66.51 -53.38 11.02
C SER H 142 66.34 -54.83 11.48
N ASP H 143 66.50 -55.03 12.79
CA ASP H 143 66.31 -56.37 13.37
C ASP H 143 64.86 -56.83 13.22
N GLU H 144 63.92 -55.89 13.30
CA GLU H 144 62.51 -56.25 13.12
C GLU H 144 62.27 -56.83 11.74
N GLN H 145 62.85 -56.23 10.71
CA GLN H 145 62.73 -56.77 9.36
C GLN H 145 63.48 -58.08 9.22
N LEU H 146 64.64 -58.19 9.88
CA LEU H 146 65.39 -59.44 9.85
C LEU H 146 64.59 -60.59 10.46
N LYS H 147 63.74 -60.29 11.44
CA LYS H 147 62.88 -61.31 12.03
C LYS H 147 61.87 -61.85 11.03
N SER H 148 61.58 -61.12 9.95
CA SER H 148 60.62 -61.54 8.94
C SER H 148 61.25 -62.39 7.84
N GLY H 149 62.57 -62.53 7.83
CA GLY H 149 63.25 -63.33 6.83
C GLY H 149 63.75 -62.57 5.62
N THR H 150 63.59 -61.25 5.59
CA THR H 150 64.05 -60.43 4.48
C THR H 150 64.85 -59.26 5.02
N ALA H 151 65.86 -58.85 4.27
CA ALA H 151 66.71 -57.72 4.64
C ALA H 151 66.73 -56.72 3.49
N SER H 152 66.24 -55.51 3.76
CA SER H 152 66.29 -54.41 2.80
C SER H 152 67.26 -53.36 3.32
N VAL H 153 68.29 -53.07 2.53
CA VAL H 153 69.30 -52.08 2.87
C VAL H 153 69.09 -50.85 1.99
N VAL H 154 69.22 -49.67 2.58
CA VAL H 154 68.77 -48.43 1.97
C VAL H 154 69.96 -47.54 1.67
N CYS H 155 69.97 -46.93 0.48
CA CYS H 155 70.98 -45.98 0.06
C CYS H 155 70.27 -44.66 -0.24
N LEU H 156 70.78 -43.56 0.33
CA LEU H 156 70.11 -42.27 0.23
C LEU H 156 71.07 -41.25 -0.36
N LEU H 157 70.61 -40.53 -1.39
CA LEU H 157 71.32 -39.41 -1.97
C LEU H 157 70.45 -38.16 -1.75
N ASN H 158 70.95 -37.21 -0.97
CA ASN H 158 70.18 -36.05 -0.55
C ASN H 158 70.68 -34.79 -1.23
N ASN H 159 69.74 -34.05 -1.83
CA ASN H 159 69.95 -32.67 -2.28
C ASN H 159 71.10 -32.57 -3.29
N PHE H 160 70.87 -33.19 -4.45
CA PHE H 160 71.81 -33.12 -5.55
C PHE H 160 71.11 -32.61 -6.80
N TYR H 161 71.90 -31.98 -7.67
CA TYR H 161 71.46 -31.51 -8.97
C TYR H 161 72.64 -31.60 -9.91
N PRO H 162 72.46 -32.08 -11.15
CA PRO H 162 71.19 -32.46 -11.80
C PRO H 162 70.63 -33.80 -11.34
N ARG H 163 69.48 -34.19 -11.92
CA ARG H 163 68.79 -35.41 -11.50
C ARG H 163 69.61 -36.65 -11.81
N GLU H 164 70.46 -36.61 -12.83
CA GLU H 164 71.20 -37.80 -13.25
C GLU H 164 72.24 -38.17 -12.21
N ALA H 165 72.22 -39.43 -11.79
CA ALA H 165 73.19 -39.97 -10.84
C ALA H 165 73.25 -41.47 -11.04
N LYS H 166 74.34 -42.08 -10.55
CA LYS H 166 74.57 -43.51 -10.70
C LYS H 166 74.85 -44.08 -9.31
N VAL H 167 74.15 -45.15 -8.96
CA VAL H 167 74.33 -45.85 -7.69
C VAL H 167 74.62 -47.32 -7.99
N GLN H 168 75.69 -47.83 -7.40
CA GLN H 168 76.07 -49.24 -7.55
C GLN H 168 76.15 -49.89 -6.18
N TRP H 169 75.64 -51.11 -6.08
CA TRP H 169 75.67 -51.89 -4.86
C TRP H 169 76.81 -52.90 -4.92
N LYS H 170 77.53 -53.04 -3.80
CA LYS H 170 78.61 -54.01 -3.72
C LYS H 170 78.50 -54.79 -2.42
N VAL H 171 78.52 -56.12 -2.51
CA VAL H 171 78.56 -56.99 -1.35
C VAL H 171 79.81 -57.86 -1.48
N ASP H 172 80.61 -57.90 -0.41
CA ASP H 172 81.89 -58.60 -0.39
C ASP H 172 82.73 -58.22 -1.60
N ASN H 173 82.70 -56.92 -1.94
CA ASN H 173 83.37 -56.33 -3.09
C ASN H 173 82.89 -56.90 -4.42
N ALA H 174 81.68 -57.47 -4.46
CA ALA H 174 81.10 -58.00 -5.69
C ALA H 174 79.91 -57.14 -6.10
N LEU H 175 79.89 -56.74 -7.37
CA LEU H 175 78.82 -55.87 -7.86
C LEU H 175 77.50 -56.62 -7.88
N GLN H 176 76.42 -55.92 -7.50
CA GLN H 176 75.09 -56.50 -7.48
C GLN H 176 74.25 -55.96 -8.63
N SER H 177 73.36 -56.81 -9.14
CA SER H 177 72.49 -56.43 -10.25
C SER H 177 71.20 -57.24 -10.18
N GLY H 178 70.09 -56.59 -10.51
CA GLY H 178 68.80 -57.24 -10.55
C GLY H 178 68.10 -57.40 -9.22
N ASN H 179 68.69 -56.92 -8.13
CA ASN H 179 68.09 -57.03 -6.81
C ASN H 179 67.98 -55.68 -6.10
N SER H 180 68.00 -54.58 -6.86
CA SER H 180 67.89 -53.25 -6.29
C SER H 180 66.87 -52.44 -7.08
N GLN H 181 66.16 -51.56 -6.37
CA GLN H 181 65.16 -50.70 -6.97
C GLN H 181 65.39 -49.26 -6.53
N GLU H 182 65.26 -48.33 -7.48
CA GLU H 182 65.53 -46.93 -7.22
C GLU H 182 64.26 -46.10 -7.34
N SER H 183 64.19 -45.05 -6.55
CA SER H 183 63.07 -44.11 -6.57
C SER H 183 63.60 -42.70 -6.36
N VAL H 184 63.23 -41.78 -7.24
CA VAL H 184 63.71 -40.41 -7.22
C VAL H 184 62.54 -39.49 -6.89
N THR H 185 62.73 -38.63 -5.89
CA THR H 185 61.74 -37.62 -5.60
C THR H 185 61.76 -36.54 -6.67
N GLU H 186 60.63 -35.86 -6.82
CA GLU H 186 60.55 -34.75 -7.75
C GLU H 186 61.34 -33.57 -7.21
N GLN H 187 61.55 -32.57 -8.08
CA GLN H 187 62.36 -31.42 -7.72
C GLN H 187 61.76 -30.71 -6.52
N ASP H 188 62.62 -30.37 -5.55
CA ASP H 188 62.16 -29.71 -4.34
C ASP H 188 61.70 -28.29 -4.65
N SER H 189 60.68 -27.84 -3.92
CA SER H 189 60.09 -26.53 -4.16
C SER H 189 60.85 -25.38 -3.50
N LYS H 190 61.85 -25.67 -2.68
CA LYS H 190 62.60 -24.65 -1.97
C LYS H 190 64.01 -24.45 -2.49
N ASP H 191 64.77 -25.52 -2.69
CA ASP H 191 66.13 -25.42 -3.19
C ASP H 191 66.34 -26.06 -4.55
N SER H 192 65.27 -26.54 -5.20
CA SER H 192 65.31 -27.14 -6.53
C SER H 192 66.31 -28.28 -6.63
N THR H 193 66.37 -29.15 -5.63
CA THR H 193 67.28 -30.29 -5.64
C THR H 193 66.51 -31.59 -5.72
N TYR H 194 67.23 -32.68 -6.00
CA TYR H 194 66.67 -34.01 -6.10
C TYR H 194 67.25 -34.93 -5.03
N SER H 195 66.52 -35.99 -4.74
CA SER H 195 66.95 -37.02 -3.80
C SER H 195 66.60 -38.39 -4.37
N LEU H 196 67.43 -39.38 -4.04
CA LEU H 196 67.29 -40.73 -4.58
C LEU H 196 67.37 -41.74 -3.45
N SER H 197 66.52 -42.77 -3.51
CA SER H 197 66.56 -43.88 -2.58
C SER H 197 66.70 -45.17 -3.37
N SER H 198 67.75 -45.93 -3.06
CA SER H 198 68.00 -47.22 -3.69
C SER H 198 67.90 -48.30 -2.63
N THR H 199 66.94 -49.21 -2.80
CA THR H 199 66.71 -50.29 -1.85
C THR H 199 67.23 -51.59 -2.45
N LEU H 200 68.16 -52.23 -1.74
CA LEU H 200 68.67 -53.54 -2.12
C LEU H 200 68.03 -54.58 -1.20
N THR H 201 67.29 -55.51 -1.80
CA THR H 201 66.51 -56.50 -1.06
C THR H 201 67.15 -57.87 -1.21
N LEU H 202 67.36 -58.55 -0.09
CA LEU H 202 67.94 -59.88 -0.08
C LEU H 202 67.21 -60.74 0.95
N SER H 203 67.40 -62.06 0.84
CA SER H 203 66.90 -62.97 1.85
C SER H 203 67.73 -62.86 3.11
N LYS H 204 67.17 -63.32 4.23
CA LYS H 204 67.88 -63.25 5.51
C LYS H 204 69.16 -64.07 5.47
N ALA H 205 69.09 -65.28 4.91
CA ALA H 205 70.30 -66.10 4.79
C ALA H 205 71.35 -65.44 3.90
N ASP H 206 70.92 -64.89 2.76
CA ASP H 206 71.85 -64.20 1.87
C ASP H 206 72.46 -62.99 2.55
N TYR H 207 71.66 -62.26 3.32
CA TYR H 207 72.18 -61.12 4.08
C TYR H 207 73.21 -61.57 5.10
N GLU H 208 72.96 -62.68 5.78
CA GLU H 208 73.87 -63.19 6.80
C GLU H 208 75.11 -63.85 6.22
N LYS H 209 75.09 -64.22 4.93
CA LYS H 209 76.23 -64.89 4.32
C LYS H 209 77.39 -63.96 4.00
N HIS H 210 77.18 -62.64 4.01
CA HIS H 210 78.19 -61.68 3.60
C HIS H 210 78.50 -60.71 4.74
N LYS H 211 79.57 -59.93 4.54
CA LYS H 211 80.14 -59.09 5.58
C LYS H 211 79.96 -57.60 5.31
N VAL H 212 80.43 -57.11 4.17
CA VAL H 212 80.51 -55.68 3.88
C VAL H 212 79.46 -55.34 2.84
N TYR H 213 78.72 -54.26 3.07
CA TYR H 213 77.70 -53.77 2.15
C TYR H 213 78.03 -52.32 1.83
N ALA H 214 78.19 -52.00 0.54
CA ALA H 214 78.71 -50.72 0.11
C ALA H 214 77.89 -50.12 -1.03
N CYS H 215 77.78 -48.79 -1.00
CA CYS H 215 77.21 -47.99 -2.08
C CYS H 215 78.34 -47.21 -2.73
N GLU H 216 78.36 -47.22 -4.06
CA GLU H 216 79.22 -46.33 -4.84
C GLU H 216 78.35 -45.37 -5.62
N VAL H 217 78.58 -44.07 -5.44
CA VAL H 217 77.74 -43.02 -5.99
C VAL H 217 78.58 -42.16 -6.93
N THR H 218 78.09 -41.98 -8.15
CA THR H 218 78.70 -41.08 -9.13
C THR H 218 77.70 -40.00 -9.52
N HIS H 219 78.16 -38.75 -9.47
CA HIS H 219 77.31 -37.62 -9.78
C HIS H 219 78.17 -36.52 -10.38
N GLN H 220 77.52 -35.59 -11.11
CA GLN H 220 78.25 -34.51 -11.74
C GLN H 220 78.95 -33.62 -10.73
N GLY H 221 78.34 -33.45 -9.55
CA GLY H 221 78.94 -32.64 -8.50
C GLY H 221 80.03 -33.31 -7.71
N LEU H 222 80.33 -34.57 -7.97
CA LEU H 222 81.37 -35.31 -7.27
C LEU H 222 82.57 -35.48 -8.19
N SER H 223 83.75 -35.08 -7.70
CA SER H 223 84.97 -35.28 -8.48
C SER H 223 85.28 -36.76 -8.66
N SER H 224 85.08 -37.56 -7.62
CA SER H 224 85.29 -38.99 -7.66
C SER H 224 84.08 -39.68 -7.04
N PRO H 225 83.80 -40.93 -7.44
CA PRO H 225 82.68 -41.65 -6.82
C PRO H 225 82.89 -41.80 -5.32
N VAL H 226 81.81 -41.67 -4.56
CA VAL H 226 81.84 -41.72 -3.11
C VAL H 226 81.25 -43.05 -2.66
N THR H 227 81.97 -43.74 -1.76
CA THR H 227 81.56 -45.05 -1.29
C THR H 227 81.19 -44.97 0.19
N LYS H 228 79.98 -45.43 0.52
CA LYS H 228 79.53 -45.56 1.89
C LYS H 228 79.24 -47.03 2.19
N SER H 229 79.93 -47.57 3.19
CA SER H 229 79.87 -49.00 3.45
C SER H 229 79.69 -49.25 4.94
N PHE H 230 79.13 -50.41 5.25
CA PHE H 230 78.99 -50.85 6.63
C PHE H 230 79.23 -52.35 6.71
N ASN H 231 79.54 -52.81 7.92
CA ASN H 231 79.78 -54.23 8.19
C ASN H 231 78.60 -54.78 8.98
N ARG H 232 78.14 -55.97 8.59
CA ARG H 232 77.01 -56.59 9.28
C ARG H 232 77.37 -56.94 10.71
N GLY H 233 76.52 -56.51 11.65
CA GLY H 233 76.77 -56.70 13.05
C GLY H 233 77.61 -55.63 13.71
N GLU H 234 78.21 -54.73 12.92
CA GLU H 234 79.03 -53.66 13.45
C GLU H 234 78.24 -52.36 13.51
N CYS H 235 78.61 -51.50 14.44
CA CYS H 235 77.96 -50.21 14.60
C CYS H 235 78.65 -49.14 13.77
#